data_5NIO
# 
_entry.id   5NIO 
# 
_audit_conform.dict_name       mmcif_pdbx.dic 
_audit_conform.dict_version    5.391 
_audit_conform.dict_location   http://mmcif.pdb.org/dictionaries/ascii/mmcif_pdbx.dic 
# 
loop_
_database_2.database_id 
_database_2.database_code 
_database_2.pdbx_database_accession 
_database_2.pdbx_DOI 
PDB   5NIO         pdb_00005nio 10.2210/pdb5nio/pdb 
WWPDB D_1200004197 ?            ?                   
# 
loop_
_pdbx_audit_revision_history.ordinal 
_pdbx_audit_revision_history.data_content_type 
_pdbx_audit_revision_history.major_revision 
_pdbx_audit_revision_history.minor_revision 
_pdbx_audit_revision_history.revision_date 
1 'Structure model' 1 0 2017-11-15 
2 'Structure model' 1 1 2017-12-06 
3 'Structure model' 1 2 2017-12-27 
4 'Structure model' 1 3 2024-05-08 
# 
_pdbx_audit_revision_details.ordinal             1 
_pdbx_audit_revision_details.revision_ordinal    1 
_pdbx_audit_revision_details.data_content_type   'Structure model' 
_pdbx_audit_revision_details.provider            repository 
_pdbx_audit_revision_details.type                'Initial release' 
_pdbx_audit_revision_details.description         ? 
_pdbx_audit_revision_details.details             ? 
# 
loop_
_pdbx_audit_revision_group.ordinal 
_pdbx_audit_revision_group.revision_ordinal 
_pdbx_audit_revision_group.data_content_type 
_pdbx_audit_revision_group.group 
1 2 'Structure model' 'Database references' 
2 3 'Structure model' 'Database references' 
3 4 'Structure model' 'Data collection'     
4 4 'Structure model' 'Database references' 
# 
loop_
_pdbx_audit_revision_category.ordinal 
_pdbx_audit_revision_category.revision_ordinal 
_pdbx_audit_revision_category.data_content_type 
_pdbx_audit_revision_category.category 
1 2 'Structure model' citation       
2 3 'Structure model' citation       
3 4 'Structure model' chem_comp_atom 
4 4 'Structure model' chem_comp_bond 
5 4 'Structure model' database_2     
# 
loop_
_pdbx_audit_revision_item.ordinal 
_pdbx_audit_revision_item.revision_ordinal 
_pdbx_audit_revision_item.data_content_type 
_pdbx_audit_revision_item.item 
1 2 'Structure model' '_citation.journal_abbrev'            
2 2 'Structure model' '_citation.pdbx_database_id_DOI'      
3 2 'Structure model' '_citation.pdbx_database_id_PubMed'   
4 2 'Structure model' '_citation.title'                     
5 3 'Structure model' '_citation.journal_volume'            
6 3 'Structure model' '_citation.page_first'                
7 3 'Structure model' '_citation.page_last'                 
8 4 'Structure model' '_database_2.pdbx_DOI'                
9 4 'Structure model' '_database_2.pdbx_database_accession' 
# 
_pdbx_database_status.status_code                     REL 
_pdbx_database_status.status_code_sf                  REL 
_pdbx_database_status.status_code_mr                  ? 
_pdbx_database_status.entry_id                        5NIO 
_pdbx_database_status.recvd_initial_deposition_date   2017-03-24 
_pdbx_database_status.SG_entry                        N 
_pdbx_database_status.deposit_site                    PDBE 
_pdbx_database_status.process_site                    PDBE 
_pdbx_database_status.status_code_cs                  ? 
_pdbx_database_status.methods_development_category    ? 
_pdbx_database_status.pdb_format_compatible           Y 
_pdbx_database_status.status_code_nmr_data            ? 
# 
loop_
_audit_author.name 
_audit_author.pdbx_ordinal 
_audit_author.identifier_ORCID 
'Pohl, E.'      1 0000-0002-9949-4471 
'Tatum, N.J.'   2 ?                   
'Cole, J.C.'    3 0000-0002-0291-6317 
'Baulard, A.R.' 4 ?                   
# 
_citation.abstract                  ? 
_citation.abstract_id_CAS           ? 
_citation.book_id_ISBN              ? 
_citation.book_publisher            ? 
_citation.book_publisher_city       ? 
_citation.book_title                ? 
_citation.coordinate_linkage        ? 
_citation.country                   UK 
_citation.database_id_Medline       ? 
_citation.details                   ? 
_citation.id                        primary 
_citation.journal_abbrev            'Org. Biomol. Chem.' 
_citation.journal_id_ASTM           ? 
_citation.journal_id_CSD            ? 
_citation.journal_id_ISSN           1477-0539 
_citation.journal_full              ? 
_citation.journal_issue             ? 
_citation.journal_volume            15 
_citation.language                  ? 
_citation.page_first                10245 
_citation.page_last                 10255 
_citation.title                     'New active leads for tuberculosis booster drugs by structure-based drug discovery.' 
_citation.year                      2017 
_citation.database_id_CSD           ? 
_citation.pdbx_database_id_DOI      10.1039/c7ob00910k 
_citation.pdbx_database_id_PubMed   29182187 
_citation.unpublished_flag          ? 
# 
loop_
_citation_author.citation_id 
_citation_author.name 
_citation_author.ordinal 
_citation_author.identifier_ORCID 
primary 'Tatum, N.J.'        1 ? 
primary 'Liebeschuetz, J.W.' 2 ? 
primary 'Cole, J.C.'         3 ? 
primary 'Frita, R.'          4 ? 
primary 'Herledan, A.'       5 ? 
primary 'Baulard, A.R.'      6 ? 
primary 'Willand, N.'        7 ? 
primary 'Pohl, E.'           8 ? 
# 
loop_
_entity.id 
_entity.type 
_entity.src_method 
_entity.pdbx_description 
_entity.formula_weight 
_entity.pdbx_number_of_molecules 
_entity.pdbx_ec 
_entity.pdbx_mutation 
_entity.pdbx_fragment 
_entity.details 
1 polymer     man 'HTH-type transcriptional regulator EthR'      23781.705 1   ? ? ? ? 
2 non-polymer syn '~{N}-butyl-4-methyl-piperidine-1-carboxamide' 198.305   1   ? ? ? ? 
3 non-polymer syn 'SULFATE ION'                                  96.063    1   ? ? ? ? 
4 water       nat water                                          18.015    120 ? ? ? ? 
# 
_entity_poly.entity_id                      1 
_entity_poly.type                           'polypeptide(L)' 
_entity_poly.nstd_linkage                   no 
_entity_poly.nstd_monomer                   no 
_entity_poly.pdbx_seq_one_letter_code       
;MTTSAASQASLPRGRRTARPSGDDRELAILATAENLLEDRPLADISVDDLAKGAGISRPTFYFYFPSKEAVLLTLLDRVV
NQADMALQTLAENPADTDRENMWRTGINVFFETFGSHKAVTRAGQAARATSVEVAELWSTFMQKWIAYTAAVIDAERDRG
AAPRTLPAHELATALNLMNERTLFASFAGEQPSVPEARVLDTLVHIWVTSIYGENR
;
_entity_poly.pdbx_seq_one_letter_code_can   
;MTTSAASQASLPRGRRTARPSGDDRELAILATAENLLEDRPLADISVDDLAKGAGISRPTFYFYFPSKEAVLLTLLDRVV
NQADMALQTLAENPADTDRENMWRTGINVFFETFGSHKAVTRAGQAARATSVEVAELWSTFMQKWIAYTAAVIDAERDRG
AAPRTLPAHELATALNLMNERTLFASFAGEQPSVPEARVLDTLVHIWVTSIYGENR
;
_entity_poly.pdbx_strand_id                 A 
_entity_poly.pdbx_target_identifier         ? 
# 
loop_
_pdbx_entity_nonpoly.entity_id 
_pdbx_entity_nonpoly.name 
_pdbx_entity_nonpoly.comp_id 
2 '~{N}-butyl-4-methyl-piperidine-1-carboxamide' 8YH 
3 'SULFATE ION'                                  SO4 
4 water                                          HOH 
# 
loop_
_entity_poly_seq.entity_id 
_entity_poly_seq.num 
_entity_poly_seq.mon_id 
_entity_poly_seq.hetero 
1 1   MET n 
1 2   THR n 
1 3   THR n 
1 4   SER n 
1 5   ALA n 
1 6   ALA n 
1 7   SER n 
1 8   GLN n 
1 9   ALA n 
1 10  SER n 
1 11  LEU n 
1 12  PRO n 
1 13  ARG n 
1 14  GLY n 
1 15  ARG n 
1 16  ARG n 
1 17  THR n 
1 18  ALA n 
1 19  ARG n 
1 20  PRO n 
1 21  SER n 
1 22  GLY n 
1 23  ASP n 
1 24  ASP n 
1 25  ARG n 
1 26  GLU n 
1 27  LEU n 
1 28  ALA n 
1 29  ILE n 
1 30  LEU n 
1 31  ALA n 
1 32  THR n 
1 33  ALA n 
1 34  GLU n 
1 35  ASN n 
1 36  LEU n 
1 37  LEU n 
1 38  GLU n 
1 39  ASP n 
1 40  ARG n 
1 41  PRO n 
1 42  LEU n 
1 43  ALA n 
1 44  ASP n 
1 45  ILE n 
1 46  SER n 
1 47  VAL n 
1 48  ASP n 
1 49  ASP n 
1 50  LEU n 
1 51  ALA n 
1 52  LYS n 
1 53  GLY n 
1 54  ALA n 
1 55  GLY n 
1 56  ILE n 
1 57  SER n 
1 58  ARG n 
1 59  PRO n 
1 60  THR n 
1 61  PHE n 
1 62  TYR n 
1 63  PHE n 
1 64  TYR n 
1 65  PHE n 
1 66  PRO n 
1 67  SER n 
1 68  LYS n 
1 69  GLU n 
1 70  ALA n 
1 71  VAL n 
1 72  LEU n 
1 73  LEU n 
1 74  THR n 
1 75  LEU n 
1 76  LEU n 
1 77  ASP n 
1 78  ARG n 
1 79  VAL n 
1 80  VAL n 
1 81  ASN n 
1 82  GLN n 
1 83  ALA n 
1 84  ASP n 
1 85  MET n 
1 86  ALA n 
1 87  LEU n 
1 88  GLN n 
1 89  THR n 
1 90  LEU n 
1 91  ALA n 
1 92  GLU n 
1 93  ASN n 
1 94  PRO n 
1 95  ALA n 
1 96  ASP n 
1 97  THR n 
1 98  ASP n 
1 99  ARG n 
1 100 GLU n 
1 101 ASN n 
1 102 MET n 
1 103 TRP n 
1 104 ARG n 
1 105 THR n 
1 106 GLY n 
1 107 ILE n 
1 108 ASN n 
1 109 VAL n 
1 110 PHE n 
1 111 PHE n 
1 112 GLU n 
1 113 THR n 
1 114 PHE n 
1 115 GLY n 
1 116 SER n 
1 117 HIS n 
1 118 LYS n 
1 119 ALA n 
1 120 VAL n 
1 121 THR n 
1 122 ARG n 
1 123 ALA n 
1 124 GLY n 
1 125 GLN n 
1 126 ALA n 
1 127 ALA n 
1 128 ARG n 
1 129 ALA n 
1 130 THR n 
1 131 SER n 
1 132 VAL n 
1 133 GLU n 
1 134 VAL n 
1 135 ALA n 
1 136 GLU n 
1 137 LEU n 
1 138 TRP n 
1 139 SER n 
1 140 THR n 
1 141 PHE n 
1 142 MET n 
1 143 GLN n 
1 144 LYS n 
1 145 TRP n 
1 146 ILE n 
1 147 ALA n 
1 148 TYR n 
1 149 THR n 
1 150 ALA n 
1 151 ALA n 
1 152 VAL n 
1 153 ILE n 
1 154 ASP n 
1 155 ALA n 
1 156 GLU n 
1 157 ARG n 
1 158 ASP n 
1 159 ARG n 
1 160 GLY n 
1 161 ALA n 
1 162 ALA n 
1 163 PRO n 
1 164 ARG n 
1 165 THR n 
1 166 LEU n 
1 167 PRO n 
1 168 ALA n 
1 169 HIS n 
1 170 GLU n 
1 171 LEU n 
1 172 ALA n 
1 173 THR n 
1 174 ALA n 
1 175 LEU n 
1 176 ASN n 
1 177 LEU n 
1 178 MET n 
1 179 ASN n 
1 180 GLU n 
1 181 ARG n 
1 182 THR n 
1 183 LEU n 
1 184 PHE n 
1 185 ALA n 
1 186 SER n 
1 187 PHE n 
1 188 ALA n 
1 189 GLY n 
1 190 GLU n 
1 191 GLN n 
1 192 PRO n 
1 193 SER n 
1 194 VAL n 
1 195 PRO n 
1 196 GLU n 
1 197 ALA n 
1 198 ARG n 
1 199 VAL n 
1 200 LEU n 
1 201 ASP n 
1 202 THR n 
1 203 LEU n 
1 204 VAL n 
1 205 HIS n 
1 206 ILE n 
1 207 TRP n 
1 208 VAL n 
1 209 THR n 
1 210 SER n 
1 211 ILE n 
1 212 TYR n 
1 213 GLY n 
1 214 GLU n 
1 215 ASN n 
1 216 ARG n 
# 
_entity_src_gen.entity_id                          1 
_entity_src_gen.pdbx_src_id                        1 
_entity_src_gen.pdbx_alt_source_flag               sample 
_entity_src_gen.pdbx_seq_type                      'Biological sequence' 
_entity_src_gen.pdbx_beg_seq_num                   1 
_entity_src_gen.pdbx_end_seq_num                   216 
_entity_src_gen.gene_src_common_name               ? 
_entity_src_gen.gene_src_genus                     ? 
_entity_src_gen.pdbx_gene_src_gene                 'ethR, etaR, Rv3855' 
_entity_src_gen.gene_src_species                   ? 
_entity_src_gen.gene_src_strain                    ? 
_entity_src_gen.gene_src_tissue                    ? 
_entity_src_gen.gene_src_tissue_fraction           ? 
_entity_src_gen.gene_src_details                   ? 
_entity_src_gen.pdbx_gene_src_fragment             ? 
_entity_src_gen.pdbx_gene_src_scientific_name      'Mycobacterium tuberculosis' 
_entity_src_gen.pdbx_gene_src_ncbi_taxonomy_id     1773 
_entity_src_gen.pdbx_gene_src_variant              ? 
_entity_src_gen.pdbx_gene_src_cell_line            ? 
_entity_src_gen.pdbx_gene_src_atcc                 ? 
_entity_src_gen.pdbx_gene_src_organ                ? 
_entity_src_gen.pdbx_gene_src_organelle            ? 
_entity_src_gen.pdbx_gene_src_cell                 ? 
_entity_src_gen.pdbx_gene_src_cellular_location    ? 
_entity_src_gen.host_org_common_name               ? 
_entity_src_gen.pdbx_host_org_scientific_name      'Escherichia coli' 
_entity_src_gen.pdbx_host_org_ncbi_taxonomy_id     562 
_entity_src_gen.host_org_genus                     ? 
_entity_src_gen.pdbx_host_org_gene                 ? 
_entity_src_gen.pdbx_host_org_organ                ? 
_entity_src_gen.host_org_species                   ? 
_entity_src_gen.pdbx_host_org_tissue               ? 
_entity_src_gen.pdbx_host_org_tissue_fraction      ? 
_entity_src_gen.pdbx_host_org_strain               ? 
_entity_src_gen.pdbx_host_org_variant              ? 
_entity_src_gen.pdbx_host_org_cell_line            ? 
_entity_src_gen.pdbx_host_org_atcc                 ? 
_entity_src_gen.pdbx_host_org_culture_collection   ? 
_entity_src_gen.pdbx_host_org_cell                 ? 
_entity_src_gen.pdbx_host_org_organelle            ? 
_entity_src_gen.pdbx_host_org_cellular_location    ? 
_entity_src_gen.pdbx_host_org_vector_type          ? 
_entity_src_gen.pdbx_host_org_vector               ? 
_entity_src_gen.host_org_details                   ? 
_entity_src_gen.expression_system_id               ? 
_entity_src_gen.plasmid_name                       ? 
_entity_src_gen.plasmid_details                    ? 
_entity_src_gen.pdbx_description                   ? 
# 
loop_
_chem_comp.id 
_chem_comp.type 
_chem_comp.mon_nstd_flag 
_chem_comp.name 
_chem_comp.pdbx_synonyms 
_chem_comp.formula 
_chem_comp.formula_weight 
8YH non-polymer         . '~{N}-butyl-4-methyl-piperidine-1-carboxamide' ? 'C11 H22 N2 O'   198.305 
ALA 'L-peptide linking' y ALANINE                                        ? 'C3 H7 N O2'     89.093  
ARG 'L-peptide linking' y ARGININE                                       ? 'C6 H15 N4 O2 1' 175.209 
ASN 'L-peptide linking' y ASPARAGINE                                     ? 'C4 H8 N2 O3'    132.118 
ASP 'L-peptide linking' y 'ASPARTIC ACID'                                ? 'C4 H7 N O4'     133.103 
GLN 'L-peptide linking' y GLUTAMINE                                      ? 'C5 H10 N2 O3'   146.144 
GLU 'L-peptide linking' y 'GLUTAMIC ACID'                                ? 'C5 H9 N O4'     147.129 
GLY 'peptide linking'   y GLYCINE                                        ? 'C2 H5 N O2'     75.067  
HIS 'L-peptide linking' y HISTIDINE                                      ? 'C6 H10 N3 O2 1' 156.162 
HOH non-polymer         . WATER                                          ? 'H2 O'           18.015  
ILE 'L-peptide linking' y ISOLEUCINE                                     ? 'C6 H13 N O2'    131.173 
LEU 'L-peptide linking' y LEUCINE                                        ? 'C6 H13 N O2'    131.173 
LYS 'L-peptide linking' y LYSINE                                         ? 'C6 H15 N2 O2 1' 147.195 
MET 'L-peptide linking' y METHIONINE                                     ? 'C5 H11 N O2 S'  149.211 
PHE 'L-peptide linking' y PHENYLALANINE                                  ? 'C9 H11 N O2'    165.189 
PRO 'L-peptide linking' y PROLINE                                        ? 'C5 H9 N O2'     115.130 
SER 'L-peptide linking' y SERINE                                         ? 'C3 H7 N O3'     105.093 
SO4 non-polymer         . 'SULFATE ION'                                  ? 'O4 S -2'        96.063  
THR 'L-peptide linking' y THREONINE                                      ? 'C4 H9 N O3'     119.119 
TRP 'L-peptide linking' y TRYPTOPHAN                                     ? 'C11 H12 N2 O2'  204.225 
TYR 'L-peptide linking' y TYROSINE                                       ? 'C9 H11 N O3'    181.189 
VAL 'L-peptide linking' y VALINE                                         ? 'C5 H11 N O2'    117.146 
# 
loop_
_pdbx_poly_seq_scheme.asym_id 
_pdbx_poly_seq_scheme.entity_id 
_pdbx_poly_seq_scheme.seq_id 
_pdbx_poly_seq_scheme.mon_id 
_pdbx_poly_seq_scheme.ndb_seq_num 
_pdbx_poly_seq_scheme.pdb_seq_num 
_pdbx_poly_seq_scheme.auth_seq_num 
_pdbx_poly_seq_scheme.pdb_mon_id 
_pdbx_poly_seq_scheme.auth_mon_id 
_pdbx_poly_seq_scheme.pdb_strand_id 
_pdbx_poly_seq_scheme.pdb_ins_code 
_pdbx_poly_seq_scheme.hetero 
A 1 1   MET 1   1   ?   ?   ?   A . n 
A 1 2   THR 2   2   ?   ?   ?   A . n 
A 1 3   THR 3   3   ?   ?   ?   A . n 
A 1 4   SER 4   4   ?   ?   ?   A . n 
A 1 5   ALA 5   5   ?   ?   ?   A . n 
A 1 6   ALA 6   6   ?   ?   ?   A . n 
A 1 7   SER 7   7   ?   ?   ?   A . n 
A 1 8   GLN 8   8   ?   ?   ?   A . n 
A 1 9   ALA 9   9   ?   ?   ?   A . n 
A 1 10  SER 10  10  ?   ?   ?   A . n 
A 1 11  LEU 11  11  ?   ?   ?   A . n 
A 1 12  PRO 12  12  ?   ?   ?   A . n 
A 1 13  ARG 13  13  ?   ?   ?   A . n 
A 1 14  GLY 14  14  ?   ?   ?   A . n 
A 1 15  ARG 15  15  ?   ?   ?   A . n 
A 1 16  ARG 16  16  ?   ?   ?   A . n 
A 1 17  THR 17  17  ?   ?   ?   A . n 
A 1 18  ALA 18  18  ?   ?   ?   A . n 
A 1 19  ARG 19  19  ?   ?   ?   A . n 
A 1 20  PRO 20  20  ?   ?   ?   A . n 
A 1 21  SER 21  21  ?   ?   ?   A . n 
A 1 22  GLY 22  22  22  GLY GLY A . n 
A 1 23  ASP 23  23  23  ASP ALA A . n 
A 1 24  ASP 24  24  24  ASP ASP A . n 
A 1 25  ARG 25  25  25  ARG ARG A . n 
A 1 26  GLU 26  26  26  GLU GLU A . n 
A 1 27  LEU 27  27  27  LEU LEU A . n 
A 1 28  ALA 28  28  28  ALA ALA A . n 
A 1 29  ILE 29  29  29  ILE ILE A . n 
A 1 30  LEU 30  30  30  LEU LEU A . n 
A 1 31  ALA 31  31  31  ALA ALA A . n 
A 1 32  THR 32  32  32  THR THR A . n 
A 1 33  ALA 33  33  33  ALA ALA A . n 
A 1 34  GLU 34  34  34  GLU GLU A . n 
A 1 35  ASN 35  35  35  ASN ASN A . n 
A 1 36  LEU 36  36  36  LEU LEU A . n 
A 1 37  LEU 37  37  37  LEU LEU A . n 
A 1 38  GLU 38  38  38  GLU GLU A . n 
A 1 39  ASP 39  39  39  ASP ASP A . n 
A 1 40  ARG 40  40  40  ARG ARG A . n 
A 1 41  PRO 41  41  41  PRO PRO A . n 
A 1 42  LEU 42  42  42  LEU LEU A . n 
A 1 43  ALA 43  43  43  ALA ALA A . n 
A 1 44  ASP 44  44  44  ASP ASP A . n 
A 1 45  ILE 45  45  45  ILE ILE A . n 
A 1 46  SER 46  46  46  SER SER A . n 
A 1 47  VAL 47  47  47  VAL VAL A . n 
A 1 48  ASP 48  48  48  ASP ASP A . n 
A 1 49  ASP 49  49  49  ASP ASP A . n 
A 1 50  LEU 50  50  50  LEU LEU A . n 
A 1 51  ALA 51  51  51  ALA ALA A . n 
A 1 52  LYS 52  52  52  LYS LYS A . n 
A 1 53  GLY 53  53  53  GLY GLY A . n 
A 1 54  ALA 54  54  54  ALA ALA A . n 
A 1 55  GLY 55  55  55  GLY GLY A . n 
A 1 56  ILE 56  56  56  ILE ILE A . n 
A 1 57  SER 57  57  57  SER SER A . n 
A 1 58  ARG 58  58  58  ARG ARG A . n 
A 1 59  PRO 59  59  59  PRO PRO A . n 
A 1 60  THR 60  60  60  THR THR A . n 
A 1 61  PHE 61  61  61  PHE PHE A . n 
A 1 62  TYR 62  62  62  TYR TYR A . n 
A 1 63  PHE 63  63  63  PHE PHE A . n 
A 1 64  TYR 64  64  64  TYR TYR A . n 
A 1 65  PHE 65  65  65  PHE PHE A . n 
A 1 66  PRO 66  66  66  PRO PRO A . n 
A 1 67  SER 67  67  67  SER SER A . n 
A 1 68  LYS 68  68  68  LYS LYS A . n 
A 1 69  GLU 69  69  69  GLU GLU A . n 
A 1 70  ALA 70  70  70  ALA ALA A . n 
A 1 71  VAL 71  71  71  VAL VAL A . n 
A 1 72  LEU 72  72  72  LEU LEU A . n 
A 1 73  LEU 73  73  73  LEU LEU A . n 
A 1 74  THR 74  74  74  THR THR A . n 
A 1 75  LEU 75  75  75  LEU LEU A . n 
A 1 76  LEU 76  76  76  LEU LEU A . n 
A 1 77  ASP 77  77  77  ASP ASP A . n 
A 1 78  ARG 78  78  78  ARG ARG A . n 
A 1 79  VAL 79  79  79  VAL VAL A . n 
A 1 80  VAL 80  80  80  VAL VAL A . n 
A 1 81  ASN 81  81  81  ASN ASN A . n 
A 1 82  GLN 82  82  82  GLN GLN A . n 
A 1 83  ALA 83  83  83  ALA ALA A . n 
A 1 84  ASP 84  84  84  ASP ASP A . n 
A 1 85  MET 85  85  85  MET MET A . n 
A 1 86  ALA 86  86  86  ALA ALA A . n 
A 1 87  LEU 87  87  87  LEU LEU A . n 
A 1 88  GLN 88  88  88  GLN GLN A . n 
A 1 89  THR 89  89  89  THR THR A . n 
A 1 90  LEU 90  90  90  LEU LEU A . n 
A 1 91  ALA 91  91  91  ALA ALA A . n 
A 1 92  GLU 92  92  92  GLU GLU A . n 
A 1 93  ASN 93  93  93  ASN ASN A . n 
A 1 94  PRO 94  94  94  PRO PRO A . n 
A 1 95  ALA 95  95  95  ALA ALA A . n 
A 1 96  ASP 96  96  96  ASP ALA A . n 
A 1 97  THR 97  97  97  THR THR A . n 
A 1 98  ASP 98  98  98  ASP ASP A . n 
A 1 99  ARG 99  99  99  ARG ARG A . n 
A 1 100 GLU 100 100 100 GLU GLU A . n 
A 1 101 ASN 101 101 101 ASN ASN A . n 
A 1 102 MET 102 102 102 MET MET A . n 
A 1 103 TRP 103 103 103 TRP TRP A . n 
A 1 104 ARG 104 104 104 ARG ARG A . n 
A 1 105 THR 105 105 105 THR THR A . n 
A 1 106 GLY 106 106 106 GLY GLY A . n 
A 1 107 ILE 107 107 107 ILE ILE A . n 
A 1 108 ASN 108 108 108 ASN ASN A . n 
A 1 109 VAL 109 109 109 VAL VAL A . n 
A 1 110 PHE 110 110 110 PHE PHE A . n 
A 1 111 PHE 111 111 111 PHE PHE A . n 
A 1 112 GLU 112 112 112 GLU GLU A . n 
A 1 113 THR 113 113 113 THR THR A . n 
A 1 114 PHE 114 114 114 PHE PHE A . n 
A 1 115 GLY 115 115 115 GLY GLY A . n 
A 1 116 SER 116 116 116 SER SER A . n 
A 1 117 HIS 117 117 117 HIS HIS A . n 
A 1 118 LYS 118 118 118 LYS LYS A . n 
A 1 119 ALA 119 119 119 ALA ALA A . n 
A 1 120 VAL 120 120 120 VAL VAL A . n 
A 1 121 THR 121 121 121 THR THR A . n 
A 1 122 ARG 122 122 122 ARG ARG A . n 
A 1 123 ALA 123 123 123 ALA ALA A . n 
A 1 124 GLY 124 124 124 GLY GLY A . n 
A 1 125 GLN 125 125 125 GLN GLN A . n 
A 1 126 ALA 126 126 126 ALA ALA A . n 
A 1 127 ALA 127 127 127 ALA ALA A . n 
A 1 128 ARG 128 128 128 ARG ARG A . n 
A 1 129 ALA 129 129 129 ALA ALA A . n 
A 1 130 THR 130 130 130 THR THR A . n 
A 1 131 SER 131 131 131 SER SER A . n 
A 1 132 VAL 132 132 132 VAL VAL A . n 
A 1 133 GLU 133 133 133 GLU GLU A . n 
A 1 134 VAL 134 134 134 VAL VAL A . n 
A 1 135 ALA 135 135 135 ALA ALA A . n 
A 1 136 GLU 136 136 136 GLU GLU A . n 
A 1 137 LEU 137 137 137 LEU LEU A . n 
A 1 138 TRP 138 138 138 TRP TRP A . n 
A 1 139 SER 139 139 139 SER SER A . n 
A 1 140 THR 140 140 140 THR THR A . n 
A 1 141 PHE 141 141 141 PHE PHE A . n 
A 1 142 MET 142 142 142 MET MET A . n 
A 1 143 GLN 143 143 143 GLN GLN A . n 
A 1 144 LYS 144 144 144 LYS LYS A . n 
A 1 145 TRP 145 145 145 TRP TRP A . n 
A 1 146 ILE 146 146 146 ILE ILE A . n 
A 1 147 ALA 147 147 147 ALA ALA A . n 
A 1 148 TYR 148 148 148 TYR TYR A . n 
A 1 149 THR 149 149 149 THR THR A . n 
A 1 150 ALA 150 150 150 ALA ALA A . n 
A 1 151 ALA 151 151 151 ALA ALA A . n 
A 1 152 VAL 152 152 152 VAL VAL A . n 
A 1 153 ILE 153 153 153 ILE ILE A . n 
A 1 154 ASP 154 154 154 ASP ASP A . n 
A 1 155 ALA 155 155 155 ALA ALA A . n 
A 1 156 GLU 156 156 156 GLU GLU A . n 
A 1 157 ARG 157 157 157 ARG ARG A . n 
A 1 158 ASP 158 158 158 ASP ASP A . n 
A 1 159 ARG 159 159 159 ARG ARG A . n 
A 1 160 GLY 160 160 160 GLY GLY A . n 
A 1 161 ALA 161 161 161 ALA ALA A . n 
A 1 162 ALA 162 162 162 ALA ALA A . n 
A 1 163 PRO 163 163 163 PRO PRO A . n 
A 1 164 ARG 164 164 164 ARG ARG A . n 
A 1 165 THR 165 165 165 THR THR A . n 
A 1 166 LEU 166 166 166 LEU LEU A . n 
A 1 167 PRO 167 167 167 PRO PRO A . n 
A 1 168 ALA 168 168 168 ALA ALA A . n 
A 1 169 HIS 169 169 169 HIS HIS A . n 
A 1 170 GLU 170 170 170 GLU GLU A . n 
A 1 171 LEU 171 171 171 LEU LEU A . n 
A 1 172 ALA 172 172 172 ALA ALA A . n 
A 1 173 THR 173 173 173 THR THR A . n 
A 1 174 ALA 174 174 174 ALA ALA A . n 
A 1 175 LEU 175 175 175 LEU LEU A . n 
A 1 176 ASN 176 176 176 ASN ASN A . n 
A 1 177 LEU 177 177 177 LEU LEU A . n 
A 1 178 MET 178 178 178 MET MET A . n 
A 1 179 ASN 179 179 179 ASN ASN A . n 
A 1 180 GLU 180 180 180 GLU GLU A . n 
A 1 181 ARG 181 181 181 ARG ARG A . n 
A 1 182 THR 182 182 182 THR THR A . n 
A 1 183 LEU 183 183 183 LEU LEU A . n 
A 1 184 PHE 184 184 184 PHE PHE A . n 
A 1 185 ALA 185 185 185 ALA ALA A . n 
A 1 186 SER 186 186 186 SER SER A . n 
A 1 187 PHE 187 187 187 PHE PHE A . n 
A 1 188 ALA 188 188 188 ALA ALA A . n 
A 1 189 GLY 189 189 189 GLY GLY A . n 
A 1 190 GLU 190 190 190 GLU GLU A . n 
A 1 191 GLN 191 191 191 GLN GLN A . n 
A 1 192 PRO 192 192 192 PRO PRO A . n 
A 1 193 SER 193 193 193 SER SER A . n 
A 1 194 VAL 194 194 194 VAL VAL A . n 
A 1 195 PRO 195 195 195 PRO PRO A . n 
A 1 196 GLU 196 196 196 GLU GLU A . n 
A 1 197 ALA 197 197 197 ALA ALA A . n 
A 1 198 ARG 198 198 198 ARG ARG A . n 
A 1 199 VAL 199 199 199 VAL VAL A . n 
A 1 200 LEU 200 200 200 LEU LEU A . n 
A 1 201 ASP 201 201 201 ASP ASP A . n 
A 1 202 THR 202 202 202 THR THR A . n 
A 1 203 LEU 203 203 203 LEU LEU A . n 
A 1 204 VAL 204 204 204 VAL VAL A . n 
A 1 205 HIS 205 205 205 HIS HIS A . n 
A 1 206 ILE 206 206 206 ILE ILE A . n 
A 1 207 TRP 207 207 207 TRP TRP A . n 
A 1 208 VAL 208 208 208 VAL VAL A . n 
A 1 209 THR 209 209 209 THR THR A . n 
A 1 210 SER 210 210 210 SER SER A . n 
A 1 211 ILE 211 211 211 ILE ILE A . n 
A 1 212 TYR 212 212 212 TYR TYR A . n 
A 1 213 GLY 213 213 213 GLY GLY A . n 
A 1 214 GLU 214 214 214 GLU GLU A . n 
A 1 215 ASN 215 215 ?   ?   ?   A . n 
A 1 216 ARG 216 216 ?   ?   ?   A . n 
# 
loop_
_pdbx_nonpoly_scheme.asym_id 
_pdbx_nonpoly_scheme.entity_id 
_pdbx_nonpoly_scheme.mon_id 
_pdbx_nonpoly_scheme.ndb_seq_num 
_pdbx_nonpoly_scheme.pdb_seq_num 
_pdbx_nonpoly_scheme.auth_seq_num 
_pdbx_nonpoly_scheme.pdb_mon_id 
_pdbx_nonpoly_scheme.auth_mon_id 
_pdbx_nonpoly_scheme.pdb_strand_id 
_pdbx_nonpoly_scheme.pdb_ins_code 
B 2 8YH 1   301 1   8YH LIG A . 
C 3 SO4 1   302 1   SO4 SO4 A . 
D 4 HOH 1   401 75  HOH HOH A . 
D 4 HOH 2   402 22  HOH HOH A . 
D 4 HOH 3   403 50  HOH HOH A . 
D 4 HOH 4   404 39  HOH HOH A . 
D 4 HOH 5   405 80  HOH HOH A . 
D 4 HOH 6   406 4   HOH HOH A . 
D 4 HOH 7   407 89  HOH HOH A . 
D 4 HOH 8   408 72  HOH HOH A . 
D 4 HOH 9   409 110 HOH HOH A . 
D 4 HOH 10  410 58  HOH HOH A . 
D 4 HOH 11  411 90  HOH HOH A . 
D 4 HOH 12  412 93  HOH HOH A . 
D 4 HOH 13  413 64  HOH HOH A . 
D 4 HOH 14  414 2   HOH HOH A . 
D 4 HOH 15  415 42  HOH HOH A . 
D 4 HOH 16  416 9   HOH HOH A . 
D 4 HOH 17  417 74  HOH HOH A . 
D 4 HOH 18  418 6   HOH HOH A . 
D 4 HOH 19  419 55  HOH HOH A . 
D 4 HOH 20  420 95  HOH HOH A . 
D 4 HOH 21  421 5   HOH HOH A . 
D 4 HOH 22  422 103 HOH HOH A . 
D 4 HOH 23  423 15  HOH HOH A . 
D 4 HOH 24  424 23  HOH HOH A . 
D 4 HOH 25  425 18  HOH HOH A . 
D 4 HOH 26  426 78  HOH HOH A . 
D 4 HOH 27  427 57  HOH HOH A . 
D 4 HOH 28  428 38  HOH HOH A . 
D 4 HOH 29  429 71  HOH HOH A . 
D 4 HOH 30  430 21  HOH HOH A . 
D 4 HOH 31  431 47  HOH HOH A . 
D 4 HOH 32  432 96  HOH HOH A . 
D 4 HOH 33  433 14  HOH HOH A . 
D 4 HOH 34  434 1   HOH HOH A . 
D 4 HOH 35  435 27  HOH HOH A . 
D 4 HOH 36  436 60  HOH HOH A . 
D 4 HOH 37  437 117 HOH HOH A . 
D 4 HOH 38  438 8   HOH HOH A . 
D 4 HOH 39  439 43  HOH HOH A . 
D 4 HOH 40  440 111 HOH HOH A . 
D 4 HOH 41  441 48  HOH HOH A . 
D 4 HOH 42  442 46  HOH HOH A . 
D 4 HOH 43  443 85  HOH HOH A . 
D 4 HOH 44  444 65  HOH HOH A . 
D 4 HOH 45  445 107 HOH HOH A . 
D 4 HOH 46  446 83  HOH HOH A . 
D 4 HOH 47  447 45  HOH HOH A . 
D 4 HOH 48  448 7   HOH HOH A . 
D 4 HOH 49  449 69  HOH HOH A . 
D 4 HOH 50  450 92  HOH HOH A . 
D 4 HOH 51  451 81  HOH HOH A . 
D 4 HOH 52  452 41  HOH HOH A . 
D 4 HOH 53  453 3   HOH HOH A . 
D 4 HOH 54  454 97  HOH HOH A . 
D 4 HOH 55  455 82  HOH HOH A . 
D 4 HOH 56  456 37  HOH HOH A . 
D 4 HOH 57  457 19  HOH HOH A . 
D 4 HOH 58  458 87  HOH HOH A . 
D 4 HOH 59  459 119 HOH HOH A . 
D 4 HOH 60  460 56  HOH HOH A . 
D 4 HOH 61  461 31  HOH HOH A . 
D 4 HOH 62  462 10  HOH HOH A . 
D 4 HOH 63  463 11  HOH HOH A . 
D 4 HOH 64  464 77  HOH HOH A . 
D 4 HOH 65  465 67  HOH HOH A . 
D 4 HOH 66  466 16  HOH HOH A . 
D 4 HOH 67  467 100 HOH HOH A . 
D 4 HOH 68  468 108 HOH HOH A . 
D 4 HOH 69  469 115 HOH HOH A . 
D 4 HOH 70  470 105 HOH HOH A . 
D 4 HOH 71  471 13  HOH HOH A . 
D 4 HOH 72  472 32  HOH HOH A . 
D 4 HOH 73  473 88  HOH HOH A . 
D 4 HOH 74  474 118 HOH HOH A . 
D 4 HOH 75  475 104 HOH HOH A . 
D 4 HOH 76  476 113 HOH HOH A . 
D 4 HOH 77  477 59  HOH HOH A . 
D 4 HOH 78  478 52  HOH HOH A . 
D 4 HOH 79  479 70  HOH HOH A . 
D 4 HOH 80  480 99  HOH HOH A . 
D 4 HOH 81  481 84  HOH HOH A . 
D 4 HOH 82  482 79  HOH HOH A . 
D 4 HOH 83  483 54  HOH HOH A . 
D 4 HOH 84  484 44  HOH HOH A . 
D 4 HOH 85  485 53  HOH HOH A . 
D 4 HOH 86  486 30  HOH HOH A . 
D 4 HOH 87  487 112 HOH HOH A . 
D 4 HOH 88  488 109 HOH HOH A . 
D 4 HOH 89  489 20  HOH HOH A . 
D 4 HOH 90  490 17  HOH HOH A . 
D 4 HOH 91  491 114 HOH HOH A . 
D 4 HOH 92  492 25  HOH HOH A . 
D 4 HOH 93  493 40  HOH HOH A . 
D 4 HOH 94  494 12  HOH HOH A . 
D 4 HOH 95  495 68  HOH HOH A . 
D 4 HOH 96  496 73  HOH HOH A . 
D 4 HOH 97  497 120 HOH HOH A . 
D 4 HOH 98  498 76  HOH HOH A . 
D 4 HOH 99  499 24  HOH HOH A . 
D 4 HOH 100 500 91  HOH HOH A . 
D 4 HOH 101 501 66  HOH HOH A . 
D 4 HOH 102 502 86  HOH HOH A . 
D 4 HOH 103 503 33  HOH HOH A . 
D 4 HOH 104 504 49  HOH HOH A . 
D 4 HOH 105 505 116 HOH HOH A . 
D 4 HOH 106 506 62  HOH HOH A . 
D 4 HOH 107 507 29  HOH HOH A . 
D 4 HOH 108 508 61  HOH HOH A . 
D 4 HOH 109 509 94  HOH HOH A . 
D 4 HOH 110 510 35  HOH HOH A . 
D 4 HOH 111 511 26  HOH HOH A . 
D 4 HOH 112 512 51  HOH HOH A . 
D 4 HOH 113 513 106 HOH HOH A . 
D 4 HOH 114 514 36  HOH HOH A . 
D 4 HOH 115 515 102 HOH HOH A . 
D 4 HOH 116 516 28  HOH HOH A . 
D 4 HOH 117 517 34  HOH HOH A . 
D 4 HOH 118 518 63  HOH HOH A . 
D 4 HOH 119 519 98  HOH HOH A . 
D 4 HOH 120 520 101 HOH HOH A . 
# 
loop_
_pdbx_unobs_or_zero_occ_atoms.id 
_pdbx_unobs_or_zero_occ_atoms.PDB_model_num 
_pdbx_unobs_or_zero_occ_atoms.polymer_flag 
_pdbx_unobs_or_zero_occ_atoms.occupancy_flag 
_pdbx_unobs_or_zero_occ_atoms.auth_asym_id 
_pdbx_unobs_or_zero_occ_atoms.auth_comp_id 
_pdbx_unobs_or_zero_occ_atoms.auth_seq_id 
_pdbx_unobs_or_zero_occ_atoms.PDB_ins_code 
_pdbx_unobs_or_zero_occ_atoms.auth_atom_id 
_pdbx_unobs_or_zero_occ_atoms.label_alt_id 
_pdbx_unobs_or_zero_occ_atoms.label_asym_id 
_pdbx_unobs_or_zero_occ_atoms.label_comp_id 
_pdbx_unobs_or_zero_occ_atoms.label_seq_id 
_pdbx_unobs_or_zero_occ_atoms.label_atom_id 
1 1 Y 1 A ASP 23 ? CG  ? A ASP 23 CG  
2 1 Y 1 A ASP 23 ? OD1 ? A ASP 23 OD1 
3 1 Y 1 A ASP 23 ? OD2 ? A ASP 23 OD2 
4 1 Y 1 A ASP 96 ? CG  ? A ASP 96 CG  
5 1 Y 1 A ASP 96 ? OD1 ? A ASP 96 OD1 
6 1 Y 1 A ASP 96 ? OD2 ? A ASP 96 OD2 
# 
loop_
_software.citation_id 
_software.classification 
_software.compiler_name 
_software.compiler_version 
_software.contact_author 
_software.contact_author_email 
_software.date 
_software.description 
_software.dependencies 
_software.hardware 
_software.language 
_software.location 
_software.mods 
_software.name 
_software.os 
_software.os_version 
_software.type 
_software.version 
_software.pdbx_ordinal 
? refinement       ? ? ? ? ? ? ? ? ? ? ? REFMAC ? ? ? 5.8.0135 1 
? 'data reduction' ? ? ? ? ? ? ? ? ? ? ? XDS    ? ? ? .        2 
? 'data scaling'   ? ? ? ? ? ? ? ? ? ? ? XDS    ? ? ? .        3 
? phasing          ? ? ? ? ? ? ? ? ? ? ? PHASER ? ? ? .        4 
# 
_cell.entry_id           5NIO 
_cell.length_a           120.083 
_cell.length_b           120.083 
_cell.length_c           33.659 
_cell.angle_alpha        90.00 
_cell.angle_beta         90.00 
_cell.angle_gamma        90.00 
_cell.Z_PDB              8 
_cell.pdbx_unique_axis   ? 
# 
_symmetry.entry_id                         5NIO 
_symmetry.space_group_name_H-M             'P 41 21 2' 
_symmetry.pdbx_full_space_group_name_H-M   ? 
_symmetry.cell_setting                     ? 
_symmetry.Int_Tables_number                92 
# 
_exptl.absorpt_coefficient_mu     ? 
_exptl.absorpt_correction_T_max   ? 
_exptl.absorpt_correction_T_min   ? 
_exptl.absorpt_correction_type    ? 
_exptl.absorpt_process_details    ? 
_exptl.entry_id                   5NIO 
_exptl.crystals_number            1 
_exptl.details                    ? 
_exptl.method                     'X-RAY DIFFRACTION' 
_exptl.method_details             ? 
# 
_exptl_crystal.colour                      ? 
_exptl_crystal.density_diffrn              ? 
_exptl_crystal.density_Matthews            2.55 
_exptl_crystal.density_method              ? 
_exptl_crystal.density_percent_sol         51.79 
_exptl_crystal.description                 ? 
_exptl_crystal.F_000                       ? 
_exptl_crystal.id                          1 
_exptl_crystal.preparation                 ? 
_exptl_crystal.size_max                    ? 
_exptl_crystal.size_mid                    ? 
_exptl_crystal.size_min                    ? 
_exptl_crystal.size_rad                    ? 
_exptl_crystal.colour_lustre               ? 
_exptl_crystal.colour_modifier             ? 
_exptl_crystal.colour_primary              ? 
_exptl_crystal.density_meas                ? 
_exptl_crystal.density_meas_esd            ? 
_exptl_crystal.density_meas_gt             ? 
_exptl_crystal.density_meas_lt             ? 
_exptl_crystal.density_meas_temp           ? 
_exptl_crystal.density_meas_temp_esd       ? 
_exptl_crystal.density_meas_temp_gt        ? 
_exptl_crystal.density_meas_temp_lt        ? 
_exptl_crystal.pdbx_crystal_image_url      ? 
_exptl_crystal.pdbx_crystal_image_format   ? 
_exptl_crystal.pdbx_mosaicity              ? 
_exptl_crystal.pdbx_mosaicity_esd          ? 
# 
_exptl_crystal_grow.apparatus       ? 
_exptl_crystal_grow.atmosphere      ? 
_exptl_crystal_grow.crystal_id      1 
_exptl_crystal_grow.details         ? 
_exptl_crystal_grow.method          'VAPOR DIFFUSION, HANGING DROP' 
_exptl_crystal_grow.method_ref      ? 
_exptl_crystal_grow.pH              ? 
_exptl_crystal_grow.pressure        ? 
_exptl_crystal_grow.pressure_esd    ? 
_exptl_crystal_grow.seeding         ? 
_exptl_crystal_grow.seeding_ref     ? 
_exptl_crystal_grow.temp            293 
_exptl_crystal_grow.temp_details    ? 
_exptl_crystal_grow.temp_esd        ? 
_exptl_crystal_grow.time            ? 
_exptl_crystal_grow.pdbx_details    'MES buffer, 1.4-1.6 M AS' 
_exptl_crystal_grow.pdbx_pH_range   6-7 
# 
_diffrn.ambient_environment    ? 
_diffrn.ambient_temp           100 
_diffrn.ambient_temp_details   ? 
_diffrn.ambient_temp_esd       ? 
_diffrn.crystal_id             1 
_diffrn.crystal_support        ? 
_diffrn.crystal_treatment      ? 
_diffrn.details                ? 
_diffrn.id                     1 
_diffrn.ambient_pressure       ? 
_diffrn.ambient_pressure_esd   ? 
_diffrn.ambient_pressure_gt    ? 
_diffrn.ambient_pressure_lt    ? 
_diffrn.ambient_temp_gt        ? 
_diffrn.ambient_temp_lt        ? 
# 
_diffrn_detector.details                      ? 
_diffrn_detector.detector                     PIXEL 
_diffrn_detector.diffrn_id                    1 
_diffrn_detector.type                         'DECTRIS PILATUS 6M' 
_diffrn_detector.area_resol_mean              ? 
_diffrn_detector.dtime                        ? 
_diffrn_detector.pdbx_frames_total            ? 
_diffrn_detector.pdbx_collection_time_total   ? 
_diffrn_detector.pdbx_collection_date         2015-03-01 
# 
_diffrn_radiation.collimation                      ? 
_diffrn_radiation.diffrn_id                        1 
_diffrn_radiation.filter_edge                      ? 
_diffrn_radiation.inhomogeneity                    ? 
_diffrn_radiation.monochromator                    DCM 
_diffrn_radiation.polarisn_norm                    ? 
_diffrn_radiation.polarisn_ratio                   ? 
_diffrn_radiation.probe                            ? 
_diffrn_radiation.type                             ? 
_diffrn_radiation.xray_symbol                      ? 
_diffrn_radiation.wavelength_id                    1 
_diffrn_radiation.pdbx_monochromatic_or_laue_m_l   M 
_diffrn_radiation.pdbx_wavelength_list             ? 
_diffrn_radiation.pdbx_wavelength                  ? 
_diffrn_radiation.pdbx_diffrn_protocol             'SINGLE WAVELENGTH' 
_diffrn_radiation.pdbx_analyzer                    ? 
_diffrn_radiation.pdbx_scattering_type             x-ray 
# 
_diffrn_radiation_wavelength.id           1 
_diffrn_radiation_wavelength.wavelength   0.9174 
_diffrn_radiation_wavelength.wt           1.0 
# 
_diffrn_source.current                     ? 
_diffrn_source.details                     ? 
_diffrn_source.diffrn_id                   1 
_diffrn_source.power                       ? 
_diffrn_source.size                        ? 
_diffrn_source.source                      SYNCHROTRON 
_diffrn_source.target                      ? 
_diffrn_source.type                        'DIAMOND BEAMLINE I04-1' 
_diffrn_source.voltage                     ? 
_diffrn_source.take-off_angle              ? 
_diffrn_source.pdbx_wavelength_list        0.9174 
_diffrn_source.pdbx_wavelength             ? 
_diffrn_source.pdbx_synchrotron_beamline   I04-1 
_diffrn_source.pdbx_synchrotron_site       Diamond 
# 
_reflns.B_iso_Wilson_estimate            ? 
_reflns.entry_id                         5NIO 
_reflns.data_reduction_details           ? 
_reflns.data_reduction_method            ? 
_reflns.d_resolution_high                1.4 
_reflns.d_resolution_low                 84.91 
_reflns.details                          ? 
_reflns.limit_h_max                      ? 
_reflns.limit_h_min                      ? 
_reflns.limit_k_max                      ? 
_reflns.limit_k_min                      ? 
_reflns.limit_l_max                      ? 
_reflns.limit_l_min                      ? 
_reflns.number_all                       ? 
_reflns.number_obs                       48919 
_reflns.observed_criterion               ? 
_reflns.observed_criterion_F_max         ? 
_reflns.observed_criterion_F_min         ? 
_reflns.observed_criterion_I_max         ? 
_reflns.observed_criterion_I_min         ? 
_reflns.observed_criterion_sigma_F       ? 
_reflns.observed_criterion_sigma_I       ? 
_reflns.percent_possible_obs             99.2 
_reflns.R_free_details                   ? 
_reflns.Rmerge_F_all                     ? 
_reflns.Rmerge_F_obs                     ? 
_reflns.Friedel_coverage                 ? 
_reflns.number_gt                        ? 
_reflns.threshold_expression             ? 
_reflns.pdbx_redundancy                  5.4 
_reflns.pdbx_Rmerge_I_obs                0.034 
_reflns.pdbx_Rmerge_I_all                ? 
_reflns.pdbx_Rsym_value                  ? 
_reflns.pdbx_netI_over_av_sigmaI         ? 
_reflns.pdbx_netI_over_sigmaI            22.6 
_reflns.pdbx_res_netI_over_av_sigmaI_2   ? 
_reflns.pdbx_res_netI_over_sigmaI_2      ? 
_reflns.pdbx_chi_squared                 ? 
_reflns.pdbx_scaling_rejects             ? 
_reflns.pdbx_d_res_high_opt              ? 
_reflns.pdbx_d_res_low_opt               ? 
_reflns.pdbx_d_res_opt_method            ? 
_reflns.phase_calculation_details        ? 
_reflns.pdbx_Rrim_I_all                  ? 
_reflns.pdbx_Rpim_I_all                  ? 
_reflns.pdbx_d_opt                       ? 
_reflns.pdbx_number_measured_all         ? 
_reflns.pdbx_diffrn_id                   1 
_reflns.pdbx_ordinal                     1 
_reflns.pdbx_CC_half                     ? 
_reflns.pdbx_R_split                     ? 
# 
_reflns_shell.d_res_high                  1.4 
_reflns_shell.d_res_low                   1.5 
_reflns_shell.meanI_over_sigI_all         ? 
_reflns_shell.meanI_over_sigI_obs         ? 
_reflns_shell.number_measured_all         ? 
_reflns_shell.number_measured_obs         ? 
_reflns_shell.number_possible             ? 
_reflns_shell.number_unique_all           ? 
_reflns_shell.number_unique_obs           16586 
_reflns_shell.percent_possible_all        96.2 
_reflns_shell.percent_possible_obs        ? 
_reflns_shell.Rmerge_F_all                ? 
_reflns_shell.Rmerge_F_obs                ? 
_reflns_shell.Rmerge_I_all                ? 
_reflns_shell.Rmerge_I_obs                0.40 
_reflns_shell.meanI_over_sigI_gt          ? 
_reflns_shell.meanI_over_uI_all           ? 
_reflns_shell.meanI_over_uI_gt            ? 
_reflns_shell.number_measured_gt          ? 
_reflns_shell.number_unique_gt            ? 
_reflns_shell.percent_possible_gt         ? 
_reflns_shell.Rmerge_F_gt                 ? 
_reflns_shell.Rmerge_I_gt                 ? 
_reflns_shell.pdbx_redundancy             4.5 
_reflns_shell.pdbx_Rsym_value             ? 
_reflns_shell.pdbx_chi_squared            ? 
_reflns_shell.pdbx_netI_over_sigmaI_all   ? 
_reflns_shell.pdbx_netI_over_sigmaI_obs   ? 
_reflns_shell.pdbx_Rrim_I_all             ? 
_reflns_shell.pdbx_Rpim_I_all             ? 
_reflns_shell.pdbx_rejects                ? 
_reflns_shell.pdbx_ordinal                1 
_reflns_shell.pdbx_diffrn_id              1 
_reflns_shell.pdbx_CC_half                ? 
_reflns_shell.pdbx_R_split                ? 
# 
_refine.pdbx_refine_id                           'X-RAY DIFFRACTION' 
_refine.entry_id                                 5NIO 
_refine.pdbx_diffrn_id                           1 
_refine.pdbx_TLS_residual_ADP_flag               ? 
_refine.ls_number_reflns_obs                     46522 
_refine.ls_number_reflns_all                     ? 
_refine.pdbx_ls_sigma_I                          ? 
_refine.pdbx_ls_sigma_F                          ? 
_refine.pdbx_data_cutoff_high_absF               ? 
_refine.pdbx_data_cutoff_low_absF                ? 
_refine.pdbx_data_cutoff_high_rms_absF           ? 
_refine.ls_d_res_low                             84.91 
_refine.ls_d_res_high                            1.40 
_refine.ls_percent_reflns_obs                    99.82 
_refine.ls_R_factor_obs                          0.18214 
_refine.ls_R_factor_all                          ? 
_refine.ls_R_factor_R_work                       0.18096 
_refine.ls_R_factor_R_free                       0.20498 
_refine.ls_R_factor_R_free_error                 ? 
_refine.ls_R_factor_R_free_error_details         ? 
_refine.ls_percent_reflns_R_free                 4.9 
_refine.ls_number_reflns_R_free                  2397 
_refine.ls_number_parameters                     ? 
_refine.ls_number_restraints                     ? 
_refine.occupancy_min                            ? 
_refine.occupancy_max                            ? 
_refine.correlation_coeff_Fo_to_Fc               0.968 
_refine.correlation_coeff_Fo_to_Fc_free          0.963 
_refine.B_iso_mean                               26.107 
_refine.aniso_B[1][1]                            0.01 
_refine.aniso_B[2][2]                            0.01 
_refine.aniso_B[3][3]                            -0.02 
_refine.aniso_B[1][2]                            0.00 
_refine.aniso_B[1][3]                            0.00 
_refine.aniso_B[2][3]                            0.00 
_refine.solvent_model_details                    'BABINET MODEL WITH MASK' 
_refine.solvent_model_param_ksol                 ? 
_refine.solvent_model_param_bsol                 ? 
_refine.pdbx_solvent_vdw_probe_radii             1.20 
_refine.pdbx_solvent_ion_probe_radii             0.80 
_refine.pdbx_solvent_shrinkage_radii             0.80 
_refine.pdbx_ls_cross_valid_method               THROUGHOUT 
_refine.details                                  'HYDROGENS HAVE BEEN ADDED IN THE RIDING POSITIONS' 
_refine.pdbx_starting_model                      ? 
_refine.pdbx_method_to_determine_struct          ? 
_refine.pdbx_isotropic_thermal_model             ? 
_refine.pdbx_stereochemistry_target_values       'MAXIMUM LIKELIHOOD' 
_refine.pdbx_stereochem_target_val_spec_case     ? 
_refine.pdbx_R_Free_selection_details            RANDOM 
_refine.pdbx_overall_ESU_R                       0.054 
_refine.pdbx_overall_ESU_R_Free                  0.056 
_refine.overall_SU_ML                            0.037 
_refine.pdbx_overall_phase_error                 ? 
_refine.overall_SU_B                             0.935 
_refine.overall_SU_R_Cruickshank_DPI             ? 
_refine.pdbx_overall_SU_R_free_Cruickshank_DPI   ? 
_refine.pdbx_overall_SU_R_Blow_DPI               ? 
_refine.pdbx_overall_SU_R_free_Blow_DPI          ? 
# 
_refine_hist.pdbx_refine_id                   'X-RAY DIFFRACTION' 
_refine_hist.cycle_id                         1 
_refine_hist.pdbx_number_atoms_protein        1496 
_refine_hist.pdbx_number_atoms_nucleic_acid   0 
_refine_hist.pdbx_number_atoms_ligand         19 
_refine_hist.number_atoms_solvent             120 
_refine_hist.number_atoms_total               1635 
_refine_hist.d_res_high                       1.40 
_refine_hist.d_res_low                        84.91 
# 
loop_
_refine_ls_restr.type 
_refine_ls_restr.dev_ideal 
_refine_ls_restr.dev_ideal_target 
_refine_ls_restr.weight 
_refine_ls_restr.number 
_refine_ls_restr.pdbx_refine_id 
_refine_ls_restr.pdbx_restraint_function 
r_bond_refined_d             0.017  0.020  ? 1640 'X-RAY DIFFRACTION' ? 
r_bond_other_d               0.002  0.020  ? 1557 'X-RAY DIFFRACTION' ? 
r_angle_refined_deg          1.682  1.949  ? 2257 'X-RAY DIFFRACTION' ? 
r_angle_other_deg            0.879  3.003  ? 3575 'X-RAY DIFFRACTION' ? 
r_dihedral_angle_1_deg       5.253  5.000  ? 219  'X-RAY DIFFRACTION' ? 
r_dihedral_angle_2_deg       40.521 23.974 ? 78   'X-RAY DIFFRACTION' ? 
r_dihedral_angle_3_deg       12.358 15.000 ? 260  'X-RAY DIFFRACTION' ? 
r_dihedral_angle_4_deg       17.374 15.000 ? 13   'X-RAY DIFFRACTION' ? 
r_chiral_restr               0.106  0.200  ? 260  'X-RAY DIFFRACTION' ? 
r_gen_planes_refined         0.016  0.020  ? 1906 'X-RAY DIFFRACTION' ? 
r_gen_planes_other           0.003  0.020  ? 392  'X-RAY DIFFRACTION' ? 
r_nbd_refined                ?      ?      ? ?    'X-RAY DIFFRACTION' ? 
r_nbd_other                  ?      ?      ? ?    'X-RAY DIFFRACTION' ? 
r_nbtor_refined              ?      ?      ? ?    'X-RAY DIFFRACTION' ? 
r_nbtor_other                ?      ?      ? ?    'X-RAY DIFFRACTION' ? 
r_xyhbond_nbd_refined        ?      ?      ? ?    'X-RAY DIFFRACTION' ? 
r_xyhbond_nbd_other          ?      ?      ? ?    'X-RAY DIFFRACTION' ? 
r_metal_ion_refined          ?      ?      ? ?    'X-RAY DIFFRACTION' ? 
r_metal_ion_other            ?      ?      ? ?    'X-RAY DIFFRACTION' ? 
r_symmetry_vdw_refined       ?      ?      ? ?    'X-RAY DIFFRACTION' ? 
r_symmetry_vdw_other         ?      ?      ? ?    'X-RAY DIFFRACTION' ? 
r_symmetry_hbond_refined     ?      ?      ? ?    'X-RAY DIFFRACTION' ? 
r_symmetry_hbond_other       ?      ?      ? ?    'X-RAY DIFFRACTION' ? 
r_symmetry_metal_ion_refined ?      ?      ? ?    'X-RAY DIFFRACTION' ? 
r_symmetry_metal_ion_other   ?      ?      ? ?    'X-RAY DIFFRACTION' ? 
r_mcbond_it                  2.784  2.367  ? 805  'X-RAY DIFFRACTION' ? 
r_mcbond_other               2.778  2.365  ? 804  'X-RAY DIFFRACTION' ? 
r_mcangle_it                 3.799  3.540  ? 1013 'X-RAY DIFFRACTION' ? 
r_mcangle_other              3.798  3.542  ? 1014 'X-RAY DIFFRACTION' ? 
r_scbond_it                  4.230  2.706  ? 835  'X-RAY DIFFRACTION' ? 
r_scbond_other               4.230  2.696  ? 832  'X-RAY DIFFRACTION' ? 
r_scangle_it                 ?      ?      ? ?    'X-RAY DIFFRACTION' ? 
r_scangle_other              6.012  3.898  ? 1227 'X-RAY DIFFRACTION' ? 
r_long_range_B_refined       7.040  19.477 ? 2004 'X-RAY DIFFRACTION' ? 
r_long_range_B_other         6.992  19.108 ? 1953 'X-RAY DIFFRACTION' ? 
r_rigid_bond_restr           ?      ?      ? ?    'X-RAY DIFFRACTION' ? 
r_sphericity_free            ?      ?      ? ?    'X-RAY DIFFRACTION' ? 
r_sphericity_bonded          ?      ?      ? ?    'X-RAY DIFFRACTION' ? 
# 
_refine_ls_shell.pdbx_refine_id                   'X-RAY DIFFRACTION' 
_refine_ls_shell.pdbx_total_number_of_bins_used   20 
_refine_ls_shell.d_res_high                       1.401 
_refine_ls_shell.d_res_low                        1.437 
_refine_ls_shell.number_reflns_R_work             3294 
_refine_ls_shell.R_factor_R_work                  0.275 
_refine_ls_shell.percent_reflns_obs               98.15 
_refine_ls_shell.R_factor_R_free                  0.288 
_refine_ls_shell.R_factor_R_free_error            ? 
_refine_ls_shell.percent_reflns_R_free            ? 
_refine_ls_shell.number_reflns_R_free             157 
_refine_ls_shell.number_reflns_all                ? 
_refine_ls_shell.R_factor_all                     ? 
_refine_ls_shell.R_factor_obs                     ? 
_refine_ls_shell.number_reflns_obs                ? 
# 
_struct.entry_id                     5NIO 
_struct.title                        'EthR complex' 
_struct.pdbx_model_details           ? 
_struct.pdbx_formula_weight          ? 
_struct.pdbx_formula_weight_method   ? 
_struct.pdbx_model_type_details      ? 
_struct.pdbx_CASP_flag               N 
# 
_struct_keywords.entry_id        5NIO 
_struct_keywords.text            'TetR repressor, DNA binding protein, protein ligand complex' 
_struct_keywords.pdbx_keywords   'DNA BINDING PROTEIN' 
# 
loop_
_struct_asym.id 
_struct_asym.pdbx_blank_PDB_chainid_flag 
_struct_asym.pdbx_modified 
_struct_asym.entity_id 
_struct_asym.details 
A N N 1 ? 
B N N 2 ? 
C N N 3 ? 
D N N 4 ? 
# 
_struct_ref.id                         1 
_struct_ref.db_name                    UNP 
_struct_ref.db_code                    ETHR_MYCTU 
_struct_ref.pdbx_db_accession          P9WMC1 
_struct_ref.pdbx_db_isoform            ? 
_struct_ref.entity_id                  1 
_struct_ref.pdbx_seq_one_letter_code   
;MTTSAASQASLPRGRRTARPSGDDRELAILATAENLLEDRPLADISVDDLAKGAGISRPTFYFYFPSKEAVLLTLLDRVV
NQADMALQTLAENPADTDRENMWRTGINVFFETFGSHKAVTRAGQAARATSVEVAELWSTFMQKWIAYTAAVIDAERDRG
AAPRTLPAHELATALNLMNERTLFASFAGEQPSVPEARVLDTLVHIWVTSIYGENR
;
_struct_ref.pdbx_align_begin           1 
# 
_struct_ref_seq.align_id                      1 
_struct_ref_seq.ref_id                        1 
_struct_ref_seq.pdbx_PDB_id_code              5NIO 
_struct_ref_seq.pdbx_strand_id                A 
_struct_ref_seq.seq_align_beg                 1 
_struct_ref_seq.pdbx_seq_align_beg_ins_code   ? 
_struct_ref_seq.seq_align_end                 216 
_struct_ref_seq.pdbx_seq_align_end_ins_code   ? 
_struct_ref_seq.pdbx_db_accession             P9WMC1 
_struct_ref_seq.db_align_beg                  1 
_struct_ref_seq.pdbx_db_align_beg_ins_code    ? 
_struct_ref_seq.db_align_end                  216 
_struct_ref_seq.pdbx_db_align_end_ins_code    ? 
_struct_ref_seq.pdbx_auth_seq_align_beg       1 
_struct_ref_seq.pdbx_auth_seq_align_end       216 
# 
_pdbx_struct_assembly.id                   1 
_pdbx_struct_assembly.details              author_and_software_defined_assembly 
_pdbx_struct_assembly.method_details       PISA 
_pdbx_struct_assembly.oligomeric_details   dimeric 
_pdbx_struct_assembly.oligomeric_count     2 
# 
loop_
_pdbx_struct_assembly_prop.biol_id 
_pdbx_struct_assembly_prop.type 
_pdbx_struct_assembly_prop.value 
_pdbx_struct_assembly_prop.details 
1 'ABSA (A^2)' 3160  ? 
1 MORE         -48   ? 
1 'SSA (A^2)'  17220 ? 
# 
_pdbx_struct_assembly_gen.assembly_id       1 
_pdbx_struct_assembly_gen.oper_expression   1,2 
_pdbx_struct_assembly_gen.asym_id_list      A,B,C,D 
# 
_pdbx_struct_assembly_auth_evidence.id                     1 
_pdbx_struct_assembly_auth_evidence.assembly_id            1 
_pdbx_struct_assembly_auth_evidence.experimental_support   'gel filtration' 
_pdbx_struct_assembly_auth_evidence.details                ? 
# 
loop_
_pdbx_struct_oper_list.id 
_pdbx_struct_oper_list.type 
_pdbx_struct_oper_list.name 
_pdbx_struct_oper_list.symmetry_operation 
_pdbx_struct_oper_list.matrix[1][1] 
_pdbx_struct_oper_list.matrix[1][2] 
_pdbx_struct_oper_list.matrix[1][3] 
_pdbx_struct_oper_list.vector[1] 
_pdbx_struct_oper_list.matrix[2][1] 
_pdbx_struct_oper_list.matrix[2][2] 
_pdbx_struct_oper_list.matrix[2][3] 
_pdbx_struct_oper_list.vector[2] 
_pdbx_struct_oper_list.matrix[3][1] 
_pdbx_struct_oper_list.matrix[3][2] 
_pdbx_struct_oper_list.matrix[3][3] 
_pdbx_struct_oper_list.vector[3] 
1 'identity operation'         1_555 x,y,z  1.0000000000  0.0000000000  0.0000000000  0.0000000000  0.0000000000  1.0000000000 0.0000000000 0.0000000000 0.0000000000  0.0000000000 1.0000000000  0.0000000000 
2 'crystal symmetry operation' 7_555 y,x,-z -0.6390875374 -0.7630371824 -0.0966508034 20.9706024193 -0.7630371824 0.6132048684 0.2043380719 8.7234177028 -0.0966508034 0.2043380719 -0.9741173310 9.4387181845 
# 
loop_
_struct_conf.conf_type_id 
_struct_conf.id 
_struct_conf.pdbx_PDB_helix_id 
_struct_conf.beg_label_comp_id 
_struct_conf.beg_label_asym_id 
_struct_conf.beg_label_seq_id 
_struct_conf.pdbx_beg_PDB_ins_code 
_struct_conf.end_label_comp_id 
_struct_conf.end_label_asym_id 
_struct_conf.end_label_seq_id 
_struct_conf.pdbx_end_PDB_ins_code 
_struct_conf.beg_auth_comp_id 
_struct_conf.beg_auth_asym_id 
_struct_conf.beg_auth_seq_id 
_struct_conf.end_auth_comp_id 
_struct_conf.end_auth_asym_id 
_struct_conf.end_auth_seq_id 
_struct_conf.pdbx_PDB_helix_class 
_struct_conf.details 
_struct_conf.pdbx_PDB_helix_length 
HELX_P HELX_P1  AA1 GLY A 22  ? GLU A 38  ? GLY A 22  GLU A 38  1 ? 17 
HELX_P HELX_P2  AA2 PRO A 41  ? ILE A 45  ? PRO A 41  ILE A 45  5 ? 5  
HELX_P HELX_P3  AA3 SER A 46  ? GLY A 55  ? SER A 46  GLY A 55  1 ? 10 
HELX_P HELX_P4  AA4 SER A 57  ? PHE A 65  ? SER A 57  PHE A 65  1 ? 9  
HELX_P HELX_P5  AA5 SER A 67  ? ASN A 93  ? SER A 67  ASN A 93  1 ? 27 
HELX_P HELX_P6  AA6 ASP A 98  ? SER A 116 ? ASP A 98  SER A 116 1 ? 19 
HELX_P HELX_P7  AA7 HIS A 117 ? ALA A 127 ? HIS A 117 ALA A 127 1 ? 11 
HELX_P HELX_P8  AA8 ARG A 128 ? THR A 130 ? ARG A 128 THR A 130 5 ? 3  
HELX_P HELX_P9  AA9 SER A 131 ? ARG A 159 ? SER A 131 ARG A 159 1 ? 29 
HELX_P HELX_P10 AB1 PRO A 167 ? GLY A 189 ? PRO A 167 GLY A 189 1 ? 23 
HELX_P HELX_P11 AB2 PRO A 195 ? GLY A 213 ? PRO A 195 GLY A 213 1 ? 19 
# 
_struct_conf_type.id          HELX_P 
_struct_conf_type.criteria    ? 
_struct_conf_type.reference   ? 
# 
_struct_mon_prot_cis.pdbx_id                1 
_struct_mon_prot_cis.label_comp_id          GLN 
_struct_mon_prot_cis.label_seq_id           191 
_struct_mon_prot_cis.label_asym_id          A 
_struct_mon_prot_cis.label_alt_id           . 
_struct_mon_prot_cis.pdbx_PDB_ins_code      ? 
_struct_mon_prot_cis.auth_comp_id           GLN 
_struct_mon_prot_cis.auth_seq_id            191 
_struct_mon_prot_cis.auth_asym_id           A 
_struct_mon_prot_cis.pdbx_label_comp_id_2   PRO 
_struct_mon_prot_cis.pdbx_label_seq_id_2    192 
_struct_mon_prot_cis.pdbx_label_asym_id_2   A 
_struct_mon_prot_cis.pdbx_PDB_ins_code_2    ? 
_struct_mon_prot_cis.pdbx_auth_comp_id_2    PRO 
_struct_mon_prot_cis.pdbx_auth_seq_id_2     192 
_struct_mon_prot_cis.pdbx_auth_asym_id_2    A 
_struct_mon_prot_cis.pdbx_PDB_model_num     1 
_struct_mon_prot_cis.pdbx_omega_angle       14.67 
# 
loop_
_struct_site.id 
_struct_site.pdbx_evidence_code 
_struct_site.pdbx_auth_asym_id 
_struct_site.pdbx_auth_comp_id 
_struct_site.pdbx_auth_seq_id 
_struct_site.pdbx_auth_ins_code 
_struct_site.pdbx_num_residues 
_struct_site.details 
AC1 Software A 8YH 301 ? 7 'binding site for residue 8YH A 301' 
AC2 Software A SO4 302 ? 4 'binding site for residue SO4 A 302' 
# 
loop_
_struct_site_gen.id 
_struct_site_gen.site_id 
_struct_site_gen.pdbx_num_res 
_struct_site_gen.label_comp_id 
_struct_site_gen.label_asym_id 
_struct_site_gen.label_seq_id 
_struct_site_gen.pdbx_auth_ins_code 
_struct_site_gen.auth_comp_id 
_struct_site_gen.auth_asym_id 
_struct_site_gen.auth_seq_id 
_struct_site_gen.label_atom_id 
_struct_site_gen.label_alt_id 
_struct_site_gen.symmetry 
_struct_site_gen.details 
1  AC1 7 GLY A 106 ? GLY A 106 . ? 1_555 ? 
2  AC1 7 ILE A 107 ? ILE A 107 . ? 1_555 ? 
3  AC1 7 PHE A 110 ? PHE A 110 . ? 1_555 ? 
4  AC1 7 THR A 149 ? THR A 149 . ? 1_555 ? 
5  AC1 7 ASN A 176 ? ASN A 176 . ? 1_555 ? 
6  AC1 7 ASN A 179 ? ASN A 179 . ? 1_555 ? 
7  AC1 7 TRP A 207 ? TRP A 207 . ? 1_555 ? 
8  AC2 4 SER A 46  ? SER A 46  . ? 1_555 ? 
9  AC2 4 VAL A 47  ? VAL A 47  . ? 1_555 ? 
10 AC2 4 ASP A 48  ? ASP A 48  . ? 1_555 ? 
11 AC2 4 ARG A 58  ? ARG A 58  . ? 1_555 ? 
# 
_pdbx_validate_close_contact.id               1 
_pdbx_validate_close_contact.PDB_model_num    1 
_pdbx_validate_close_contact.auth_atom_id_1   NH2 
_pdbx_validate_close_contact.auth_asym_id_1   A 
_pdbx_validate_close_contact.auth_comp_id_1   ARG 
_pdbx_validate_close_contact.auth_seq_id_1    181 
_pdbx_validate_close_contact.PDB_ins_code_1   ? 
_pdbx_validate_close_contact.label_alt_id_1   ? 
_pdbx_validate_close_contact.auth_atom_id_2   O 
_pdbx_validate_close_contact.auth_asym_id_2   A 
_pdbx_validate_close_contact.auth_comp_id_2   HOH 
_pdbx_validate_close_contact.auth_seq_id_2    401 
_pdbx_validate_close_contact.PDB_ins_code_2   ? 
_pdbx_validate_close_contact.label_alt_id_2   ? 
_pdbx_validate_close_contact.dist             1.87 
# 
_pdbx_validate_symm_contact.id                1 
_pdbx_validate_symm_contact.PDB_model_num     1 
_pdbx_validate_symm_contact.auth_atom_id_1    O 
_pdbx_validate_symm_contact.auth_asym_id_1    A 
_pdbx_validate_symm_contact.auth_comp_id_1    HOH 
_pdbx_validate_symm_contact.auth_seq_id_1     461 
_pdbx_validate_symm_contact.PDB_ins_code_1    ? 
_pdbx_validate_symm_contact.label_alt_id_1    ? 
_pdbx_validate_symm_contact.site_symmetry_1   1_555 
_pdbx_validate_symm_contact.auth_atom_id_2    O 
_pdbx_validate_symm_contact.auth_asym_id_2    A 
_pdbx_validate_symm_contact.auth_comp_id_2    HOH 
_pdbx_validate_symm_contact.auth_seq_id_2     487 
_pdbx_validate_symm_contact.PDB_ins_code_2    ? 
_pdbx_validate_symm_contact.label_alt_id_2    ? 
_pdbx_validate_symm_contact.site_symmetry_2   7_556 
_pdbx_validate_symm_contact.dist              1.87 
# 
_pdbx_validate_torsion.id              1 
_pdbx_validate_torsion.PDB_model_num   1 
_pdbx_validate_torsion.auth_comp_id    THR 
_pdbx_validate_torsion.auth_asym_id    A 
_pdbx_validate_torsion.auth_seq_id     165 
_pdbx_validate_torsion.PDB_ins_code    ? 
_pdbx_validate_torsion.label_alt_id    ? 
_pdbx_validate_torsion.phi             -101.60 
_pdbx_validate_torsion.psi             -107.17 
# 
_pdbx_struct_special_symmetry.id              1 
_pdbx_struct_special_symmetry.PDB_model_num   1 
_pdbx_struct_special_symmetry.auth_asym_id    A 
_pdbx_struct_special_symmetry.auth_comp_id    HOH 
_pdbx_struct_special_symmetry.auth_seq_id     416 
_pdbx_struct_special_symmetry.PDB_ins_code    ? 
_pdbx_struct_special_symmetry.label_asym_id   D 
_pdbx_struct_special_symmetry.label_comp_id   HOH 
_pdbx_struct_special_symmetry.label_seq_id    . 
# 
loop_
_pdbx_unobs_or_zero_occ_residues.id 
_pdbx_unobs_or_zero_occ_residues.PDB_model_num 
_pdbx_unobs_or_zero_occ_residues.polymer_flag 
_pdbx_unobs_or_zero_occ_residues.occupancy_flag 
_pdbx_unobs_or_zero_occ_residues.auth_asym_id 
_pdbx_unobs_or_zero_occ_residues.auth_comp_id 
_pdbx_unobs_or_zero_occ_residues.auth_seq_id 
_pdbx_unobs_or_zero_occ_residues.PDB_ins_code 
_pdbx_unobs_or_zero_occ_residues.label_asym_id 
_pdbx_unobs_or_zero_occ_residues.label_comp_id 
_pdbx_unobs_or_zero_occ_residues.label_seq_id 
1  1 Y 1 A MET 1   ? A MET 1   
2  1 Y 1 A THR 2   ? A THR 2   
3  1 Y 1 A THR 3   ? A THR 3   
4  1 Y 1 A SER 4   ? A SER 4   
5  1 Y 1 A ALA 5   ? A ALA 5   
6  1 Y 1 A ALA 6   ? A ALA 6   
7  1 Y 1 A SER 7   ? A SER 7   
8  1 Y 1 A GLN 8   ? A GLN 8   
9  1 Y 1 A ALA 9   ? A ALA 9   
10 1 Y 1 A SER 10  ? A SER 10  
11 1 Y 1 A LEU 11  ? A LEU 11  
12 1 Y 1 A PRO 12  ? A PRO 12  
13 1 Y 1 A ARG 13  ? A ARG 13  
14 1 Y 1 A GLY 14  ? A GLY 14  
15 1 Y 1 A ARG 15  ? A ARG 15  
16 1 Y 1 A ARG 16  ? A ARG 16  
17 1 Y 1 A THR 17  ? A THR 17  
18 1 Y 1 A ALA 18  ? A ALA 18  
19 1 Y 1 A ARG 19  ? A ARG 19  
20 1 Y 1 A PRO 20  ? A PRO 20  
21 1 Y 1 A SER 21  ? A SER 21  
22 1 Y 1 A ASN 215 ? A ASN 215 
23 1 Y 1 A ARG 216 ? A ARG 216 
# 
loop_
_chem_comp_atom.comp_id 
_chem_comp_atom.atom_id 
_chem_comp_atom.type_symbol 
_chem_comp_atom.pdbx_aromatic_flag 
_chem_comp_atom.pdbx_stereo_config 
_chem_comp_atom.pdbx_ordinal 
8YH CAE  C N N 1   
8YH CAH  C N N 2   
8YH CAI  C N N 3   
8YH CAK  C N N 4   
8YH CAG  C N N 5   
8YH CAD  C N N 6   
8YH NAB  N N N 7   
8YH CAA  C N N 8   
8YH OAC  O N N 9   
8YH NAF  N N N 10  
8YH CAJ  C N N 11  
8YH CAL  C N N 12  
8YH CAM  C N N 13  
8YH CAN  C N N 14  
8YH H1   H N N 15  
8YH H2   H N N 16  
8YH H3   H N N 17  
8YH H4   H N N 18  
8YH H5   H N N 19  
8YH H6   H N N 20  
8YH H7   H N N 21  
8YH H8   H N N 22  
8YH H9   H N N 23  
8YH H10  H N N 24  
8YH H11  H N N 25  
8YH H12  H N N 26  
8YH H13  H N N 27  
8YH H14  H N N 28  
8YH H15  H N N 29  
8YH H16  H N N 30  
8YH H17  H N N 31  
8YH H18  H N N 32  
8YH H19  H N N 33  
8YH H20  H N N 34  
8YH H21  H N N 35  
8YH H22  H N N 36  
ALA N    N N N 37  
ALA CA   C N S 38  
ALA C    C N N 39  
ALA O    O N N 40  
ALA CB   C N N 41  
ALA OXT  O N N 42  
ALA H    H N N 43  
ALA H2   H N N 44  
ALA HA   H N N 45  
ALA HB1  H N N 46  
ALA HB2  H N N 47  
ALA HB3  H N N 48  
ALA HXT  H N N 49  
ARG N    N N N 50  
ARG CA   C N S 51  
ARG C    C N N 52  
ARG O    O N N 53  
ARG CB   C N N 54  
ARG CG   C N N 55  
ARG CD   C N N 56  
ARG NE   N N N 57  
ARG CZ   C N N 58  
ARG NH1  N N N 59  
ARG NH2  N N N 60  
ARG OXT  O N N 61  
ARG H    H N N 62  
ARG H2   H N N 63  
ARG HA   H N N 64  
ARG HB2  H N N 65  
ARG HB3  H N N 66  
ARG HG2  H N N 67  
ARG HG3  H N N 68  
ARG HD2  H N N 69  
ARG HD3  H N N 70  
ARG HE   H N N 71  
ARG HH11 H N N 72  
ARG HH12 H N N 73  
ARG HH21 H N N 74  
ARG HH22 H N N 75  
ARG HXT  H N N 76  
ASN N    N N N 77  
ASN CA   C N S 78  
ASN C    C N N 79  
ASN O    O N N 80  
ASN CB   C N N 81  
ASN CG   C N N 82  
ASN OD1  O N N 83  
ASN ND2  N N N 84  
ASN OXT  O N N 85  
ASN H    H N N 86  
ASN H2   H N N 87  
ASN HA   H N N 88  
ASN HB2  H N N 89  
ASN HB3  H N N 90  
ASN HD21 H N N 91  
ASN HD22 H N N 92  
ASN HXT  H N N 93  
ASP N    N N N 94  
ASP CA   C N S 95  
ASP C    C N N 96  
ASP O    O N N 97  
ASP CB   C N N 98  
ASP CG   C N N 99  
ASP OD1  O N N 100 
ASP OD2  O N N 101 
ASP OXT  O N N 102 
ASP H    H N N 103 
ASP H2   H N N 104 
ASP HA   H N N 105 
ASP HB2  H N N 106 
ASP HB3  H N N 107 
ASP HD2  H N N 108 
ASP HXT  H N N 109 
GLN N    N N N 110 
GLN CA   C N S 111 
GLN C    C N N 112 
GLN O    O N N 113 
GLN CB   C N N 114 
GLN CG   C N N 115 
GLN CD   C N N 116 
GLN OE1  O N N 117 
GLN NE2  N N N 118 
GLN OXT  O N N 119 
GLN H    H N N 120 
GLN H2   H N N 121 
GLN HA   H N N 122 
GLN HB2  H N N 123 
GLN HB3  H N N 124 
GLN HG2  H N N 125 
GLN HG3  H N N 126 
GLN HE21 H N N 127 
GLN HE22 H N N 128 
GLN HXT  H N N 129 
GLU N    N N N 130 
GLU CA   C N S 131 
GLU C    C N N 132 
GLU O    O N N 133 
GLU CB   C N N 134 
GLU CG   C N N 135 
GLU CD   C N N 136 
GLU OE1  O N N 137 
GLU OE2  O N N 138 
GLU OXT  O N N 139 
GLU H    H N N 140 
GLU H2   H N N 141 
GLU HA   H N N 142 
GLU HB2  H N N 143 
GLU HB3  H N N 144 
GLU HG2  H N N 145 
GLU HG3  H N N 146 
GLU HE2  H N N 147 
GLU HXT  H N N 148 
GLY N    N N N 149 
GLY CA   C N N 150 
GLY C    C N N 151 
GLY O    O N N 152 
GLY OXT  O N N 153 
GLY H    H N N 154 
GLY H2   H N N 155 
GLY HA2  H N N 156 
GLY HA3  H N N 157 
GLY HXT  H N N 158 
HIS N    N N N 159 
HIS CA   C N S 160 
HIS C    C N N 161 
HIS O    O N N 162 
HIS CB   C N N 163 
HIS CG   C Y N 164 
HIS ND1  N Y N 165 
HIS CD2  C Y N 166 
HIS CE1  C Y N 167 
HIS NE2  N Y N 168 
HIS OXT  O N N 169 
HIS H    H N N 170 
HIS H2   H N N 171 
HIS HA   H N N 172 
HIS HB2  H N N 173 
HIS HB3  H N N 174 
HIS HD1  H N N 175 
HIS HD2  H N N 176 
HIS HE1  H N N 177 
HIS HE2  H N N 178 
HIS HXT  H N N 179 
HOH O    O N N 180 
HOH H1   H N N 181 
HOH H2   H N N 182 
ILE N    N N N 183 
ILE CA   C N S 184 
ILE C    C N N 185 
ILE O    O N N 186 
ILE CB   C N S 187 
ILE CG1  C N N 188 
ILE CG2  C N N 189 
ILE CD1  C N N 190 
ILE OXT  O N N 191 
ILE H    H N N 192 
ILE H2   H N N 193 
ILE HA   H N N 194 
ILE HB   H N N 195 
ILE HG12 H N N 196 
ILE HG13 H N N 197 
ILE HG21 H N N 198 
ILE HG22 H N N 199 
ILE HG23 H N N 200 
ILE HD11 H N N 201 
ILE HD12 H N N 202 
ILE HD13 H N N 203 
ILE HXT  H N N 204 
LEU N    N N N 205 
LEU CA   C N S 206 
LEU C    C N N 207 
LEU O    O N N 208 
LEU CB   C N N 209 
LEU CG   C N N 210 
LEU CD1  C N N 211 
LEU CD2  C N N 212 
LEU OXT  O N N 213 
LEU H    H N N 214 
LEU H2   H N N 215 
LEU HA   H N N 216 
LEU HB2  H N N 217 
LEU HB3  H N N 218 
LEU HG   H N N 219 
LEU HD11 H N N 220 
LEU HD12 H N N 221 
LEU HD13 H N N 222 
LEU HD21 H N N 223 
LEU HD22 H N N 224 
LEU HD23 H N N 225 
LEU HXT  H N N 226 
LYS N    N N N 227 
LYS CA   C N S 228 
LYS C    C N N 229 
LYS O    O N N 230 
LYS CB   C N N 231 
LYS CG   C N N 232 
LYS CD   C N N 233 
LYS CE   C N N 234 
LYS NZ   N N N 235 
LYS OXT  O N N 236 
LYS H    H N N 237 
LYS H2   H N N 238 
LYS HA   H N N 239 
LYS HB2  H N N 240 
LYS HB3  H N N 241 
LYS HG2  H N N 242 
LYS HG3  H N N 243 
LYS HD2  H N N 244 
LYS HD3  H N N 245 
LYS HE2  H N N 246 
LYS HE3  H N N 247 
LYS HZ1  H N N 248 
LYS HZ2  H N N 249 
LYS HZ3  H N N 250 
LYS HXT  H N N 251 
MET N    N N N 252 
MET CA   C N S 253 
MET C    C N N 254 
MET O    O N N 255 
MET CB   C N N 256 
MET CG   C N N 257 
MET SD   S N N 258 
MET CE   C N N 259 
MET OXT  O N N 260 
MET H    H N N 261 
MET H2   H N N 262 
MET HA   H N N 263 
MET HB2  H N N 264 
MET HB3  H N N 265 
MET HG2  H N N 266 
MET HG3  H N N 267 
MET HE1  H N N 268 
MET HE2  H N N 269 
MET HE3  H N N 270 
MET HXT  H N N 271 
PHE N    N N N 272 
PHE CA   C N S 273 
PHE C    C N N 274 
PHE O    O N N 275 
PHE CB   C N N 276 
PHE CG   C Y N 277 
PHE CD1  C Y N 278 
PHE CD2  C Y N 279 
PHE CE1  C Y N 280 
PHE CE2  C Y N 281 
PHE CZ   C Y N 282 
PHE OXT  O N N 283 
PHE H    H N N 284 
PHE H2   H N N 285 
PHE HA   H N N 286 
PHE HB2  H N N 287 
PHE HB3  H N N 288 
PHE HD1  H N N 289 
PHE HD2  H N N 290 
PHE HE1  H N N 291 
PHE HE2  H N N 292 
PHE HZ   H N N 293 
PHE HXT  H N N 294 
PRO N    N N N 295 
PRO CA   C N S 296 
PRO C    C N N 297 
PRO O    O N N 298 
PRO CB   C N N 299 
PRO CG   C N N 300 
PRO CD   C N N 301 
PRO OXT  O N N 302 
PRO H    H N N 303 
PRO HA   H N N 304 
PRO HB2  H N N 305 
PRO HB3  H N N 306 
PRO HG2  H N N 307 
PRO HG3  H N N 308 
PRO HD2  H N N 309 
PRO HD3  H N N 310 
PRO HXT  H N N 311 
SER N    N N N 312 
SER CA   C N S 313 
SER C    C N N 314 
SER O    O N N 315 
SER CB   C N N 316 
SER OG   O N N 317 
SER OXT  O N N 318 
SER H    H N N 319 
SER H2   H N N 320 
SER HA   H N N 321 
SER HB2  H N N 322 
SER HB3  H N N 323 
SER HG   H N N 324 
SER HXT  H N N 325 
SO4 S    S N N 326 
SO4 O1   O N N 327 
SO4 O2   O N N 328 
SO4 O3   O N N 329 
SO4 O4   O N N 330 
THR N    N N N 331 
THR CA   C N S 332 
THR C    C N N 333 
THR O    O N N 334 
THR CB   C N R 335 
THR OG1  O N N 336 
THR CG2  C N N 337 
THR OXT  O N N 338 
THR H    H N N 339 
THR H2   H N N 340 
THR HA   H N N 341 
THR HB   H N N 342 
THR HG1  H N N 343 
THR HG21 H N N 344 
THR HG22 H N N 345 
THR HG23 H N N 346 
THR HXT  H N N 347 
TRP N    N N N 348 
TRP CA   C N S 349 
TRP C    C N N 350 
TRP O    O N N 351 
TRP CB   C N N 352 
TRP CG   C Y N 353 
TRP CD1  C Y N 354 
TRP CD2  C Y N 355 
TRP NE1  N Y N 356 
TRP CE2  C Y N 357 
TRP CE3  C Y N 358 
TRP CZ2  C Y N 359 
TRP CZ3  C Y N 360 
TRP CH2  C Y N 361 
TRP OXT  O N N 362 
TRP H    H N N 363 
TRP H2   H N N 364 
TRP HA   H N N 365 
TRP HB2  H N N 366 
TRP HB3  H N N 367 
TRP HD1  H N N 368 
TRP HE1  H N N 369 
TRP HE3  H N N 370 
TRP HZ2  H N N 371 
TRP HZ3  H N N 372 
TRP HH2  H N N 373 
TRP HXT  H N N 374 
TYR N    N N N 375 
TYR CA   C N S 376 
TYR C    C N N 377 
TYR O    O N N 378 
TYR CB   C N N 379 
TYR CG   C Y N 380 
TYR CD1  C Y N 381 
TYR CD2  C Y N 382 
TYR CE1  C Y N 383 
TYR CE2  C Y N 384 
TYR CZ   C Y N 385 
TYR OH   O N N 386 
TYR OXT  O N N 387 
TYR H    H N N 388 
TYR H2   H N N 389 
TYR HA   H N N 390 
TYR HB2  H N N 391 
TYR HB3  H N N 392 
TYR HD1  H N N 393 
TYR HD2  H N N 394 
TYR HE1  H N N 395 
TYR HE2  H N N 396 
TYR HH   H N N 397 
TYR HXT  H N N 398 
VAL N    N N N 399 
VAL CA   C N S 400 
VAL C    C N N 401 
VAL O    O N N 402 
VAL CB   C N N 403 
VAL CG1  C N N 404 
VAL CG2  C N N 405 
VAL OXT  O N N 406 
VAL H    H N N 407 
VAL H2   H N N 408 
VAL HA   H N N 409 
VAL HB   H N N 410 
VAL HG11 H N N 411 
VAL HG12 H N N 412 
VAL HG13 H N N 413 
VAL HG21 H N N 414 
VAL HG22 H N N 415 
VAL HG23 H N N 416 
VAL HXT  H N N 417 
# 
loop_
_chem_comp_bond.comp_id 
_chem_comp_bond.atom_id_1 
_chem_comp_bond.atom_id_2 
_chem_comp_bond.value_order 
_chem_comp_bond.pdbx_aromatic_flag 
_chem_comp_bond.pdbx_stereo_config 
_chem_comp_bond.pdbx_ordinal 
8YH CAN CAM  sing N N 1   
8YH OAC CAA  doub N N 2   
8YH CAJ CAL  sing N N 3   
8YH CAJ NAF  sing N N 4   
8YH CAM CAL  sing N N 5   
8YH CAA NAF  sing N N 6   
8YH CAA NAB  sing N N 7   
8YH CAD CAG  sing N N 8   
8YH CAD NAB  sing N N 9   
8YH CAG CAI  sing N N 10  
8YH NAB CAE  sing N N 11  
8YH CAI CAK  sing N N 12  
8YH CAI CAH  sing N N 13  
8YH CAE CAH  sing N N 14  
8YH CAE H1   sing N N 15  
8YH CAH H2   sing N N 16  
8YH CAK H3   sing N N 17  
8YH CAK H4   sing N N 18  
8YH CAK H5   sing N N 19  
8YH CAG H6   sing N N 20  
8YH CAD H7   sing N N 21  
8YH NAF H8   sing N N 22  
8YH CAJ H9   sing N N 23  
8YH CAJ H10  sing N N 24  
8YH CAL H11  sing N N 25  
8YH CAL H12  sing N N 26  
8YH CAM H13  sing N N 27  
8YH CAM H14  sing N N 28  
8YH CAN H15  sing N N 29  
8YH CAN H16  sing N N 30  
8YH CAN H17  sing N N 31  
8YH CAE H18  sing N N 32  
8YH CAH H19  sing N N 33  
8YH CAI H20  sing N N 34  
8YH CAG H21  sing N N 35  
8YH CAD H22  sing N N 36  
ALA N   CA   sing N N 37  
ALA N   H    sing N N 38  
ALA N   H2   sing N N 39  
ALA CA  C    sing N N 40  
ALA CA  CB   sing N N 41  
ALA CA  HA   sing N N 42  
ALA C   O    doub N N 43  
ALA C   OXT  sing N N 44  
ALA CB  HB1  sing N N 45  
ALA CB  HB2  sing N N 46  
ALA CB  HB3  sing N N 47  
ALA OXT HXT  sing N N 48  
ARG N   CA   sing N N 49  
ARG N   H    sing N N 50  
ARG N   H2   sing N N 51  
ARG CA  C    sing N N 52  
ARG CA  CB   sing N N 53  
ARG CA  HA   sing N N 54  
ARG C   O    doub N N 55  
ARG C   OXT  sing N N 56  
ARG CB  CG   sing N N 57  
ARG CB  HB2  sing N N 58  
ARG CB  HB3  sing N N 59  
ARG CG  CD   sing N N 60  
ARG CG  HG2  sing N N 61  
ARG CG  HG3  sing N N 62  
ARG CD  NE   sing N N 63  
ARG CD  HD2  sing N N 64  
ARG CD  HD3  sing N N 65  
ARG NE  CZ   sing N N 66  
ARG NE  HE   sing N N 67  
ARG CZ  NH1  sing N N 68  
ARG CZ  NH2  doub N N 69  
ARG NH1 HH11 sing N N 70  
ARG NH1 HH12 sing N N 71  
ARG NH2 HH21 sing N N 72  
ARG NH2 HH22 sing N N 73  
ARG OXT HXT  sing N N 74  
ASN N   CA   sing N N 75  
ASN N   H    sing N N 76  
ASN N   H2   sing N N 77  
ASN CA  C    sing N N 78  
ASN CA  CB   sing N N 79  
ASN CA  HA   sing N N 80  
ASN C   O    doub N N 81  
ASN C   OXT  sing N N 82  
ASN CB  CG   sing N N 83  
ASN CB  HB2  sing N N 84  
ASN CB  HB3  sing N N 85  
ASN CG  OD1  doub N N 86  
ASN CG  ND2  sing N N 87  
ASN ND2 HD21 sing N N 88  
ASN ND2 HD22 sing N N 89  
ASN OXT HXT  sing N N 90  
ASP N   CA   sing N N 91  
ASP N   H    sing N N 92  
ASP N   H2   sing N N 93  
ASP CA  C    sing N N 94  
ASP CA  CB   sing N N 95  
ASP CA  HA   sing N N 96  
ASP C   O    doub N N 97  
ASP C   OXT  sing N N 98  
ASP CB  CG   sing N N 99  
ASP CB  HB2  sing N N 100 
ASP CB  HB3  sing N N 101 
ASP CG  OD1  doub N N 102 
ASP CG  OD2  sing N N 103 
ASP OD2 HD2  sing N N 104 
ASP OXT HXT  sing N N 105 
GLN N   CA   sing N N 106 
GLN N   H    sing N N 107 
GLN N   H2   sing N N 108 
GLN CA  C    sing N N 109 
GLN CA  CB   sing N N 110 
GLN CA  HA   sing N N 111 
GLN C   O    doub N N 112 
GLN C   OXT  sing N N 113 
GLN CB  CG   sing N N 114 
GLN CB  HB2  sing N N 115 
GLN CB  HB3  sing N N 116 
GLN CG  CD   sing N N 117 
GLN CG  HG2  sing N N 118 
GLN CG  HG3  sing N N 119 
GLN CD  OE1  doub N N 120 
GLN CD  NE2  sing N N 121 
GLN NE2 HE21 sing N N 122 
GLN NE2 HE22 sing N N 123 
GLN OXT HXT  sing N N 124 
GLU N   CA   sing N N 125 
GLU N   H    sing N N 126 
GLU N   H2   sing N N 127 
GLU CA  C    sing N N 128 
GLU CA  CB   sing N N 129 
GLU CA  HA   sing N N 130 
GLU C   O    doub N N 131 
GLU C   OXT  sing N N 132 
GLU CB  CG   sing N N 133 
GLU CB  HB2  sing N N 134 
GLU CB  HB3  sing N N 135 
GLU CG  CD   sing N N 136 
GLU CG  HG2  sing N N 137 
GLU CG  HG3  sing N N 138 
GLU CD  OE1  doub N N 139 
GLU CD  OE2  sing N N 140 
GLU OE2 HE2  sing N N 141 
GLU OXT HXT  sing N N 142 
GLY N   CA   sing N N 143 
GLY N   H    sing N N 144 
GLY N   H2   sing N N 145 
GLY CA  C    sing N N 146 
GLY CA  HA2  sing N N 147 
GLY CA  HA3  sing N N 148 
GLY C   O    doub N N 149 
GLY C   OXT  sing N N 150 
GLY OXT HXT  sing N N 151 
HIS N   CA   sing N N 152 
HIS N   H    sing N N 153 
HIS N   H2   sing N N 154 
HIS CA  C    sing N N 155 
HIS CA  CB   sing N N 156 
HIS CA  HA   sing N N 157 
HIS C   O    doub N N 158 
HIS C   OXT  sing N N 159 
HIS CB  CG   sing N N 160 
HIS CB  HB2  sing N N 161 
HIS CB  HB3  sing N N 162 
HIS CG  ND1  sing Y N 163 
HIS CG  CD2  doub Y N 164 
HIS ND1 CE1  doub Y N 165 
HIS ND1 HD1  sing N N 166 
HIS CD2 NE2  sing Y N 167 
HIS CD2 HD2  sing N N 168 
HIS CE1 NE2  sing Y N 169 
HIS CE1 HE1  sing N N 170 
HIS NE2 HE2  sing N N 171 
HIS OXT HXT  sing N N 172 
HOH O   H1   sing N N 173 
HOH O   H2   sing N N 174 
ILE N   CA   sing N N 175 
ILE N   H    sing N N 176 
ILE N   H2   sing N N 177 
ILE CA  C    sing N N 178 
ILE CA  CB   sing N N 179 
ILE CA  HA   sing N N 180 
ILE C   O    doub N N 181 
ILE C   OXT  sing N N 182 
ILE CB  CG1  sing N N 183 
ILE CB  CG2  sing N N 184 
ILE CB  HB   sing N N 185 
ILE CG1 CD1  sing N N 186 
ILE CG1 HG12 sing N N 187 
ILE CG1 HG13 sing N N 188 
ILE CG2 HG21 sing N N 189 
ILE CG2 HG22 sing N N 190 
ILE CG2 HG23 sing N N 191 
ILE CD1 HD11 sing N N 192 
ILE CD1 HD12 sing N N 193 
ILE CD1 HD13 sing N N 194 
ILE OXT HXT  sing N N 195 
LEU N   CA   sing N N 196 
LEU N   H    sing N N 197 
LEU N   H2   sing N N 198 
LEU CA  C    sing N N 199 
LEU CA  CB   sing N N 200 
LEU CA  HA   sing N N 201 
LEU C   O    doub N N 202 
LEU C   OXT  sing N N 203 
LEU CB  CG   sing N N 204 
LEU CB  HB2  sing N N 205 
LEU CB  HB3  sing N N 206 
LEU CG  CD1  sing N N 207 
LEU CG  CD2  sing N N 208 
LEU CG  HG   sing N N 209 
LEU CD1 HD11 sing N N 210 
LEU CD1 HD12 sing N N 211 
LEU CD1 HD13 sing N N 212 
LEU CD2 HD21 sing N N 213 
LEU CD2 HD22 sing N N 214 
LEU CD2 HD23 sing N N 215 
LEU OXT HXT  sing N N 216 
LYS N   CA   sing N N 217 
LYS N   H    sing N N 218 
LYS N   H2   sing N N 219 
LYS CA  C    sing N N 220 
LYS CA  CB   sing N N 221 
LYS CA  HA   sing N N 222 
LYS C   O    doub N N 223 
LYS C   OXT  sing N N 224 
LYS CB  CG   sing N N 225 
LYS CB  HB2  sing N N 226 
LYS CB  HB3  sing N N 227 
LYS CG  CD   sing N N 228 
LYS CG  HG2  sing N N 229 
LYS CG  HG3  sing N N 230 
LYS CD  CE   sing N N 231 
LYS CD  HD2  sing N N 232 
LYS CD  HD3  sing N N 233 
LYS CE  NZ   sing N N 234 
LYS CE  HE2  sing N N 235 
LYS CE  HE3  sing N N 236 
LYS NZ  HZ1  sing N N 237 
LYS NZ  HZ2  sing N N 238 
LYS NZ  HZ3  sing N N 239 
LYS OXT HXT  sing N N 240 
MET N   CA   sing N N 241 
MET N   H    sing N N 242 
MET N   H2   sing N N 243 
MET CA  C    sing N N 244 
MET CA  CB   sing N N 245 
MET CA  HA   sing N N 246 
MET C   O    doub N N 247 
MET C   OXT  sing N N 248 
MET CB  CG   sing N N 249 
MET CB  HB2  sing N N 250 
MET CB  HB3  sing N N 251 
MET CG  SD   sing N N 252 
MET CG  HG2  sing N N 253 
MET CG  HG3  sing N N 254 
MET SD  CE   sing N N 255 
MET CE  HE1  sing N N 256 
MET CE  HE2  sing N N 257 
MET CE  HE3  sing N N 258 
MET OXT HXT  sing N N 259 
PHE N   CA   sing N N 260 
PHE N   H    sing N N 261 
PHE N   H2   sing N N 262 
PHE CA  C    sing N N 263 
PHE CA  CB   sing N N 264 
PHE CA  HA   sing N N 265 
PHE C   O    doub N N 266 
PHE C   OXT  sing N N 267 
PHE CB  CG   sing N N 268 
PHE CB  HB2  sing N N 269 
PHE CB  HB3  sing N N 270 
PHE CG  CD1  doub Y N 271 
PHE CG  CD2  sing Y N 272 
PHE CD1 CE1  sing Y N 273 
PHE CD1 HD1  sing N N 274 
PHE CD2 CE2  doub Y N 275 
PHE CD2 HD2  sing N N 276 
PHE CE1 CZ   doub Y N 277 
PHE CE1 HE1  sing N N 278 
PHE CE2 CZ   sing Y N 279 
PHE CE2 HE2  sing N N 280 
PHE CZ  HZ   sing N N 281 
PHE OXT HXT  sing N N 282 
PRO N   CA   sing N N 283 
PRO N   CD   sing N N 284 
PRO N   H    sing N N 285 
PRO CA  C    sing N N 286 
PRO CA  CB   sing N N 287 
PRO CA  HA   sing N N 288 
PRO C   O    doub N N 289 
PRO C   OXT  sing N N 290 
PRO CB  CG   sing N N 291 
PRO CB  HB2  sing N N 292 
PRO CB  HB3  sing N N 293 
PRO CG  CD   sing N N 294 
PRO CG  HG2  sing N N 295 
PRO CG  HG3  sing N N 296 
PRO CD  HD2  sing N N 297 
PRO CD  HD3  sing N N 298 
PRO OXT HXT  sing N N 299 
SER N   CA   sing N N 300 
SER N   H    sing N N 301 
SER N   H2   sing N N 302 
SER CA  C    sing N N 303 
SER CA  CB   sing N N 304 
SER CA  HA   sing N N 305 
SER C   O    doub N N 306 
SER C   OXT  sing N N 307 
SER CB  OG   sing N N 308 
SER CB  HB2  sing N N 309 
SER CB  HB3  sing N N 310 
SER OG  HG   sing N N 311 
SER OXT HXT  sing N N 312 
SO4 S   O1   doub N N 313 
SO4 S   O2   doub N N 314 
SO4 S   O3   sing N N 315 
SO4 S   O4   sing N N 316 
THR N   CA   sing N N 317 
THR N   H    sing N N 318 
THR N   H2   sing N N 319 
THR CA  C    sing N N 320 
THR CA  CB   sing N N 321 
THR CA  HA   sing N N 322 
THR C   O    doub N N 323 
THR C   OXT  sing N N 324 
THR CB  OG1  sing N N 325 
THR CB  CG2  sing N N 326 
THR CB  HB   sing N N 327 
THR OG1 HG1  sing N N 328 
THR CG2 HG21 sing N N 329 
THR CG2 HG22 sing N N 330 
THR CG2 HG23 sing N N 331 
THR OXT HXT  sing N N 332 
TRP N   CA   sing N N 333 
TRP N   H    sing N N 334 
TRP N   H2   sing N N 335 
TRP CA  C    sing N N 336 
TRP CA  CB   sing N N 337 
TRP CA  HA   sing N N 338 
TRP C   O    doub N N 339 
TRP C   OXT  sing N N 340 
TRP CB  CG   sing N N 341 
TRP CB  HB2  sing N N 342 
TRP CB  HB3  sing N N 343 
TRP CG  CD1  doub Y N 344 
TRP CG  CD2  sing Y N 345 
TRP CD1 NE1  sing Y N 346 
TRP CD1 HD1  sing N N 347 
TRP CD2 CE2  doub Y N 348 
TRP CD2 CE3  sing Y N 349 
TRP NE1 CE2  sing Y N 350 
TRP NE1 HE1  sing N N 351 
TRP CE2 CZ2  sing Y N 352 
TRP CE3 CZ3  doub Y N 353 
TRP CE3 HE3  sing N N 354 
TRP CZ2 CH2  doub Y N 355 
TRP CZ2 HZ2  sing N N 356 
TRP CZ3 CH2  sing Y N 357 
TRP CZ3 HZ3  sing N N 358 
TRP CH2 HH2  sing N N 359 
TRP OXT HXT  sing N N 360 
TYR N   CA   sing N N 361 
TYR N   H    sing N N 362 
TYR N   H2   sing N N 363 
TYR CA  C    sing N N 364 
TYR CA  CB   sing N N 365 
TYR CA  HA   sing N N 366 
TYR C   O    doub N N 367 
TYR C   OXT  sing N N 368 
TYR CB  CG   sing N N 369 
TYR CB  HB2  sing N N 370 
TYR CB  HB3  sing N N 371 
TYR CG  CD1  doub Y N 372 
TYR CG  CD2  sing Y N 373 
TYR CD1 CE1  sing Y N 374 
TYR CD1 HD1  sing N N 375 
TYR CD2 CE2  doub Y N 376 
TYR CD2 HD2  sing N N 377 
TYR CE1 CZ   doub Y N 378 
TYR CE1 HE1  sing N N 379 
TYR CE2 CZ   sing Y N 380 
TYR CE2 HE2  sing N N 381 
TYR CZ  OH   sing N N 382 
TYR OH  HH   sing N N 383 
TYR OXT HXT  sing N N 384 
VAL N   CA   sing N N 385 
VAL N   H    sing N N 386 
VAL N   H2   sing N N 387 
VAL CA  C    sing N N 388 
VAL CA  CB   sing N N 389 
VAL CA  HA   sing N N 390 
VAL C   O    doub N N 391 
VAL C   OXT  sing N N 392 
VAL CB  CG1  sing N N 393 
VAL CB  CG2  sing N N 394 
VAL CB  HB   sing N N 395 
VAL CG1 HG11 sing N N 396 
VAL CG1 HG12 sing N N 397 
VAL CG1 HG13 sing N N 398 
VAL CG2 HG21 sing N N 399 
VAL CG2 HG22 sing N N 400 
VAL CG2 HG23 sing N N 401 
VAL OXT HXT  sing N N 402 
# 
_atom_sites.entry_id                    5NIO 
_atom_sites.fract_transf_matrix[1][1]   -0.00757289 
_atom_sites.fract_transf_matrix[1][2]   0.00315610 
_atom_sites.fract_transf_matrix[1][3]   -0.00143036 
_atom_sites.fract_transf_matrix[2][1]   0.00256976 
_atom_sites.fract_transf_matrix[2][2]   0.00742146 
_atom_sites.fract_transf_matrix[2][3]   0.00277018 
_atom_sites.fract_transf_matrix[3][1]   0.00829257 
_atom_sites.fract_transf_matrix[3][2]   0.00741194 
_atom_sites.fract_transf_matrix[3][3]   -0.02754960 
_atom_sites.fract_transf_vector[1]      -0.134703 
_atom_sites.fract_transf_vector[2]      -0.279480 
_atom_sites.fract_transf_vector[3]      0.010738 
# 
loop_
_atom_type.symbol 
C 
N 
O 
S 
# 
loop_
_atom_site.group_PDB 
_atom_site.id 
_atom_site.type_symbol 
_atom_site.label_atom_id 
_atom_site.label_alt_id 
_atom_site.label_comp_id 
_atom_site.label_asym_id 
_atom_site.label_entity_id 
_atom_site.label_seq_id 
_atom_site.pdbx_PDB_ins_code 
_atom_site.Cartn_x 
_atom_site.Cartn_y 
_atom_site.Cartn_z 
_atom_site.occupancy 
_atom_site.B_iso_or_equiv 
_atom_site.pdbx_formal_charge 
_atom_site.auth_seq_id 
_atom_site.auth_comp_id 
_atom_site.auth_asym_id 
_atom_site.auth_atom_id 
_atom_site.pdbx_PDB_model_num 
ATOM   1    N N   . GLY A 1 22  ? -8.025  -25.761 -10.599 1.00 78.73 ? 22  GLY A N   1 
ATOM   2    C CA  . GLY A 1 22  ? -6.907  -24.938 -11.157 1.00 74.76 ? 22  GLY A CA  1 
ATOM   3    C C   . GLY A 1 22  ? -6.723  -23.630 -10.412 1.00 74.39 ? 22  GLY A C   1 
ATOM   4    O O   . GLY A 1 22  ? -5.805  -23.485 -9.613  1.00 59.51 ? 22  GLY A O   1 
ATOM   5    N N   . ASP A 1 23  ? -7.624  -22.681 -10.640 1.00 72.73 ? 23  ASP A N   1 
ATOM   6    C CA  . ASP A 1 23  ? -7.655  -21.462 -9.834  1.00 71.05 ? 23  ASP A CA  1 
ATOM   7    C C   . ASP A 1 23  ? -7.970  -21.759 -8.353  1.00 64.53 ? 23  ASP A C   1 
ATOM   8    O O   . ASP A 1 23  ? -7.686  -20.936 -7.494  1.00 49.74 ? 23  ASP A O   1 
ATOM   9    C CB  . ASP A 1 23  ? -8.652  -20.460 -10.409 1.00 68.59 ? 23  ASP A CB  1 
ATOM   10   N N   . ASP A 1 24  ? -8.566  -22.917 -8.065  1.00 54.51 ? 24  ASP A N   1 
ATOM   11   C CA  . ASP A 1 24  ? -8.840  -23.333 -6.687  1.00 52.05 ? 24  ASP A CA  1 
ATOM   12   C C   . ASP A 1 24  ? -7.542  -23.500 -5.896  1.00 47.00 ? 24  ASP A C   1 
ATOM   13   O O   . ASP A 1 24  ? -7.384  -22.946 -4.793  1.00 40.86 ? 24  ASP A O   1 
ATOM   14   C CB  . ASP A 1 24  ? -9.596  -24.669 -6.663  1.00 63.83 ? 24  ASP A CB  1 
ATOM   15   C CG  . ASP A 1 24  ? -11.087 -24.522 -6.928  1.00 72.66 ? 24  ASP A CG  1 
ATOM   16   O OD1 . ASP A 1 24  ? -11.502 -23.539 -7.581  1.00 70.99 ? 24  ASP A OD1 1 
ATOM   17   O OD2 . ASP A 1 24  ? -11.842 -25.424 -6.506  1.00 71.56 ? 24  ASP A OD2 1 
ATOM   18   N N   . ARG A 1 25  ? -6.628  -24.288 -6.452  1.00 39.67 ? 25  ARG A N   1 
ATOM   19   C CA  . ARG A 1 25  ? -5.395  -24.592 -5.770  1.00 37.59 ? 25  ARG A CA  1 
ATOM   20   C C   . ARG A 1 25  ? -4.455  -23.377 -5.748  1.00 32.79 ? 25  ARG A C   1 
ATOM   21   O O   . ARG A 1 25  ? -3.680  -23.240 -4.792  1.00 33.85 ? 25  ARG A O   1 
ATOM   22   C CB  . ARG A 1 25  ? -4.729  -25.841 -6.372  1.00 39.81 ? 25  ARG A CB  1 
ATOM   23   C CG  . ARG A 1 25  ? -5.489  -27.129 -6.013  1.00 43.02 ? 25  ARG A CG  1 
ATOM   24   C CD  . ARG A 1 25  ? -4.987  -28.355 -6.767  1.00 51.41 ? 25  ARG A CD  1 
ATOM   25   N NE  . ARG A 1 25  ? -5.313  -28.275 -8.184  1.00 55.15 ? 25  ARG A NE  1 
ATOM   26   C CZ  . ARG A 1 25  ? -4.953  -29.172 -9.097  1.00 58.77 ? 25  ARG A CZ  1 
ATOM   27   N NH1 . ARG A 1 25  ? -4.278  -30.258 -8.748  1.00 52.81 ? 25  ARG A NH1 1 
ATOM   28   N NH2 . ARG A 1 25  ? -5.305  -28.999 -10.366 1.00 66.50 ? 25  ARG A NH2 1 
ATOM   29   N N   . GLU A 1 26  ? -4.407  -22.581 -6.824  1.00 31.11 ? 26  GLU A N   1 
ATOM   30   C CA  . GLU A 1 26  ? -3.634  -21.322 -6.775  1.00 30.95 ? 26  GLU A CA  1 
ATOM   31   C C   . GLU A 1 26  ? -4.112  -20.441 -5.613  1.00 31.25 ? 26  GLU A C   1 
ATOM   32   O O   . GLU A 1 26  ? -3.296  -19.952 -4.833  1.00 29.10 ? 26  GLU A O   1 
ATOM   33   C CB  . GLU A 1 26  ? -3.722  -20.546 -8.080  1.00 35.36 ? 26  GLU A CB  1 
ATOM   34   C CG  . GLU A 1 26  ? -2.815  -19.326 -8.108  1.00 44.83 ? 26  GLU A CG  1 
ATOM   35   C CD  . GLU A 1 26  ? -3.139  -18.358 -9.233  1.00 58.53 ? 26  GLU A CD  1 
ATOM   36   O OE1 . GLU A 1 26  ? -3.952  -18.705 -10.117 1.00 62.83 ? 26  GLU A OE1 1 
ATOM   37   O OE2 . GLU A 1 26  ? -2.571  -17.242 -9.224  1.00 62.41 ? 26  GLU A OE2 1 
ATOM   38   N N   . LEU A 1 27  ? -5.423  -20.227 -5.530  1.00 31.37 ? 27  LEU A N   1 
ATOM   39   C CA  . LEU A 1 27  ? -6.015  -19.420 -4.448  1.00 30.89 ? 27  LEU A CA  1 
ATOM   40   C C   . LEU A 1 27  ? -5.702  -19.970 -3.077  1.00 33.27 ? 27  LEU A C   1 
ATOM   41   O O   . LEU A 1 27  ? -5.441  -19.218 -2.135  1.00 28.71 ? 27  LEU A O   1 
ATOM   42   C CB  . LEU A 1 27  ? -7.533  -19.319 -4.605  1.00 35.64 ? 27  LEU A CB  1 
ATOM   43   C CG  . LEU A 1 27  ? -8.043  -18.426 -5.713  1.00 37.58 ? 27  LEU A CG  1 
ATOM   44   C CD1 . LEU A 1 27  ? -9.551  -18.574 -5.845  1.00 43.50 ? 27  LEU A CD1 1 
ATOM   45   C CD2 . LEU A 1 27  ? -7.658  -16.981 -5.423  1.00 40.08 ? 27  LEU A CD2 1 
ATOM   46   N N   . ALA A 1 28  ? -5.709  -21.290 -2.942  1.00 28.52 ? 28  ALA A N   1 
ATOM   47   C CA  . ALA A 1 28  ? -5.372  -21.900 -1.682  1.00 28.18 ? 28  ALA A CA  1 
ATOM   48   C C   . ALA A 1 28  ? -3.899  -21.695 -1.304  1.00 25.49 ? 28  ALA A C   1 
ATOM   49   O O   . ALA A 1 28  ? -3.529  -21.598 -0.125  1.00 26.45 ? 28  ALA A O   1 
ATOM   50   C CB  . ALA A 1 28  ? -5.750  -23.400 -1.740  1.00 30.17 ? 28  ALA A CB  1 
ATOM   51   N N   . ILE A 1 29  ? -3.024  -21.702 -2.297  1.00 24.17 ? 29  ILE A N   1 
ATOM   52   C CA  . ILE A 1 29  ? -1.643  -21.445 -2.057  1.00 22.63 ? 29  ILE A CA  1 
ATOM   53   C C   . ILE A 1 29  ? -1.495  -20.001 -1.516  1.00 23.09 ? 29  ILE A C   1 
ATOM   54   O O   . ILE A 1 29  ? -0.789  -19.758 -0.537  1.00 22.45 ? 29  ILE A O   1 
ATOM   55   C CB  . ILE A 1 29  ? -0.781  -21.624 -3.339  1.00 22.08 ? 29  ILE A CB  1 
ATOM   56   C CG1 . ILE A 1 29  ? -0.773  -23.112 -3.781  1.00 23.91 ? 29  ILE A CG1 1 
ATOM   57   C CG2 . ILE A 1 29  ? 0.626   -21.150 -3.093  1.00 23.13 ? 29  ILE A CG2 1 
ATOM   58   C CD1 . ILE A 1 29  ? -0.313  -23.343 -5.219  1.00 23.91 ? 29  ILE A CD1 1 
ATOM   59   N N   . LEU A 1 30  ? -2.172  -19.096 -2.180  1.00 23.40 ? 30  LEU A N   1 
ATOM   60   C CA  . LEU A 1 30  ? -2.087  -17.668 -1.785  1.00 23.30 ? 30  LEU A CA  1 
ATOM   61   C C   . LEU A 1 30  ? -2.669  -17.425 -0.393  1.00 25.64 ? 30  LEU A C   1 
ATOM   62   O O   . LEU A 1 30  ? -2.011  -16.795 0.461   1.00 23.44 ? 30  LEU A O   1 
ATOM   63   C CB  . LEU A 1 30  ? -2.809  -16.851 -2.809  1.00 23.21 ? 30  LEU A CB  1 
ATOM   64   C CG  . LEU A 1 30  ? -2.096  -16.731 -4.164  1.00 26.27 ? 30  LEU A CG  1 
ATOM   65   C CD1 . LEU A 1 30  ? -3.043  -16.252 -5.244  1.00 28.43 ? 30  LEU A CD1 1 
ATOM   66   C CD2 . LEU A 1 30  ? -0.877  -15.844 -4.093  1.00 27.06 ? 30  LEU A CD2 1 
ATOM   67   N N   . ALA A 1 31  ? -3.777  -18.074 -0.104  1.00 24.58 ? 31  ALA A N   1 
ATOM   68   C CA  . ALA A 1 31  ? -4.352  -17.979 1.236   1.00 25.96 ? 31  ALA A CA  1 
ATOM   69   C C   . ALA A 1 31  ? -3.449  -18.562 2.325   1.00 28.02 ? 31  ALA A C   1 
ATOM   70   O O   . ALA A 1 31  ? -3.224  -17.966 3.403   1.00 26.75 ? 31  ALA A O   1 
ATOM   71   C CB  . ALA A 1 31  ? -5.717  -18.617 1.267   1.00 31.70 ? 31  ALA A CB  1 
ATOM   72   N N   . THR A 1 32  ? -2.847  -19.726 2.057   1.00 26.48 ? 32  THR A N   1 
ATOM   73   C CA  . THR A 1 32  ? -1.930  -20.345 2.984   1.00 27.47 ? 32  THR A CA  1 
ATOM   74   C C   . THR A 1 32  ? -0.746  -19.443 3.252   1.00 25.57 ? 32  THR A C   1 
ATOM   75   O O   . THR A 1 32  ? -0.366  -19.242 4.399   1.00 25.46 ? 32  THR A O   1 
ATOM   76   C CB  . THR A 1 32  ? -1.483  -21.749 2.451   1.00 27.69 ? 32  THR A CB  1 
ATOM   77   O OG1 . THR A 1 32  ? -2.636  -22.589 2.355   1.00 28.25 ? 32  THR A OG1 1 
ATOM   78   C CG2 . THR A 1 32  ? -0.414  -22.372 3.346   1.00 26.91 ? 32  THR A CG2 1 
ATOM   79   N N   . ALA A 1 33  ? -0.161  -18.866 2.195   1.00 25.09 ? 33  ALA A N   1 
ATOM   80   C CA  . ALA A 1 33  ? 0.983   -18.004 2.327   1.00 24.75 ? 33  ALA A CA  1 
ATOM   81   C C   . ALA A 1 33  ? 0.647   -16.767 3.216   1.00 23.35 ? 33  ALA A C   1 
ATOM   82   O O   . ALA A 1 33  ? 1.479   -16.398 4.060   1.00 24.99 ? 33  ALA A O   1 
ATOM   83   C CB  . ALA A 1 33  ? 1.460   -17.553 0.962   1.00 21.62 ? 33  ALA A CB  1 
ATOM   84   N N   . GLU A 1 34  ? -0.502  -16.170 2.957   1.00 23.82 ? 34  GLU A N   1 
ATOM   85   C CA  . GLU A 1 34  ? -0.904  -14.967 3.715   1.00 22.06 ? 34  GLU A CA  1 
ATOM   86   C C   . GLU A 1 34  ? -1.105  -15.320 5.182   1.00 26.26 ? 34  GLU A C   1 
ATOM   87   O O   . GLU A 1 34  ? -0.638  -14.575 6.056   1.00 28.40 ? 34  GLU A O   1 
ATOM   88   C CB  . GLU A 1 34  ? -2.145  -14.339 3.119   1.00 22.83 ? 34  GLU A CB  1 
ATOM   89   C CG  . GLU A 1 34  ? -2.581  -13.079 3.892   1.00 26.87 ? 34  GLU A CG  1 
ATOM   90   C CD  . GLU A 1 34  ? -3.455  -12.119 3.114   1.00 35.14 ? 34  GLU A CD  1 
ATOM   91   O OE1 . GLU A 1 34  ? -4.121  -12.532 2.168   1.00 31.70 ? 34  GLU A OE1 1 
ATOM   92   O OE2 . GLU A 1 34  ? -3.483  -10.893 3.426   1.00 28.25 ? 34  GLU A OE2 1 
ATOM   93   N N   . ASN A 1 35  ? -1.746  -16.465 5.454   1.00 25.56 ? 35  ASN A N   1 
ATOM   94   C CA  A ASN A 1 35  ? -1.911  -16.948 6.824   0.50 31.65 ? 35  ASN A CA  1 
ATOM   95   C CA  B ASN A 1 35  ? -1.903  -16.977 6.829   0.50 30.44 ? 35  ASN A CA  1 
ATOM   96   C C   . ASN A 1 35  ? -0.555  -17.242 7.503   1.00 31.72 ? 35  ASN A C   1 
ATOM   97   O O   . ASN A 1 35  ? -0.322  -16.841 8.637   1.00 34.96 ? 35  ASN A O   1 
ATOM   98   C CB  A ASN A 1 35  ? -2.827  -18.186 6.854   0.50 34.37 ? 35  ASN A CB  1 
ATOM   99   C CB  B ASN A 1 35  ? -2.752  -18.262 6.844   0.50 32.12 ? 35  ASN A CB  1 
ATOM   100  C CG  A ASN A 1 35  ? -4.306  -17.832 6.965   0.50 36.52 ? 35  ASN A CG  1 
ATOM   101  C CG  B ASN A 1 35  ? -2.950  -18.830 8.248   0.50 30.40 ? 35  ASN A CG  1 
ATOM   102  O OD1 A ASN A 1 35  ? -4.931  -18.070 8.000   0.50 42.38 ? 35  ASN A OD1 1 
ATOM   103  O OD1 B ASN A 1 35  ? -3.637  -18.237 9.067   0.50 35.19 ? 35  ASN A OD1 1 
ATOM   104  N ND2 A ASN A 1 35  ? -4.886  -17.324 5.887   0.50 41.05 ? 35  ASN A ND2 1 
ATOM   105  N ND2 B ASN A 1 35  ? -2.401  -20.013 8.503   0.50 36.41 ? 35  ASN A ND2 1 
ATOM   106  N N   . LEU A 1 36  ? 0.364   -17.935 6.826   1.00 28.66 ? 36  LEU A N   1 
ATOM   107  C CA  . LEU A 1 36  ? 1.650   -18.212 7.439   1.00 31.08 ? 36  LEU A CA  1 
ATOM   108  C C   . LEU A 1 36  ? 2.530   -16.974 7.660   1.00 32.23 ? 36  LEU A C   1 
ATOM   109  O O   . LEU A 1 36  ? 3.363   -16.971 8.550   1.00 31.88 ? 36  LEU A O   1 
ATOM   110  C CB  . LEU A 1 36  ? 2.419   -19.300 6.658   1.00 33.01 ? 36  LEU A CB  1 
ATOM   111  C CG  . LEU A 1 36  ? 1.710   -20.661 6.557   1.00 32.43 ? 36  LEU A CG  1 
ATOM   112  C CD1 . LEU A 1 36  ? 2.564   -21.658 5.780   1.00 31.77 ? 36  LEU A CD1 1 
ATOM   113  C CD2 . LEU A 1 36  ? 1.418   -21.264 7.927   1.00 37.65 ? 36  LEU A CD2 1 
ATOM   114  N N   . LEU A 1 37  ? 2.448   -15.973 6.772   1.00 26.86 ? 37  LEU A N   1 
ATOM   115  C CA  . LEU A 1 37  ? 3.279   -14.783 6.918   1.00 27.84 ? 37  LEU A CA  1 
ATOM   116  C C   . LEU A 1 37  ? 2.859   -13.934 8.133   1.00 28.24 ? 37  LEU A C   1 
ATOM   117  O O   . LEU A 1 37  ? 3.629   -13.124 8.587   1.00 33.27 ? 37  LEU A O   1 
ATOM   118  C CB  . LEU A 1 37  ? 3.220   -13.943 5.653   1.00 27.23 ? 37  LEU A CB  1 
ATOM   119  C CG  . LEU A 1 37  ? 4.037   -14.397 4.448   1.00 24.79 ? 37  LEU A CG  1 
ATOM   120  C CD1 . LEU A 1 37  ? 3.446   -13.765 3.186   1.00 24.66 ? 37  LEU A CD1 1 
ATOM   121  C CD2 . LEU A 1 37  ? 5.524   -14.138 4.642   1.00 26.63 ? 37  LEU A CD2 1 
ATOM   122  N N   . GLU A 1 38  ? 1.714   -14.225 8.699   1.00 28.71 ? 38  GLU A N   1 
ATOM   123  C CA  . GLU A 1 38  ? 1.369   -13.637 9.997   1.00 36.33 ? 38  GLU A CA  1 
ATOM   124  C C   . GLU A 1 38  ? 2.291   -14.055 11.128  1.00 44.37 ? 38  GLU A C   1 
ATOM   125  O O   . GLU A 1 38  ? 2.594   -13.246 12.000  1.00 41.15 ? 38  GLU A O   1 
ATOM   126  C CB  . GLU A 1 38  ? -0.083  -13.896 10.306  1.00 32.47 ? 38  GLU A CB  1 
ATOM   127  C CG  . GLU A 1 38  ? -0.945  -12.847 9.645   1.00 43.22 ? 38  GLU A CG  1 
ATOM   128  C CD  . GLU A 1 38  ? -2.263  -13.364 9.150   1.00 51.96 ? 38  GLU A CD  1 
ATOM   129  O OE1 . GLU A 1 38  ? -2.581  -13.121 7.955   1.00 59.29 ? 38  GLU A OE1 1 
ATOM   130  O OE2 . GLU A 1 38  ? -2.989  -13.971 9.962   1.00 60.31 ? 38  GLU A OE2 1 
ATOM   131  N N   . ASP A 1 39  ? 2.845   -15.260 11.026  1.00 45.99 ? 39  ASP A N   1 
ATOM   132  C CA  . ASP A 1 39  ? 3.567   -15.878 12.131  1.00 52.98 ? 39  ASP A CA  1 
ATOM   133  C C   . ASP A 1 39  ? 5.070   -15.828 11.940  1.00 43.55 ? 39  ASP A C   1 
ATOM   134  O O   . ASP A 1 39  ? 5.814   -15.798 12.912  1.00 38.88 ? 39  ASP A O   1 
ATOM   135  C CB  . ASP A 1 39  ? 3.095   -17.315 12.293  1.00 59.98 ? 39  ASP A CB  1 
ATOM   136  C CG  . ASP A 1 39  ? 1.584   -17.407 12.342  1.00 71.30 ? 39  ASP A CG  1 
ATOM   137  O OD1 . ASP A 1 39  ? 1.012   -16.929 13.346  1.00 67.04 ? 39  ASP A OD1 1 
ATOM   138  O OD2 . ASP A 1 39  ? 0.967   -17.813 11.330  1.00 72.02 ? 39  ASP A OD2 1 
ATOM   139  N N   . ARG A 1 40  ? 5.536   -15.812 10.698  1.00 38.03 ? 40  ARG A N   1 
ATOM   140  C CA  . ARG A 1 40  ? 6.971   -15.863 10.462  1.00 40.60 ? 40  ARG A CA  1 
ATOM   141  C C   . ARG A 1 40  ? 7.302   -15.226 9.140   1.00 36.21 ? 40  ARG A C   1 
ATOM   142  O O   . ARG A 1 40  ? 6.423   -15.074 8.316   1.00 38.73 ? 40  ARG A O   1 
ATOM   143  C CB  . ARG A 1 40  ? 7.460   -17.319 10.511  1.00 50.30 ? 40  ARG A CB  1 
ATOM   144  C CG  . ARG A 1 40  ? 6.465   -18.344 9.984   1.00 53.02 ? 40  ARG A CG  1 
ATOM   145  C CD  . ARG A 1 40  ? 6.711   -19.720 10.595  1.00 54.89 ? 40  ARG A CD  1 
ATOM   146  N NE  . ARG A 1 40  ? 6.728   -20.754 9.568   1.00 49.76 ? 40  ARG A NE  1 
ATOM   147  C CZ  . ARG A 1 40  ? 5.728   -21.587 9.299   1.00 46.11 ? 40  ARG A CZ  1 
ATOM   148  N NH1 . ARG A 1 40  ? 4.607   -21.568 9.999   1.00 45.32 ? 40  ARG A NH1 1 
ATOM   149  N NH2 . ARG A 1 40  ? 5.864   -22.467 8.318   1.00 55.24 ? 40  ARG A NH2 1 
ATOM   150  N N   . PRO A 1 41  ? 8.569   -14.842 8.932   1.00 37.90 ? 41  PRO A N   1 
ATOM   151  C CA  . PRO A 1 41  ? 9.007   -14.258 7.677   1.00 35.93 ? 41  PRO A CA  1 
ATOM   152  C C   . PRO A 1 41  ? 9.008   -15.293 6.551   1.00 35.70 ? 41  PRO A C   1 
ATOM   153  O O   . PRO A 1 41  ? 8.943   -16.490 6.836   1.00 38.00 ? 41  PRO A O   1 
ATOM   154  C CB  . PRO A 1 41  ? 10.427  -13.756 7.989   1.00 43.54 ? 41  PRO A CB  1 
ATOM   155  C CG  . PRO A 1 41  ? 10.874  -14.545 9.178   1.00 44.63 ? 41  PRO A CG  1 
ATOM   156  C CD  . PRO A 1 41  ? 9.626   -14.823 9.964   1.00 45.10 ? 41  PRO A CD  1 
ATOM   157  N N   . LEU A 1 42  ? 9.075   -14.835 5.301   1.00 37.16 ? 42  LEU A N   1 
ATOM   158  C CA  . LEU A 1 42  ? 9.053   -15.728 4.144   1.00 36.35 ? 42  LEU A CA  1 
ATOM   159  C C   . LEU A 1 42  ? 10.248  -16.710 4.192   1.00 43.68 ? 42  LEU A C   1 
ATOM   160  O O   . LEU A 1 42  ? 10.163  -17.821 3.664   1.00 40.62 ? 42  LEU A O   1 
ATOM   161  C CB  . LEU A 1 42  ? 9.116   -14.929 2.847   1.00 33.14 ? 42  LEU A CB  1 
ATOM   162  C CG  . LEU A 1 42  ? 8.903   -15.741 1.575   1.00 35.25 ? 42  LEU A CG  1 
ATOM   163  C CD1 . LEU A 1 42  ? 7.471   -16.248 1.501   1.00 35.33 ? 42  LEU A CD1 1 
ATOM   164  C CD2 . LEU A 1 42  ? 9.290   -14.916 0.359   1.00 43.10 ? 42  LEU A CD2 1 
ATOM   165  N N   . ALA A 1 43  ? 11.352  -16.278 4.795   1.00 45.14 ? 43  ALA A N   1 
ATOM   166  C CA  . ALA A 1 43  ? 12.568  -17.092 4.903   1.00 44.14 ? 43  ALA A CA  1 
ATOM   167  C C   . ALA A 1 43  ? 12.342  -18.372 5.713   1.00 47.54 ? 43  ALA A C   1 
ATOM   168  O O   . ALA A 1 43  ? 12.895  -19.416 5.374   1.00 51.58 ? 43  ALA A O   1 
ATOM   169  C CB  . ALA A 1 43  ? 13.695  -16.269 5.513   1.00 45.79 ? 43  ALA A CB  1 
ATOM   170  N N   . ASP A 1 44  ? 11.494  -18.297 6.740   1.00 43.34 ? 44  ASP A N   1 
ATOM   171  C CA  . ASP A 1 44  ? 11.175  -19.436 7.595   1.00 45.00 ? 44  ASP A CA  1 
ATOM   172  C C   . ASP A 1 44  ? 9.887   -20.159 7.185   1.00 40.39 ? 44  ASP A C   1 
ATOM   173  O O   . ASP A 1 44  ? 9.286   -20.867 7.988   1.00 45.81 ? 44  ASP A O   1 
ATOM   174  C CB  . ASP A 1 44  ? 11.024  -18.969 9.042   1.00 43.78 ? 44  ASP A CB  1 
ATOM   175  C CG  . ASP A 1 44  ? 12.241  -18.203 9.542   1.00 50.27 ? 44  ASP A CG  1 
ATOM   176  O OD1 . ASP A 1 44  ? 13.345  -18.377 8.977   1.00 48.56 ? 44  ASP A OD1 1 
ATOM   177  O OD2 . ASP A 1 44  ? 12.100  -17.435 10.517  1.00 57.48 ? 44  ASP A OD2 1 
ATOM   178  N N   . ILE A 1 45  ? 9.429   -19.916 5.961   1.00 40.95 ? 45  ILE A N   1 
ATOM   179  C CA  . ILE A 1 45  ? 8.308   -20.648 5.395   1.00 35.78 ? 45  ILE A CA  1 
ATOM   180  C C   . ILE A 1 45  ? 8.833   -21.428 4.193   1.00 34.49 ? 45  ILE A C   1 
ATOM   181  O O   . ILE A 1 45  ? 9.445   -20.855 3.297   1.00 36.14 ? 45  ILE A O   1 
ATOM   182  C CB  . ILE A 1 45  ? 7.200   -19.693 4.914   1.00 39.37 ? 45  ILE A CB  1 
ATOM   183  C CG1 . ILE A 1 45  ? 6.622   -18.903 6.095   1.00 37.42 ? 45  ILE A CG1 1 
ATOM   184  C CG2 . ILE A 1 45  ? 6.084   -20.469 4.227   1.00 35.76 ? 45  ILE A CG2 1 
ATOM   185  C CD1 . ILE A 1 45  ? 5.666   -17.804 5.658   1.00 34.66 ? 45  ILE A CD1 1 
ATOM   186  N N   . SER A 1 46  ? 8.615   -22.738 4.187   1.00 39.19 ? 46  SER A N   1 
ATOM   187  C CA  . SER A 1 46  ? 9.161   -23.577 3.119   1.00 39.91 ? 46  SER A CA  1 
ATOM   188  C C   . SER A 1 46  ? 8.091   -23.799 2.060   1.00 30.30 ? 46  SER A C   1 
ATOM   189  O O   . SER A 1 46  ? 6.899   -23.720 2.337   1.00 31.22 ? 46  SER A O   1 
ATOM   190  C CB  . SER A 1 46  ? 9.627   -24.934 3.684   1.00 39.67 ? 46  SER A CB  1 
ATOM   191  O OG  . SER A 1 46  ? 8.557   -25.544 4.378   1.00 37.14 ? 46  SER A OG  1 
ATOM   192  N N   . VAL A 1 47  ? 8.523   -24.177 0.857   1.00 34.58 ? 47  VAL A N   1 
ATOM   193  C CA  . VAL A 1 47  ? 7.579   -24.656 -0.155  1.00 33.41 ? 47  VAL A CA  1 
ATOM   194  C C   . VAL A 1 47  ? 6.759   -25.866 0.345   1.00 32.56 ? 47  VAL A C   1 
ATOM   195  O O   . VAL A 1 47  ? 5.566   -25.970 0.068   1.00 32.90 ? 47  VAL A O   1 
ATOM   196  C CB  . VAL A 1 47  ? 8.302   -24.991 -1.461  1.00 37.62 ? 47  VAL A CB  1 
ATOM   197  C CG1 . VAL A 1 47  ? 7.391   -25.748 -2.406  1.00 39.96 ? 47  VAL A CG1 1 
ATOM   198  C CG2 . VAL A 1 47  ? 8.817   -23.727 -2.123  1.00 42.70 ? 47  VAL A CG2 1 
ATOM   199  N N   . ASP A 1 48  ? 7.370   -26.742 1.144   1.00 36.65 ? 48  ASP A N   1 
ATOM   200  C CA  . ASP A 1 48  ? 6.592   -27.811 1.795   1.00 39.08 ? 48  ASP A CA  1 
ATOM   201  C C   . ASP A 1 48  ? 5.461   -27.301 2.696   1.00 40.02 ? 48  ASP A C   1 
ATOM   202  O O   . ASP A 1 48  ? 4.361   -27.872 2.696   1.00 34.51 ? 48  ASP A O   1 
ATOM   203  C CB  . ASP A 1 48  ? 7.499   -28.754 2.599   1.00 46.82 ? 48  ASP A CB  1 
ATOM   204  C CG  . ASP A 1 48  ? 8.357   -29.666 1.709   1.00 54.54 ? 48  ASP A CG  1 
ATOM   205  O OD1 . ASP A 1 48  ? 8.165   -29.711 0.462   1.00 56.24 ? 48  ASP A OD1 1 
ATOM   206  O OD2 . ASP A 1 48  ? 9.248   -30.329 2.274   1.00 65.28 ? 48  ASP A OD2 1 
ATOM   207  N N   . ASP A 1 49  ? 5.755   -26.264 3.498   1.00 36.83 ? 49  ASP A N   1 
ATOM   208  C CA  . ASP A 1 49  ? 4.746   -25.606 4.323   1.00 35.01 ? 49  ASP A CA  1 
ATOM   209  C C   . ASP A 1 49  ? 3.596   -25.069 3.486   1.00 26.50 ? 49  ASP A C   1 
ATOM   210  O O   . ASP A 1 49  ? 2.408   -25.235 3.832   1.00 29.86 ? 49  ASP A O   1 
ATOM   211  C CB  . ASP A 1 49  ? 5.358   -24.405 5.072   1.00 39.55 ? 49  ASP A CB  1 
ATOM   212  C CG  . ASP A 1 49  ? 6.314   -24.807 6.158   1.00 48.72 ? 49  ASP A CG  1 
ATOM   213  O OD1 . ASP A 1 49  ? 6.120   -25.885 6.766   1.00 43.61 ? 49  ASP A OD1 1 
ATOM   214  O OD2 . ASP A 1 49  ? 7.250   -24.005 6.424   1.00 55.37 ? 49  ASP A OD2 1 
ATOM   215  N N   . LEU A 1 50  ? 3.928   -24.427 2.360   1.00 27.72 ? 50  LEU A N   1 
ATOM   216  C CA  . LEU A 1 50  ? 2.874   -23.901 1.510   1.00 25.73 ? 50  LEU A CA  1 
ATOM   217  C C   . LEU A 1 50  ? 2.053   -24.992 0.864   1.00 24.04 ? 50  LEU A C   1 
ATOM   218  O O   . LEU A 1 50  ? 0.874   -24.916 0.779   1.00 24.95 ? 50  LEU A O   1 
ATOM   219  C CB  . LEU A 1 50  ? 3.431   -22.978 0.418   1.00 29.15 ? 50  LEU A CB  1 
ATOM   220  C CG  . LEU A 1 50  ? 4.082   -21.664 0.863   1.00 30.92 ? 50  LEU A CG  1 
ATOM   221  C CD1 . LEU A 1 50  ? 4.580   -20.845 -0.317  1.00 32.50 ? 50  LEU A CD1 1 
ATOM   222  C CD2 . LEU A 1 50  ? 3.053   -20.848 1.637   1.00 30.79 ? 50  LEU A CD2 1 
ATOM   223  N N   . ALA A 1 51  ? 2.737   -26.033 0.345   1.00 27.97 ? 51  ALA A N   1 
ATOM   224  C CA  . ALA A 1 51  ? 1.977   -27.108 -0.308  1.00 28.71 ? 51  ALA A CA  1 
ATOM   225  C C   . ALA A 1 51  ? 1.077   -27.883 0.662   1.00 24.50 ? 51  ALA A C   1 
ATOM   226  O O   . ALA A 1 51  ? -0.089  -28.075 0.395   1.00 27.00 ? 51  ALA A O   1 
ATOM   227  C CB  . ALA A 1 51  ? 2.931   -28.071 -1.020  1.00 28.65 ? 51  ALA A CB  1 
ATOM   228  N N   . LYS A 1 52  ? 1.613   -28.140 1.842   1.00 31.01 ? 52  LYS A N   1 
ATOM   229  C CA  . LYS A 1 52  ? 0.851   -28.808 2.898   1.00 35.48 ? 52  LYS A CA  1 
ATOM   230  C C   . LYS A 1 52  ? -0.408  -28.036 3.251   1.00 35.64 ? 52  LYS A C   1 
ATOM   231  O O   . LYS A 1 52  ? -1.511  -28.565 3.213   1.00 34.40 ? 52  LYS A O   1 
ATOM   232  C CB  . LYS A 1 52  ? 1.717   -28.992 4.137   1.00 41.31 ? 52  LYS A CB  1 
ATOM   233  C CG  . LYS A 1 52  ? 1.023   -29.766 5.240   1.00 55.06 ? 52  LYS A CG  1 
ATOM   234  C CD  . LYS A 1 52  ? 2.009   -30.557 6.075   1.00 60.87 ? 52  LYS A CD  1 
ATOM   235  C CE  . LYS A 1 52  ? 1.299   -31.315 7.181   1.00 71.42 ? 52  LYS A CE  1 
ATOM   236  N NZ  . LYS A 1 52  ? 1.025   -30.437 8.349   1.00 70.69 ? 52  LYS A NZ  1 
ATOM   237  N N   . GLY A 1 53  ? -0.251  -26.738 3.511   1.00 38.70 ? 53  GLY A N   1 
ATOM   238  C CA  . GLY A 1 53  ? -1.416  -25.893 3.806   1.00 32.24 ? 53  GLY A CA  1 
ATOM   239  C C   . GLY A 1 53  ? -2.436  -25.854 2.699   1.00 27.89 ? 53  GLY A C   1 
ATOM   240  O O   . GLY A 1 53  ? -3.641  -25.751 2.919   1.00 33.40 ? 53  GLY A O   1 
ATOM   241  N N   . ALA A 1 54  ? -1.981  -25.882 1.448   1.00 25.17 ? 54  ALA A N   1 
ATOM   242  C CA  . ALA A 1 54  ? -2.912  -25.789 0.346   1.00 23.81 ? 54  ALA A CA  1 
ATOM   243  C C   . ALA A 1 54  ? -3.568  -27.124 -0.104  1.00 25.32 ? 54  ALA A C   1 
ATOM   244  O O   . ALA A 1 54  ? -4.441  -27.178 -0.974  1.00 30.53 ? 54  ALA A O   1 
ATOM   245  C CB  . ALA A 1 54  ? -2.202  -25.138 -0.829  1.00 28.00 ? 54  ALA A CB  1 
ATOM   246  N N   . GLY A 1 55  ? -3.150  -28.182 0.562   1.00 28.02 ? 55  GLY A N   1 
ATOM   247  C CA  . GLY A 1 55  ? -3.673  -29.528 0.249   1.00 30.98 ? 55  GLY A CA  1 
ATOM   248  C C   . GLY A 1 55  ? -3.127  -30.196 -1.022  1.00 30.36 ? 55  GLY A C   1 
ATOM   249  O O   . GLY A 1 55  ? -3.829  -30.980 -1.646  1.00 30.54 ? 55  GLY A O   1 
ATOM   250  N N   . ILE A 1 56  ? -1.895  -29.878 -1.371  1.00 25.96 ? 56  ILE A N   1 
ATOM   251  C CA  . ILE A 1 56  ? -1.272  -30.302 -2.634  1.00 25.25 ? 56  ILE A CA  1 
ATOM   252  C C   . ILE A 1 56  ? 0.089   -30.843 -2.372  1.00 21.41 ? 56  ILE A C   1 
ATOM   253  O O   . ILE A 1 56  ? 0.744   -30.631 -1.361  1.00 24.44 ? 56  ILE A O   1 
ATOM   254  C CB  . ILE A 1 56  ? -1.187  -29.148 -3.668  1.00 24.05 ? 56  ILE A CB  1 
ATOM   255  C CG1 . ILE A 1 56  ? -0.274  -28.015 -3.183  1.00 25.31 ? 56  ILE A CG1 1 
ATOM   256  C CG2 . ILE A 1 56  ? -2.564  -28.689 -4.088  1.00 26.25 ? 56  ILE A CG2 1 
ATOM   257  C CD1 . ILE A 1 56  ? -0.099  -26.890 -4.188  1.00 25.54 ? 56  ILE A CD1 1 
ATOM   258  N N   . SER A 1 57  ? 0.642   -31.511 -3.402  1.00 22.72 ? 57  SER A N   1 
ATOM   259  C CA  . SER A 1 57  ? 2.048   -31.876 -3.308  1.00 21.97 ? 57  SER A CA  1 
ATOM   260  C C   . SER A 1 57  ? 3.018   -30.782 -3.692  1.00 23.80 ? 57  SER A C   1 
ATOM   261  O O   . SER A 1 57  ? 2.658   -29.811 -4.349  1.00 23.43 ? 57  SER A O   1 
ATOM   262  C CB  . SER A 1 57  ? 2.298   -33.110 -4.217  1.00 21.68 ? 57  SER A CB  1 
ATOM   263  O OG  . SER A 1 57  ? 2.284   -32.700 -5.578  1.00 21.73 ? 57  SER A OG  1 
ATOM   264  N N   . ARG A 1 58  ? 4.283   -30.960 -3.344  1.00 23.18 ? 58  ARG A N   1 
ATOM   265  C CA  . ARG A 1 58  ? 5.352   -30.116 -3.757  1.00 24.53 ? 58  ARG A CA  1 
ATOM   266  C C   . ARG A 1 58  ? 5.416   -29.896 -5.264  1.00 24.91 ? 58  ARG A C   1 
ATOM   267  O O   . ARG A 1 58  ? 5.498   -28.775 -5.757  1.00 24.18 ? 58  ARG A O   1 
ATOM   268  C CB  . ARG A 1 58  ? 6.661   -30.633 -3.167  1.00 33.70 ? 58  ARG A CB  1 
ATOM   269  C CG  . ARG A 1 58  ? 7.836   -29.685 -3.266  1.00 41.19 ? 58  ARG A CG  1 
ATOM   270  C CD  . ARG A 1 58  ? 9.150   -30.324 -2.821  1.00 49.14 ? 58  ARG A CD  1 
ATOM   271  N NE  . ARG A 1 58  ? 10.300  -29.532 -3.273  1.00 51.43 ? 58  ARG A NE  1 
ATOM   272  C CZ  . ARG A 1 58  ? 10.913  -28.601 -2.539  1.00 56.35 ? 58  ARG A CZ  1 
ATOM   273  N NH1 . ARG A 1 58  ? 10.540  -28.389 -1.284  1.00 48.20 ? 58  ARG A NH1 1 
ATOM   274  N NH2 . ARG A 1 58  ? 11.937  -27.909 -3.040  1.00 48.43 ? 58  ARG A NH2 1 
ATOM   275  N N   . PRO A 1 59  ? 5.457   -30.991 -6.071  1.00 21.48 ? 59  PRO A N   1 
ATOM   276  C CA  . PRO A 1 59  ? 5.574   -30.671 -7.462  1.00 20.00 ? 59  PRO A CA  1 
ATOM   277  C C   . PRO A 1 59  ? 4.346   -30.024 -8.074  1.00 17.96 ? 59  PRO A C   1 
ATOM   278  O O   . PRO A 1 59  ? 4.465   -29.280 -9.025  1.00 19.16 ? 59  PRO A O   1 
ATOM   279  C CB  . PRO A 1 59  ? 5.838   -32.056 -8.145  1.00 22.99 ? 59  PRO A CB  1 
ATOM   280  C CG  . PRO A 1 59  ? 5.417   -33.004 -7.143  1.00 23.18 ? 59  PRO A CG  1 
ATOM   281  C CD  . PRO A 1 59  ? 5.724   -32.414 -5.783  1.00 26.10 ? 59  PRO A CD  1 
ATOM   282  N N   . THR A 1 60  ? 3.184   -30.282 -7.479  1.00 18.54 ? 60  THR A N   1 
ATOM   283  C CA  . THR A 1 60  ? 1.994   -29.571 -7.899  1.00 19.03 ? 60  THR A CA  1 
ATOM   284  C C   . THR A 1 60  ? 2.100   -28.034 -7.564  1.00 19.91 ? 60  THR A C   1 
ATOM   285  O O   . THR A 1 60  ? 1.704   -27.229 -8.423  1.00 21.67 ? 60  THR A O   1 
ATOM   286  C CB  . THR A 1 60  ? 0.745   -30.190 -7.310  1.00 20.01 ? 60  THR A CB  1 
ATOM   287  O OG1 . THR A 1 60  ? 0.539   -31.547 -7.827  1.00 20.02 ? 60  THR A OG1 1 
ATOM   288  C CG2 . THR A 1 60  ? -0.493  -29.340 -7.626  1.00 20.46 ? 60  THR A CG2 1 
ATOM   289  N N   . PHE A 1 61  ? 2.722   -27.696 -6.440  1.00 20.10 ? 61  PHE A N   1 
ATOM   290  C CA  . PHE A 1 61  ? 3.046   -26.251 -6.117  1.00 19.00 ? 61  PHE A CA  1 
ATOM   291  C C   . PHE A 1 61  ? 3.813   -25.662 -7.260  1.00 24.03 ? 61  PHE A C   1 
ATOM   292  O O   . PHE A 1 61  ? 3.501   -24.525 -7.711  1.00 25.16 ? 61  PHE A O   1 
ATOM   293  C CB  . PHE A 1 61  ? 3.862   -26.162 -4.854  1.00 21.89 ? 61  PHE A CB  1 
ATOM   294  C CG  . PHE A 1 61  ? 4.415   -24.766 -4.585  1.00 24.91 ? 61  PHE A CG  1 
ATOM   295  C CD1 . PHE A 1 61  ? 3.657   -23.839 -3.873  1.00 28.62 ? 61  PHE A CD1 1 
ATOM   296  C CD2 . PHE A 1 61  ? 5.629   -24.376 -5.092  1.00 32.66 ? 61  PHE A CD2 1 
ATOM   297  C CE1 . PHE A 1 61  ? 4.119   -22.534 -3.706  1.00 26.85 ? 61  PHE A CE1 1 
ATOM   298  C CE2 . PHE A 1 61  ? 6.123   -23.093 -4.883  1.00 29.79 ? 61  PHE A CE2 1 
ATOM   299  C CZ  . PHE A 1 61  ? 5.333   -22.164 -4.219  1.00 31.14 ? 61  PHE A CZ  1 
ATOM   300  N N   . TYR A 1 62  ? 4.909   -26.340 -7.685  1.00 23.59 ? 62  TYR A N   1 
ATOM   301  C CA  . TYR A 1 62  ? 5.800   -25.783 -8.675  1.00 25.69 ? 62  TYR A CA  1 
ATOM   302  C C   . TYR A 1 62  ? 5.150   -25.631 -10.039 1.00 22.15 ? 62  TYR A C   1 
ATOM   303  O O   . TYR A 1 62  ? 5.685   -24.954 -10.924 1.00 28.39 ? 62  TYR A O   1 
ATOM   304  C CB  . TYR A 1 62  ? 7.091   -26.585 -8.804  1.00 27.03 ? 62  TYR A CB  1 
ATOM   305  C CG  . TYR A 1 62  ? 8.054   -26.384 -7.667  1.00 29.27 ? 62  TYR A CG  1 
ATOM   306  C CD1 . TYR A 1 62  ? 8.620   -25.115 -7.439  1.00 25.88 ? 62  TYR A CD1 1 
ATOM   307  C CD2 . TYR A 1 62  ? 8.292   -27.358 -6.748  1.00 31.64 ? 62  TYR A CD2 1 
ATOM   308  C CE1 . TYR A 1 62  ? 9.543   -24.944 -6.408  1.00 30.11 ? 62  TYR A CE1 1 
ATOM   309  C CE2 . TYR A 1 62  ? 9.186   -27.165 -5.701  1.00 37.64 ? 62  TYR A CE2 1 
ATOM   310  C CZ  . TYR A 1 62  ? 9.761   -25.918 -5.511  1.00 29.89 ? 62  TYR A CZ  1 
ATOM   311  O OH  . TYR A 1 62  ? 10.636  -25.764 -4.437  1.00 37.62 ? 62  TYR A OH  1 
ATOM   312  N N   . PHE A 1 63  ? 4.024   -26.290 -10.287 1.00 23.70 ? 63  PHE A N   1 
ATOM   313  C CA  . PHE A 1 63  ? 3.200   -26.002 -11.432 1.00 23.34 ? 63  PHE A CA  1 
ATOM   314  C C   . PHE A 1 63  ? 2.643   -24.573 -11.420 1.00 27.55 ? 63  PHE A C   1 
ATOM   315  O O   . PHE A 1 63  ? 2.445   -23.964 -12.475 1.00 29.51 ? 63  PHE A O   1 
ATOM   316  C CB  . PHE A 1 63  ? 2.051   -27.022 -11.593 1.00 25.57 ? 63  PHE A CB  1 
ATOM   317  C CG  . PHE A 1 63  ? 1.217   -26.816 -12.811 1.00 25.64 ? 63  PHE A CG  1 
ATOM   318  C CD1 . PHE A 1 63  ? 1.697   -27.169 -14.085 1.00 28.54 ? 63  PHE A CD1 1 
ATOM   319  C CD2 . PHE A 1 63  ? -0.054  -26.279 -12.711 1.00 30.42 ? 63  PHE A CD2 1 
ATOM   320  C CE1 . PHE A 1 63  ? 0.914   -26.967 -15.206 1.00 27.05 ? 63  PHE A CE1 1 
ATOM   321  C CE2 . PHE A 1 63  ? -0.839  -26.072 -13.830 1.00 35.40 ? 63  PHE A CE2 1 
ATOM   322  C CZ  . PHE A 1 63  ? -0.390  -26.477 -15.070 1.00 31.68 ? 63  PHE A CZ  1 
ATOM   323  N N   . TYR A 1 64  ? 2.146   -24.163 -10.247 1.00 26.40 ? 64  TYR A N   1 
ATOM   324  C CA  . TYR A 1 64  ? 1.446   -22.864 -10.082 1.00 29.61 ? 64  TYR A CA  1 
ATOM   325  C C   . TYR A 1 64  ? 2.388   -21.683 -9.841  1.00 26.41 ? 64  TYR A C   1 
ATOM   326  O O   . TYR A 1 64  ? 2.086   -20.589 -10.282 1.00 32.50 ? 64  TYR A O   1 
ATOM   327  C CB  . TYR A 1 64  ? 0.468   -22.966 -8.915  1.00 24.10 ? 64  TYR A CB  1 
ATOM   328  C CG  . TYR A 1 64  ? -0.721  -23.843 -9.229  1.00 26.71 ? 64  TYR A CG  1 
ATOM   329  C CD1 . TYR A 1 64  ? -1.687  -23.433 -10.110 1.00 27.54 ? 64  TYR A CD1 1 
ATOM   330  C CD2 . TYR A 1 64  ? -0.812  -25.140 -8.725  1.00 27.04 ? 64  TYR A CD2 1 
ATOM   331  C CE1 . TYR A 1 64  ? -2.763  -24.234 -10.435 1.00 32.19 ? 64  TYR A CE1 1 
ATOM   332  C CE2 . TYR A 1 64  ? -1.880  -25.953 -9.062  1.00 26.54 ? 64  TYR A CE2 1 
ATOM   333  C CZ  . TYR A 1 64  ? -2.839  -25.514 -9.953  1.00 30.45 ? 64  TYR A CZ  1 
ATOM   334  O OH  . TYR A 1 64  ? -3.907  -26.325 -10.224 1.00 34.44 ? 64  TYR A OH  1 
ATOM   335  N N   . PHE A 1 65  ? 3.489   -21.896 -9.149  1.00 25.72 ? 65  PHE A N   1 
ATOM   336  C CA  . PHE A 1 65  ? 4.431   -20.833 -8.867  1.00 26.18 ? 65  PHE A CA  1 
ATOM   337  C C   . PHE A 1 65  ? 5.838   -21.362 -9.010  1.00 34.75 ? 65  PHE A C   1 
ATOM   338  O O   . PHE A 1 65  ? 6.149   -22.472 -8.549  1.00 30.42 ? 65  PHE A O   1 
ATOM   339  C CB  . PHE A 1 65  ? 4.229   -20.278 -7.430  1.00 24.79 ? 65  PHE A CB  1 
ATOM   340  C CG  . PHE A 1 65  ? 2.908   -19.599 -7.240  1.00 25.32 ? 65  PHE A CG  1 
ATOM   341  C CD1 . PHE A 1 65  ? 2.723   -18.242 -7.605  1.00 25.70 ? 65  PHE A CD1 1 
ATOM   342  C CD2 . PHE A 1 65  ? 1.847   -20.254 -6.663  1.00 24.16 ? 65  PHE A CD2 1 
ATOM   343  C CE1 . PHE A 1 65  ? 1.484   -17.658 -7.471  1.00 25.46 ? 65  PHE A CE1 1 
ATOM   344  C CE2 . PHE A 1 65  ? 0.599   -19.697 -6.597  1.00 25.42 ? 65  PHE A CE2 1 
ATOM   345  C CZ  . PHE A 1 65  ? 0.439   -18.357 -6.880  1.00 27.56 ? 65  PHE A CZ  1 
ATOM   346  N N   . PRO A 1 66  ? 6.727   -20.558 -9.606  1.00 31.28 ? 66  PRO A N   1 
ATOM   347  C CA  . PRO A 1 66  ? 8.112   -20.988 -9.665  1.00 34.34 ? 66  PRO A CA  1 
ATOM   348  C C   . PRO A 1 66  ? 8.850   -21.055 -8.333  1.00 35.91 ? 66  PRO A C   1 
ATOM   349  O O   . PRO A 1 66  ? 9.826   -21.770 -8.215  1.00 41.71 ? 66  PRO A O   1 
ATOM   350  C CB  . PRO A 1 66  ? 8.756   -19.976 -10.640 1.00 36.40 ? 66  PRO A CB  1 
ATOM   351  C CG  . PRO A 1 66  ? 7.832   -18.802 -10.705 1.00 39.52 ? 66  PRO A CG  1 
ATOM   352  C CD  . PRO A 1 66  ? 6.478   -19.262 -10.270 1.00 34.88 ? 66  PRO A CD  1 
ATOM   353  N N   . SER A 1 67  ? 8.395   -20.303 -7.311  1.00 30.56 ? 67  SER A N   1 
ATOM   354  C CA  . SER A 1 67  ? 9.131   -20.166 -6.045  1.00 29.57 ? 67  SER A CA  1 
ATOM   355  C C   . SER A 1 67  ? 8.194   -19.530 -4.979  1.00 27.77 ? 67  SER A C   1 
ATOM   356  O O   . SER A 1 67  ? 7.141   -19.060 -5.340  1.00 25.18 ? 67  SER A O   1 
ATOM   357  C CB  . SER A 1 67  ? 10.346  -19.263 -6.245  1.00 35.35 ? 67  SER A CB  1 
ATOM   358  O OG  . SER A 1 67  ? 9.899   -17.923 -6.506  1.00 35.53 ? 67  SER A OG  1 
ATOM   359  N N   . LYS A 1 68  ? 8.560   -19.613 -3.705  1.00 31.16 ? 68  LYS A N   1 
ATOM   360  C CA  . LYS A 1 68  ? 7.796   -18.927 -2.646  1.00 32.89 ? 68  LYS A CA  1 
ATOM   361  C C   . LYS A 1 68  ? 7.855   -17.393 -2.813  1.00 33.68 ? 68  LYS A C   1 
ATOM   362  O O   . LYS A 1 68  ? 6.886   -16.682 -2.461  1.00 28.40 ? 68  LYS A O   1 
ATOM   363  C CB  . LYS A 1 68  ? 8.262   -19.340 -1.255  1.00 33.87 ? 68  LYS A CB  1 
ATOM   364  C CG  . LYS A 1 68  ? 9.660   -18.902 -0.864  1.00 41.08 ? 68  LYS A CG  1 
ATOM   365  C CD  . LYS A 1 68  ? 10.056  -19.586 0.435   1.00 40.32 ? 68  LYS A CD  1 
ATOM   366  C CE  . LYS A 1 68  ? 11.531  -19.387 0.753   1.00 41.14 ? 68  LYS A CE  1 
ATOM   367  N NZ  . LYS A 1 68  ? 11.855  -19.838 2.131   1.00 42.85 ? 68  LYS A NZ  1 
ATOM   368  N N   . GLU A 1 69  ? 8.940   -16.902 -3.407  1.00 32.20 ? 69  GLU A N   1 
ATOM   369  C CA  . GLU A 1 69  ? 9.078   -15.451 -3.650  1.00 29.97 ? 69  GLU A CA  1 
ATOM   370  C C   . GLU A 1 69  ? 8.015   -15.018 -4.624  1.00 31.31 ? 69  GLU A C   1 
ATOM   371  O O   . GLU A 1 69  ? 7.420   -13.941 -4.522  1.00 28.19 ? 69  GLU A O   1 
ATOM   372  C CB  . GLU A 1 69  ? 10.457  -15.136 -4.249  1.00 31.97 ? 69  GLU A CB  1 
ATOM   373  C CG  . GLU A 1 69  ? 11.607  -15.242 -3.258  1.00 35.19 ? 69  GLU A CG  1 
ATOM   374  C CD  . GLU A 1 69  ? 11.965  -16.664 -2.837  1.00 44.23 ? 69  GLU A CD  1 
ATOM   375  O OE1 . GLU A 1 69  ? 11.630  -17.632 -3.568  1.00 38.78 ? 69  GLU A OE1 1 
ATOM   376  O OE2 . GLU A 1 69  ? 12.614  -16.801 -1.777  1.00 46.53 ? 69  GLU A OE2 1 
ATOM   377  N N   . ALA A 1 70  ? 7.743   -15.851 -5.613  1.00 25.84 ? 70  ALA A N   1 
ATOM   378  C CA  . ALA A 1 70  ? 6.731   -15.546 -6.557  1.00 23.15 ? 70  ALA A CA  1 
ATOM   379  C C   . ALA A 1 70  ? 5.330   -15.451 -5.935  1.00 22.49 ? 70  ALA A C   1 
ATOM   380  O O   . ALA A 1 70  ? 4.436   -14.761 -6.435  1.00 24.48 ? 70  ALA A O   1 
ATOM   381  C CB  . ALA A 1 70  ? 6.742   -16.589 -7.669  1.00 29.67 ? 70  ALA A CB  1 
ATOM   382  N N   . VAL A 1 71  ? 5.095   -16.285 -4.933  1.00 22.53 ? 71  VAL A N   1 
ATOM   383  C CA  . VAL A 1 71  ? 3.839   -16.262 -4.219  1.00 23.33 ? 71  VAL A CA  1 
ATOM   384  C C   . VAL A 1 71  ? 3.653   -14.885 -3.525  1.00 20.71 ? 71  VAL A C   1 
ATOM   385  O O   . VAL A 1 71  ? 2.588   -14.301 -3.662  1.00 21.15 ? 71  VAL A O   1 
ATOM   386  C CB  . VAL A 1 71  ? 3.716   -17.398 -3.205  1.00 23.07 ? 71  VAL A CB  1 
ATOM   387  C CG1 . VAL A 1 71  ? 2.391   -17.340 -2.453  1.00 23.74 ? 71  VAL A CG1 1 
ATOM   388  C CG2 . VAL A 1 71  ? 3.791   -18.778 -3.937  1.00 22.24 ? 71  VAL A CG2 1 
ATOM   389  N N   . LEU A 1 72  ? 4.704   -14.451 -2.870  1.00 23.74 ? 72  LEU A N   1 
ATOM   390  C CA  . LEU A 1 72  ? 4.674   -13.119 -2.169  1.00 22.95 ? 72  LEU A CA  1 
ATOM   391  C C   . LEU A 1 72  ? 4.459   -11.984 -3.196  1.00 24.61 ? 72  LEU A C   1 
ATOM   392  O O   . LEU A 1 72  ? 3.588   -11.110 -2.991  1.00 22.69 ? 72  LEU A O   1 
ATOM   393  C CB  . LEU A 1 72  ? 5.931   -12.905 -1.390  1.00 25.68 ? 72  LEU A CB  1 
ATOM   394  C CG  . LEU A 1 72  ? 6.011   -11.455 -0.825  1.00 24.36 ? 72  LEU A CG  1 
ATOM   395  C CD1 . LEU A 1 72  ? 4.875   -11.209 0.160   1.00 25.51 ? 72  LEU A CD1 1 
ATOM   396  C CD2 . LEU A 1 72  ? 7.374   -11.299 -0.170  1.00 30.85 ? 72  LEU A CD2 1 
ATOM   397  N N   . LEU A 1 73  ? 5.133   -12.039 -4.352  1.00 22.77 ? 73  LEU A N   1 
ATOM   398  C CA  . LEU A 1 73  ? 4.874   -11.096 -5.411  1.00 22.52 ? 73  LEU A CA  1 
ATOM   399  C C   . LEU A 1 73  ? 3.431   -11.012 -5.837  1.00 23.58 ? 73  LEU A C   1 
ATOM   400  O O   . LEU A 1 73  ? 2.842   -9.920  -5.957  1.00 23.09 ? 73  LEU A O   1 
ATOM   401  C CB  . LEU A 1 73  ? 5.824   -11.343 -6.609  1.00 23.94 ? 73  LEU A CB  1 
ATOM   402  C CG  . LEU A 1 73  ? 5.664   -10.403 -7.784  1.00 26.89 ? 73  LEU A CG  1 
ATOM   403  C CD1 . LEU A 1 73  ? 6.128   -8.995  -7.434  1.00 27.37 ? 73  LEU A CD1 1 
ATOM   404  C CD2 . LEU A 1 73  ? 6.492   -10.888 -8.959  1.00 27.35 ? 73  LEU A CD2 1 
ATOM   405  N N   . THR A 1 74  ? 2.751   -12.153 -5.986  1.00 22.75 ? 74  THR A N   1 
ATOM   406  C CA  . THR A 1 74  ? 1.386   -12.153 -6.408  1.00 20.87 ? 74  THR A CA  1 
ATOM   407  C C   . THR A 1 74  ? 0.479   -11.621 -5.300  1.00 21.04 ? 74  THR A C   1 
ATOM   408  O O   . THR A 1 74  ? -0.487  -10.937 -5.596  1.00 22.99 ? 74  THR A O   1 
ATOM   409  C CB  . THR A 1 74  ? 0.986   -13.618 -6.784  1.00 24.63 ? 74  THR A CB  1 
ATOM   410  O OG1 . THR A 1 74  ? 1.866   -14.059 -7.851  1.00 27.81 ? 74  THR A OG1 1 
ATOM   411  C CG2 . THR A 1 74  ? -0.393  -13.720 -7.219  1.00 27.40 ? 74  THR A CG2 1 
ATOM   412  N N   . LEU A 1 75  ? 0.772   -11.978 -4.049  1.00 22.16 ? 75  LEU A N   1 
ATOM   413  C CA  . LEU A 1 75  ? 0.031   -11.426 -2.900  1.00 21.77 ? 75  LEU A CA  1 
ATOM   414  C C   . LEU A 1 75  ? 0.126   -9.878  -2.864  1.00 18.63 ? 75  LEU A C   1 
ATOM   415  O O   . LEU A 1 75  ? -0.896  -9.229  -2.736  1.00 19.88 ? 75  LEU A O   1 
ATOM   416  C CB  . LEU A 1 75  ? 0.529   -11.987 -1.573  1.00 21.66 ? 75  LEU A CB  1 
ATOM   417  C CG  . LEU A 1 75  ? 0.137   -13.443 -1.240  1.00 25.31 ? 75  LEU A CG  1 
ATOM   418  C CD1 . LEU A 1 75  ? 0.846   -13.963 -0.024  1.00 28.21 ? 75  LEU A CD1 1 
ATOM   419  C CD2 . LEU A 1 75  ? -1.365  -13.549 -1.113  1.00 23.86 ? 75  LEU A CD2 1 
ATOM   420  N N   . LEU A 1 76  ? 1.311   -9.385  -3.082  1.00 20.90 ? 76  LEU A N   1 
ATOM   421  C CA  . LEU A 1 76  ? 1.524   -7.926  -3.017  1.00 20.16 ? 76  LEU A CA  1 
ATOM   422  C C   . LEU A 1 76  ? 0.839   -7.248  -4.188  1.00 21.17 ? 76  LEU A C   1 
ATOM   423  O O   . LEU A 1 76  ? 0.145   -6.190  -4.055  1.00 19.25 ? 76  LEU A O   1 
ATOM   424  C CB  . LEU A 1 76  ? 2.999   -7.602  -2.981  1.00 22.21 ? 76  LEU A CB  1 
ATOM   425  C CG  . LEU A 1 76  ? 3.318   -6.104  -2.858  1.00 24.53 ? 76  LEU A CG  1 
ATOM   426  C CD1 . LEU A 1 76  ? 2.757   -5.539  -1.544  1.00 26.80 ? 76  LEU A CD1 1 
ATOM   427  C CD2 . LEU A 1 76  ? 4.810   -5.893  -2.895  1.00 25.84 ? 76  LEU A CD2 1 
ATOM   428  N N   . ASP A 1 77  ? 0.919   -7.863  -5.374  1.00 20.96 ? 77  ASP A N   1 
ATOM   429  C CA  . ASP A 1 77  ? 0.236   -7.330  -6.508  1.00 20.34 ? 77  ASP A CA  1 
ATOM   430  C C   . ASP A 1 77  ? -1.268  -7.182  -6.270  1.00 19.69 ? 77  ASP A C   1 
ATOM   431  O O   . ASP A 1 77  ? -1.926  -6.204  -6.675  1.00 22.19 ? 77  ASP A O   1 
ATOM   432  C CB  . ASP A 1 77  ? 0.545   -8.194  -7.746  1.00 25.35 ? 77  ASP A CB  1 
ATOM   433  C CG  . ASP A 1 77  ? -0.156  -7.721  -8.978  1.00 29.57 ? 77  ASP A CG  1 
ATOM   434  O OD1 . ASP A 1 77  ? -1.370  -7.976  -9.125  1.00 39.04 ? 77  ASP A OD1 1 
ATOM   435  O OD2 . ASP A 1 77  ? 0.479   -7.005  -9.760  1.00 38.28 ? 77  ASP A OD2 1 
ATOM   436  N N   . ARG A 1 78  ? -1.875  -8.233  -5.669  1.00 19.76 ? 78  ARG A N   1 
ATOM   437  C CA  . ARG A 1 78  ? -3.294  -8.156  -5.376  1.00 21.99 ? 78  ARG A CA  1 
ATOM   438  C C   . ARG A 1 78  ? -3.646  -6.964  -4.405  1.00 18.83 ? 78  ARG A C   1 
ATOM   439  O O   . ARG A 1 78  ? -4.617  -6.273  -4.610  1.00 20.81 ? 78  ARG A O   1 
ATOM   440  C CB  . ARG A 1 78  ? -3.764  -9.518  -4.775  1.00 27.08 ? 78  ARG A CB  1 
ATOM   441  C CG  . ARG A 1 78  ? -5.255  -9.596  -4.522  1.00 38.59 ? 78  ARG A CG  1 
ATOM   442  C CD  . ARG A 1 78  ? -5.700  -10.928 -3.904  1.00 49.34 ? 78  ARG A CD  1 
ATOM   443  N NE  . ARG A 1 78  ? -5.057  -11.227 -2.617  1.00 64.91 ? 78  ARG A NE  1 
ATOM   444  C CZ  . ARG A 1 78  ? -5.307  -10.606 -1.462  1.00 67.26 ? 78  ARG A CZ  1 
ATOM   445  N NH1 . ARG A 1 78  ? -6.196  -9.613  -1.391  1.00 74.48 ? 78  ARG A NH1 1 
ATOM   446  N NH2 . ARG A 1 78  ? -4.651  -10.975 -0.365  1.00 53.90 ? 78  ARG A NH2 1 
ATOM   447  N N   . VAL A 1 79  ? -2.817  -6.819  -3.361  1.00 20.59 ? 79  VAL A N   1 
ATOM   448  C CA  . VAL A 1 79  ? -3.082  -5.729  -2.355  1.00 19.29 ? 79  VAL A CA  1 
ATOM   449  C C   . VAL A 1 79  ? -2.906  -4.311  -2.963  1.00 19.33 ? 79  VAL A C   1 
ATOM   450  O O   . VAL A 1 79  ? -3.788  -3.450  -2.829  1.00 19.60 ? 79  VAL A O   1 
ATOM   451  C CB  . VAL A 1 79  ? -2.161  -5.937  -1.160  1.00 22.14 ? 79  VAL A CB  1 
ATOM   452  C CG1 . VAL A 1 79  ? -2.340  -4.782  -0.186  1.00 24.47 ? 79  VAL A CG1 1 
ATOM   453  C CG2 . VAL A 1 79  ? -2.496  -7.221  -0.439  1.00 25.43 ? 79  VAL A CG2 1 
ATOM   454  N N   . VAL A 1 80  ? -1.845  -4.152  -3.763  1.00 18.18 ? 80  VAL A N   1 
ATOM   455  C CA  A VAL A 1 80  ? -1.578  -2.896  -4.392  0.50 19.54 ? 80  VAL A CA  1 
ATOM   456  C CA  B VAL A 1 80  ? -1.595  -2.859  -4.413  0.50 19.56 ? 80  VAL A CA  1 
ATOM   457  C C   . VAL A 1 80  ? -2.679  -2.500  -5.389  1.00 20.29 ? 80  VAL A C   1 
ATOM   458  O O   . VAL A 1 80  ? -3.162  -1.388  -5.449  1.00 18.30 ? 80  VAL A O   1 
ATOM   459  C CB  A VAL A 1 80  ? -0.180  -2.931  -4.992  0.50 21.76 ? 80  VAL A CB  1 
ATOM   460  C CB  B VAL A 1 80  ? -0.183  -2.650  -5.024  0.50 21.48 ? 80  VAL A CB  1 
ATOM   461  C CG1 A VAL A 1 80  ? -0.020  -1.805  -5.964  0.50 20.44 ? 80  VAL A CG1 1 
ATOM   462  C CG1 B VAL A 1 80  ? 0.894   -2.966  -4.001  0.50 21.51 ? 80  VAL A CG1 1 
ATOM   463  C CG2 A VAL A 1 80  ? 0.871   -2.845  -3.902  0.50 20.96 ? 80  VAL A CG2 1 
ATOM   464  C CG2 B VAL A 1 80  ? 0.035   -3.402  -6.346  0.50 20.44 ? 80  VAL A CG2 1 
ATOM   465  N N   . ASN A 1 81  ? -3.152  -3.491  -6.161  1.00 19.79 ? 81  ASN A N   1 
ATOM   466  C CA  . ASN A 1 81  ? -4.221  -3.229  -7.057  1.00 19.85 ? 81  ASN A CA  1 
ATOM   467  C C   . ASN A 1 81  ? -5.579  -3.009  -6.388  1.00 18.22 ? 81  ASN A C   1 
ATOM   468  O O   . ASN A 1 81  ? -6.381  -2.193  -6.825  1.00 20.87 ? 81  ASN A O   1 
ATOM   469  C CB  . ASN A 1 81  ? -4.311  -4.384  -8.116  1.00 21.08 ? 81  ASN A CB  1 
ATOM   470  C CG  . ASN A 1 81  ? -3.374  -4.162  -9.272  1.00 20.41 ? 81  ASN A CG  1 
ATOM   471  O OD1 . ASN A 1 81  ? -3.656  -3.359  -10.161 1.00 25.10 ? 81  ASN A OD1 1 
ATOM   472  N ND2 . ASN A 1 81  ? -2.264  -4.798  -9.240  1.00 23.27 ? 81  ASN A ND2 1 
ATOM   473  N N   . GLN A 1 82  ? -5.755  -3.644  -5.226  1.00 18.97 ? 82  GLN A N   1 
ATOM   474  C CA  . GLN A 1 82  ? -6.931  -3.380  -4.436  1.00 19.10 ? 82  GLN A CA  1 
ATOM   475  C C   . GLN A 1 82  ? -6.972  -1.876  -3.978  1.00 18.10 ? 82  GLN A C   1 
ATOM   476  O O   . GLN A 1 82  ? -7.969  -1.163  -4.053  1.00 19.00 ? 82  GLN A O   1 
ATOM   477  C CB  . GLN A 1 82  ? -6.988  -4.326  -3.240  1.00 23.22 ? 82  GLN A CB  1 
ATOM   478  C CG  . GLN A 1 82  ? -8.226  -4.179  -2.390  1.00 29.66 ? 82  GLN A CG  1 
ATOM   479  C CD  . GLN A 1 82  ? -8.275  -5.166  -1.241  1.00 37.31 ? 82  GLN A CD  1 
ATOM   480  O OE1 . GLN A 1 82  ? -7.614  -6.193  -1.257  1.00 51.07 ? 82  GLN A OE1 1 
ATOM   481  N NE2 . GLN A 1 82  ? -9.049  -4.841  -0.222  1.00 38.42 ? 82  GLN A NE2 1 
ATOM   482  N N   . ALA A 1 83  ? -5.818  -1.430  -3.477  1.00 18.03 ? 83  ALA A N   1 
ATOM   483  C CA  . ALA A 1 83  ? -5.748  -0.037  -3.078  1.00 18.84 ? 83  ALA A CA  1 
ATOM   484  C C   . ALA A 1 83  ? -5.961  0.952   -4.240  1.00 17.86 ? 83  ALA A C   1 
ATOM   485  O O   . ALA A 1 83  ? -6.678  1.931   -4.141  1.00 16.72 ? 83  ALA A O   1 
ATOM   486  C CB  . ALA A 1 83  ? -4.379  0.186   -2.440  1.00 18.40 ? 83  ALA A CB  1 
ATOM   487  N N   . ASP A 1 84  ? -5.337  0.617   -5.377  1.00 17.32 ? 84  ASP A N   1 
ATOM   488  C CA  . ASP A 1 84  ? -5.446  1.410   -6.550  1.00 17.44 ? 84  ASP A CA  1 
ATOM   489  C C   . ASP A 1 84  ? -6.874  1.526   -7.077  1.00 18.79 ? 84  ASP A C   1 
ATOM   490  O O   . ASP A 1 84  ? -7.357  2.599   -7.427  1.00 19.14 ? 84  ASP A O   1 
ATOM   491  C CB  . ASP A 1 84  ? -4.511  0.908   -7.641  1.00 19.15 ? 84  ASP A CB  1 
ATOM   492  C CG  . ASP A 1 84  ? -4.361  1.885   -8.756  1.00 22.85 ? 84  ASP A CG  1 
ATOM   493  O OD1 . ASP A 1 84  ? -3.946  3.037   -8.532  1.00 21.26 ? 84  ASP A OD1 1 
ATOM   494  O OD2 . ASP A 1 84  ? -4.686  1.527   -9.915  1.00 24.18 ? 84  ASP A OD2 1 
ATOM   495  N N   . MET A 1 85  ? -7.561  0.365   -7.117  1.00 18.98 ? 85  MET A N   1 
ATOM   496  C CA  A MET A 1 85  ? -8.948  0.334   -7.582  0.50 22.16 ? 85  MET A CA  1 
ATOM   497  C CA  B MET A 1 85  ? -8.940  0.376   -7.591  0.50 23.60 ? 85  MET A CA  1 
ATOM   498  C C   . MET A 1 85  ? -9.852  1.100   -6.632  1.00 19.74 ? 85  MET A C   1 
ATOM   499  O O   . MET A 1 85  ? -10.766 1.835   -7.029  1.00 21.46 ? 85  MET A O   1 
ATOM   500  C CB  A MET A 1 85  ? -9.411  -1.121  -7.712  0.50 22.83 ? 85  MET A CB  1 
ATOM   501  C CB  B MET A 1 85  ? -9.421  -1.046  -7.823  0.50 26.14 ? 85  MET A CB  1 
ATOM   502  C CG  A MET A 1 85  ? -8.629  -1.918  -8.768  0.50 24.19 ? 85  MET A CG  1 
ATOM   503  C CG  B MET A 1 85  ? -8.846  -1.617  -9.110  0.50 31.15 ? 85  MET A CG  1 
ATOM   504  S SD  A MET A 1 85  ? -9.243  -3.590  -9.117  0.50 38.41 ? 85  MET A SD  1 
ATOM   505  S SD  B MET A 1 85  ? -9.543  -0.767  -10.537 0.50 41.34 ? 85  MET A SD  1 
ATOM   506  C CE  A MET A 1 85  ? -8.285  -4.579  -7.944  0.50 28.95 ? 85  MET A CE  1 
ATOM   507  C CE  B MET A 1 85  ? -11.193 -1.447  -10.453 0.50 40.99 ? 85  MET A CE  1 
ATOM   508  N N   . ALA A 1 86  ? -9.558  0.996   -5.336  1.00 19.11 ? 86  ALA A N   1 
ATOM   509  C CA  . ALA A 1 86  ? -10.344 1.800   -4.378  1.00 20.36 ? 86  ALA A CA  1 
ATOM   510  C C   . ALA A 1 86  ? -10.136 3.300   -4.558  1.00 19.71 ? 86  ALA A C   1 
ATOM   511  O O   . ALA A 1 86  ? -11.051 4.109   -4.491  1.00 20.28 ? 86  ALA A O   1 
ATOM   512  C CB  . ALA A 1 86  ? -10.054 1.385   -2.935  1.00 19.93 ? 86  ALA A CB  1 
ATOM   513  N N   . LEU A 1 87  ? -8.882  3.687   -4.809  1.00 18.32 ? 87  LEU A N   1 
ATOM   514  C CA  . LEU A 1 87  ? -8.616  5.084   -5.069  1.00 20.00 ? 87  LEU A CA  1 
ATOM   515  C C   . LEU A 1 87  ? -9.271  5.598   -6.360  1.00 20.37 ? 87  LEU A C   1 
ATOM   516  O O   . LEU A 1 87  ? -9.804  6.688   -6.390  1.00 21.27 ? 87  LEU A O   1 
ATOM   517  C CB  . LEU A 1 87  ? -7.092  5.361   -5.083  1.00 19.91 ? 87  LEU A CB  1 
ATOM   518  C CG  . LEU A 1 87  ? -6.695  6.818   -5.336  1.00 21.72 ? 87  LEU A CG  1 
ATOM   519  C CD1 . LEU A 1 87  ? -7.101  7.745   -4.204  1.00 22.28 ? 87  LEU A CD1 1 
ATOM   520  C CD2 . LEU A 1 87  ? -5.181  6.871   -5.499  1.00 22.77 ? 87  LEU A CD2 1 
ATOM   521  N N   A GLN A 1 88  ? -9.281  4.771   -7.398  0.50 21.10 ? 88  GLN A N   1 
ATOM   522  N N   B GLN A 1 88  ? -9.259  4.742   -7.382  0.50 20.73 ? 88  GLN A N   1 
ATOM   523  C CA  A GLN A 1 88  ? -10.007 5.152   -8.600  0.50 22.94 ? 88  GLN A CA  1 
ATOM   524  C CA  B GLN A 1 88  ? -9.970  5.030   -8.623  0.50 23.34 ? 88  GLN A CA  1 
ATOM   525  C C   A GLN A 1 88  ? -11.487 5.343   -8.339  0.50 24.49 ? 88  GLN A C   1 
ATOM   526  C C   B GLN A 1 88  ? -11.454 5.241   -8.422  0.50 23.79 ? 88  GLN A C   1 
ATOM   527  O O   A GLN A 1 88  ? -12.114 6.287   -8.855  0.50 25.90 ? 88  GLN A O   1 
ATOM   528  O O   B GLN A 1 88  ? -12.048 6.080   -9.094  0.50 25.52 ? 88  GLN A O   1 
ATOM   529  C CB  A GLN A 1 88  ? -9.815  4.109   -9.680  0.50 23.23 ? 88  GLN A CB  1 
ATOM   530  C CB  B GLN A 1 88  ? -9.724  3.909   -9.630  0.50 23.53 ? 88  GLN A CB  1 
ATOM   531  C CG  A GLN A 1 88  ? -10.258 4.611   -11.038 0.50 27.16 ? 88  GLN A CG  1 
ATOM   532  C CG  B GLN A 1 88  ? -8.368  4.045   -10.286 0.50 26.32 ? 88  GLN A CG  1 
ATOM   533  C CD  A GLN A 1 88  ? -10.218 3.542   -12.103 0.50 31.54 ? 88  GLN A CD  1 
ATOM   534  C CD  B GLN A 1 88  ? -7.935  2.882   -11.148 0.50 34.48 ? 88  GLN A CD  1 
ATOM   535  O OE1 A GLN A 1 88  ? -9.265  2.768   -12.189 0.50 29.80 ? 88  GLN A OE1 1 
ATOM   536  O OE1 B GLN A 1 88  ? -8.517  1.803   -11.136 0.50 40.17 ? 88  GLN A OE1 1 
ATOM   537  N NE2 A GLN A 1 88  ? -11.226 3.538   -12.964 0.50 33.05 ? 88  GLN A NE2 1 
ATOM   538  N NE2 B GLN A 1 88  ? -6.859  3.097   -11.867 0.50 41.97 ? 88  GLN A NE2 1 
ATOM   539  N N   . THR A 1 89  ? -12.048 4.476   -7.501  1.00 24.02 ? 89  THR A N   1 
ATOM   540  C CA  . THR A 1 89  ? -13.464 4.550   -7.215  1.00 25.38 ? 89  THR A CA  1 
ATOM   541  C C   . THR A 1 89  ? -13.764 5.823   -6.503  1.00 28.82 ? 89  THR A C   1 
ATOM   542  O O   . THR A 1 89  ? -14.677 6.540   -6.845  1.00 27.60 ? 89  THR A O   1 
ATOM   543  C CB  . THR A 1 89  ? -13.919 3.350   -6.374  1.00 29.87 ? 89  THR A CB  1 
ATOM   544  O OG1 . THR A 1 89  ? -13.719 2.159   -7.134  1.00 32.11 ? 89  THR A OG1 1 
ATOM   545  C CG2 . THR A 1 89  ? -15.407 3.506   -5.983  1.00 31.10 ? 89  THR A CG2 1 
ATOM   546  N N   . LEU A 1 90  ? -12.891 6.185   -5.570  1.00 23.98 ? 90  LEU A N   1 
ATOM   547  C CA  . LEU A 1 90  ? -13.043 7.453   -4.918  1.00 26.81 ? 90  LEU A CA  1 
ATOM   548  C C   . LEU A 1 90  ? -12.911 8.632   -5.864  1.00 25.75 ? 90  LEU A C   1 
ATOM   549  O O   . LEU A 1 90  ? -13.693 9.577   -5.764  1.00 29.71 ? 90  LEU A O   1 
ATOM   550  C CB  . LEU A 1 90  ? -11.997 7.549   -3.787  1.00 27.70 ? 90  LEU A CB  1 
ATOM   551  C CG  . LEU A 1 90  ? -12.222 8.584   -2.734  1.00 32.24 ? 90  LEU A CG  1 
ATOM   552  C CD1 . LEU A 1 90  ? -13.551 8.371   -1.997  1.00 32.92 ? 90  LEU A CD1 1 
ATOM   553  C CD2 . LEU A 1 90  ? -11.021 8.465   -1.799  1.00 26.80 ? 90  LEU A CD2 1 
ATOM   554  N N   . ALA A 1 91  ? -11.937 8.609   -6.769  1.00 23.89 ? 91  ALA A N   1 
ATOM   555  C CA  . ALA A 1 91  ? -11.729 9.709   -7.730  1.00 26.33 ? 91  ALA A CA  1 
ATOM   556  C C   . ALA A 1 91  ? -12.939 9.914   -8.677  1.00 32.22 ? 91  ALA A C   1 
ATOM   557  O O   . ALA A 1 91  ? -13.036 10.974  -9.305  1.00 35.62 ? 91  ALA A O   1 
ATOM   558  C CB  . ALA A 1 91  ? -10.476 9.486   -8.574  1.00 26.53 ? 91  ALA A CB  1 
ATOM   559  N N   . GLU A 1 92  ? -13.661 8.831   -8.964  1.00 33.26 ? 92  GLU A N   1 
ATOM   560  C CA  . GLU A 1 92  ? -14.922 8.882   -9.737  1.00 36.93 ? 92  GLU A CA  1 
ATOM   561  C C   . GLU A 1 92  ? -16.143 9.288   -8.899  1.00 42.44 ? 92  GLU A C   1 
ATOM   562  O O   . GLU A 1 92  ? -17.146 9.740   -9.443  1.00 42.28 ? 92  GLU A O   1 
ATOM   563  C CB  . GLU A 1 92  ? -15.182 7.520   -10.393 1.00 38.70 ? 92  GLU A CB  1 
ATOM   564  C CG  . GLU A 1 92  ? -14.144 7.129   -11.440 1.00 39.23 ? 92  GLU A CG  1 
ATOM   565  C CD  . GLU A 1 92  ? -14.201 5.658   -11.831 1.00 48.39 ? 92  GLU A CD  1 
ATOM   566  O OE1 . GLU A 1 92  ? -15.154 4.971   -11.400 1.00 61.17 ? 92  GLU A OE1 1 
ATOM   567  O OE2 . GLU A 1 92  ? -13.313 5.201   -12.589 1.00 52.96 ? 92  GLU A OE2 1 
ATOM   568  N N   . ASN A 1 93  ? -16.082 9.092   -7.584  1.00 44.37 ? 93  ASN A N   1 
ATOM   569  C CA  . ASN A 1 93  ? -17.220 9.360   -6.688  1.00 40.46 ? 93  ASN A CA  1 
ATOM   570  C C   . ASN A 1 93  ? -16.826 10.319  -5.564  1.00 46.00 ? 93  ASN A C   1 
ATOM   571  O O   . ASN A 1 93  ? -16.848 9.926   -4.376  1.00 46.55 ? 93  ASN A O   1 
ATOM   572  C CB  . ASN A 1 93  ? -17.723 8.047   -6.077  1.00 46.33 ? 93  ASN A CB  1 
ATOM   573  C CG  . ASN A 1 93  ? -18.258 7.098   -7.117  1.00 49.55 ? 93  ASN A CG  1 
ATOM   574  O OD1 . ASN A 1 93  ? -17.642 6.075   -7.428  1.00 60.44 ? 93  ASN A OD1 1 
ATOM   575  N ND2 . ASN A 1 93  ? -19.371 7.473   -7.728  1.00 62.24 ? 93  ASN A ND2 1 
ATOM   576  N N   . PRO A 1 94  ? -16.445 11.566  -5.935  1.00 48.50 ? 94  PRO A N   1 
ATOM   577  C CA  . PRO A 1 94  ? -16.069 12.572  -4.936  1.00 53.77 ? 94  PRO A CA  1 
ATOM   578  C C   . PRO A 1 94  ? -17.145 12.701  -3.846  1.00 58.41 ? 94  PRO A C   1 
ATOM   579  O O   . PRO A 1 94  ? -18.335 12.856  -4.155  1.00 51.77 ? 94  PRO A O   1 
ATOM   580  C CB  . PRO A 1 94  ? -15.940 13.878  -5.767  1.00 47.68 ? 94  PRO A CB  1 
ATOM   581  C CG  . PRO A 1 94  ? -16.644 13.597  -7.062  1.00 49.89 ? 94  PRO A CG  1 
ATOM   582  C CD  . PRO A 1 94  ? -16.424 12.132  -7.302  1.00 41.75 ? 94  PRO A CD  1 
ATOM   583  N N   . ALA A 1 95  ? -16.735 12.527  -2.593  1.00 55.91 ? 95  ALA A N   1 
ATOM   584  C CA  . ALA A 1 95  ? -17.577 12.895  -1.452  1.00 54.17 ? 95  ALA A CA  1 
ATOM   585  C C   . ALA A 1 95  ? -17.749 14.418  -1.364  1.00 53.67 ? 95  ALA A C   1 
ATOM   586  O O   . ALA A 1 95  ? -16.892 15.167  -1.845  1.00 48.97 ? 95  ALA A O   1 
ATOM   587  C CB  . ALA A 1 95  ? -16.984 12.337  -0.173  1.00 52.26 ? 95  ALA A CB  1 
ATOM   588  N N   . ASP A 1 96  ? -18.872 14.873  -0.800  1.00 56.53 ? 96  ASP A N   1 
ATOM   589  C CA  . ASP A 1 96  ? -19.219 16.309  -0.773  1.00 53.19 ? 96  ASP A CA  1 
ATOM   590  C C   . ASP A 1 96  ? -18.809 16.915  0.566   1.00 66.59 ? 96  ASP A C   1 
ATOM   591  O O   . ASP A 1 96  ? -19.599 16.923  1.521   1.00 70.42 ? 96  ASP A O   1 
ATOM   592  C CB  . ASP A 1 96  ? -20.721 16.506  -1.015  1.00 62.50 ? 96  ASP A CB  1 
ATOM   593  N N   . THR A 1 97  ? -17.552 17.355  0.659   1.00 68.40 ? 97  THR A N   1 
ATOM   594  C CA  . THR A 1 97  ? -16.944 17.659  1.960   1.00 57.76 ? 97  THR A CA  1 
ATOM   595  C C   . THR A 1 97  ? -15.920 18.792  1.918   1.00 50.14 ? 97  THR A C   1 
ATOM   596  O O   . THR A 1 97  ? -15.661 19.384  0.871   1.00 53.33 ? 97  THR A O   1 
ATOM   597  C CB  . THR A 1 97  ? -16.303 16.399  2.587   1.00 63.55 ? 97  THR A CB  1 
ATOM   598  O OG1 . THR A 1 97  ? -15.555 15.658  1.598   1.00 52.10 ? 97  THR A OG1 1 
ATOM   599  C CG2 . THR A 1 97  ? -17.383 15.531  3.206   1.00 59.16 ? 97  THR A CG2 1 
ATOM   600  N N   . ASP A 1 98  ? -15.384 19.148  3.083   1.00 43.06 ? 98  ASP A N   1 
ATOM   601  C CA  . ASP A 1 98  ? -14.333 20.122  3.114   1.00 38.99 ? 98  ASP A CA  1 
ATOM   602  C C   . ASP A 1 98  ? -13.035 19.443  2.649   1.00 33.12 ? 98  ASP A C   1 
ATOM   603  O O   . ASP A 1 98  ? -12.969 18.205  2.459   1.00 29.40 ? 98  ASP A O   1 
ATOM   604  C CB  . ASP A 1 98  ? -14.209 20.752  4.516   1.00 39.31 ? 98  ASP A CB  1 
ATOM   605  C CG  . ASP A 1 98  ? -14.207 19.721  5.620   1.00 47.40 ? 98  ASP A CG  1 
ATOM   606  O OD1 . ASP A 1 98  ? -13.318 18.858  5.631   1.00 37.92 ? 98  ASP A OD1 1 
ATOM   607  O OD2 . ASP A 1 98  ? -15.143 19.719  6.440   1.00 60.94 ? 98  ASP A OD2 1 
ATOM   608  N N   . ARG A 1 99  ? -12.072 20.272  2.296   1.00 30.14 ? 99  ARG A N   1 
ATOM   609  C CA  . ARG A 1 99  ? -10.790 19.768  1.808   1.00 32.66 ? 99  ARG A CA  1 
ATOM   610  C C   . ARG A 1 99  ? -10.049 18.883  2.787   1.00 31.11 ? 99  ARG A C   1 
ATOM   611  O O   . ARG A 1 99  ? -9.379  17.941  2.343   1.00 29.16 ? 99  ARG A O   1 
ATOM   612  C CB  . ARG A 1 99  ? -9.899  20.915  1.453   1.00 37.50 ? 99  ARG A CB  1 
ATOM   613  C CG  . ARG A 1 99  ? -9.394  21.630  2.667   1.00 35.72 ? 99  ARG A CG  1 
ATOM   614  C CD  . ARG A 1 99  ? -9.466  23.066  2.278   1.00 41.17 ? 99  ARG A CD  1 
ATOM   615  N NE  . ARG A 1 99  ? -8.592  23.874  3.041   1.00 31.84 ? 99  ARG A NE  1 
ATOM   616  C CZ  . ARG A 1 99  ? -8.329  25.143  2.706   1.00 35.01 ? 99  ARG A CZ  1 
ATOM   617  N NH1 . ARG A 1 99  ? -8.888  25.694  1.624   1.00 42.85 ? 99  ARG A NH1 1 
ATOM   618  N NH2 . ARG A 1 99  ? -7.507  25.846  3.438   1.00 31.67 ? 99  ARG A NH2 1 
ATOM   619  N N   . GLU A 1 100 ? -10.210 19.080  4.090   1.00 24.88 ? 100 GLU A N   1 
ATOM   620  C CA  . GLU A 1 100 ? -9.655  18.182  5.054   1.00 26.45 ? 100 GLU A CA  1 
ATOM   621  C C   . GLU A 1 100 ? -10.214 16.773  4.911   1.00 26.58 ? 100 GLU A C   1 
ATOM   622  O O   . GLU A 1 100 ? -9.483  15.769  4.979   1.00 25.86 ? 100 GLU A O   1 
ATOM   623  C CB  . GLU A 1 100 ? -9.868  18.676  6.460   1.00 32.26 ? 100 GLU A CB  1 
ATOM   624  C CG  . GLU A 1 100 ? -9.252  17.740  7.456   1.00 35.37 ? 100 GLU A CG  1 
ATOM   625  C CD  . GLU A 1 100 ? -9.537  18.092  8.884   1.00 54.71 ? 100 GLU A CD  1 
ATOM   626  O OE1 . GLU A 1 100 ? -9.164  19.208  9.304   1.00 57.95 ? 100 GLU A OE1 1 
ATOM   627  O OE2 . GLU A 1 100 ? -10.045 17.199  9.599   1.00 58.59 ? 100 GLU A OE2 1 
ATOM   628  N N   . ASN A 1 101 ? -11.523 16.666  4.851   1.00 24.40 ? 101 ASN A N   1 
ATOM   629  C CA  A ASN A 1 101 ? -12.156 15.378  4.676   0.50 24.55 ? 101 ASN A CA  1 
ATOM   630  C CA  B ASN A 1 101 ? -12.095 15.330  4.760   0.50 24.60 ? 101 ASN A CA  1 
ATOM   631  C C   . ASN A 1 101 ? -11.808 14.731  3.368   1.00 20.91 ? 101 ASN A C   1 
ATOM   632  O O   . ASN A 1 101 ? -11.689 13.490  3.243   1.00 21.57 ? 101 ASN A O   1 
ATOM   633  C CB  A ASN A 1 101 ? -13.665 15.548  4.703   0.50 25.04 ? 101 ASN A CB  1 
ATOM   634  C CB  B ASN A 1 101 ? -13.603 15.327  5.128   0.50 26.95 ? 101 ASN A CB  1 
ATOM   635  C CG  A ASN A 1 101 ? -14.346 14.276  5.083   0.50 27.23 ? 101 ASN A CG  1 
ATOM   636  C CG  B ASN A 1 101 ? -13.857 15.314  6.634   0.50 29.68 ? 101 ASN A CG  1 
ATOM   637  O OD1 A ASN A 1 101 ? -14.029 13.710  6.128   0.50 28.04 ? 101 ASN A OD1 1 
ATOM   638  O OD1 B ASN A 1 101 ? -13.720 14.296  7.306   0.50 31.29 ? 101 ASN A OD1 1 
ATOM   639  N ND2 A ASN A 1 101 ? -15.205 13.767  4.212   0.50 27.72 ? 101 ASN A ND2 1 
ATOM   640  N ND2 B ASN A 1 101 ? -14.336 16.440  7.153   0.50 34.39 ? 101 ASN A ND2 1 
ATOM   641  N N   . MET A 1 102 ? -11.686 15.528  2.315   1.00 21.92 ? 102 MET A N   1 
ATOM   642  C CA  . MET A 1 102 ? -11.267 15.001  1.024   1.00 21.09 ? 102 MET A CA  1 
ATOM   643  C C   . MET A 1 102 ? -9.925  14.224  1.171   1.00 20.11 ? 102 MET A C   1 
ATOM   644  O O   . MET A 1 102 ? -9.789  13.107  0.690   1.00 21.18 ? 102 MET A O   1 
ATOM   645  C CB  . MET A 1 102 ? -11.083 16.138  -0.009  1.00 25.63 ? 102 MET A CB  1 
ATOM   646  C CG  . MET A 1 102 ? -10.766 15.731  -1.439  1.00 28.17 ? 102 MET A CG  1 
ATOM   647  S SD  . MET A 1 102 ? -10.332 17.057  -2.625  1.00 32.87 ? 102 MET A SD  1 
ATOM   648  C CE  . MET A 1 102 ? -8.828  17.709  -1.902  1.00 26.89 ? 102 MET A CE  1 
ATOM   649  N N   . TRP A 1 103 ? -8.904  14.876  1.733   1.00 20.60 ? 103 TRP A N   1 
ATOM   650  C CA  . TRP A 1 103 ? -7.623  14.186  1.866   1.00 18.46 ? 103 TRP A CA  1 
ATOM   651  C C   . TRP A 1 103 ? -7.728  12.996  2.847   1.00 16.78 ? 103 TRP A C   1 
ATOM   652  O O   . TRP A 1 103 ? -7.127  11.952  2.600   1.00 16.28 ? 103 TRP A O   1 
ATOM   653  C CB  . TRP A 1 103 ? -6.559  15.183  2.303   1.00 18.31 ? 103 TRP A CB  1 
ATOM   654  C CG  . TRP A 1 103 ? -6.222  16.180  1.243   1.00 18.66 ? 103 TRP A CG  1 
ATOM   655  C CD1 . TRP A 1 103 ? -6.581  17.476  1.236   1.00 19.87 ? 103 TRP A CD1 1 
ATOM   656  C CD2 . TRP A 1 103 ? -5.549  15.934  0.008   1.00 17.63 ? 103 TRP A CD2 1 
ATOM   657  N NE1 . TRP A 1 103 ? -6.133  18.080  0.088   1.00 20.53 ? 103 TRP A NE1 1 
ATOM   658  C CE2 . TRP A 1 103 ? -5.504  17.163  -0.694  1.00 17.43 ? 103 TRP A CE2 1 
ATOM   659  C CE3 . TRP A 1 103 ? -5.025  14.799  -0.606  1.00 18.77 ? 103 TRP A CE3 1 
ATOM   660  C CZ2 . TRP A 1 103 ? -4.925  17.280  -1.943  1.00 18.84 ? 103 TRP A CZ2 1 
ATOM   661  C CZ3 . TRP A 1 103 ? -4.447  14.944  -1.839  1.00 20.02 ? 103 TRP A CZ3 1 
ATOM   662  C CH2 . TRP A 1 103 ? -4.354  16.184  -2.468  1.00 19.76 ? 103 TRP A CH2 1 
ATOM   663  N N   . ARG A 1 104 ? -8.469  13.126  3.927   1.00 16.14 ? 104 ARG A N   1 
ATOM   664  C CA  . ARG A 1 104 ? -8.632  12.077  4.873   1.00 15.03 ? 104 ARG A CA  1 
ATOM   665  C C   . ARG A 1 104 ? -9.250  10.806  4.234   1.00 15.04 ? 104 ARG A C   1 
ATOM   666  O O   . ARG A 1 104 ? -8.803  9.668   4.466   1.00 14.98 ? 104 ARG A O   1 
ATOM   667  C CB  . ARG A 1 104 ? -9.465  12.506  6.077   1.00 18.39 ? 104 ARG A CB  1 
ATOM   668  C CG  . ARG A 1 104 ? -9.631  11.459  7.105   1.00 19.20 ? 104 ARG A CG  1 
ATOM   669  C CD  . ARG A 1 104 ? -10.535 11.878  8.289   1.00 22.43 ? 104 ARG A CD  1 
ATOM   670  N NE  . ARG A 1 104 ? -10.026 13.089  8.936   1.00 25.60 ? 104 ARG A NE  1 
ATOM   671  C CZ  . ARG A 1 104 ? -9.135  13.120  9.939   1.00 27.04 ? 104 ARG A CZ  1 
ATOM   672  N NH1 . ARG A 1 104 ? -8.672  12.004  10.498  1.00 24.33 ? 104 ARG A NH1 1 
ATOM   673  N NH2 . ARG A 1 104 ? -8.629  14.289  10.346  1.00 25.50 ? 104 ARG A NH2 1 
ATOM   674  N N   . THR A 1 105 ? -10.308 11.013  3.426   1.00 15.73 ? 105 THR A N   1 
ATOM   675  C CA  A THR A 1 105 ? -10.929 9.859   2.773   0.50 16.10 ? 105 THR A CA  1 
ATOM   676  C CA  B THR A 1 105 ? -10.955 9.872   2.767   0.50 17.72 ? 105 THR A CA  1 
ATOM   677  C C   . THR A 1 105 ? -9.966  9.155   1.835   1.00 14.52 ? 105 THR A C   1 
ATOM   678  O O   . THR A 1 105 ? -9.917  7.954   1.721   1.00 17.08 ? 105 THR A O   1 
ATOM   679  C CB  A THR A 1 105 ? -12.231 10.280  2.057   0.50 16.66 ? 105 THR A CB  1 
ATOM   680  C CB  B THR A 1 105 ? -12.220 10.326  1.977   0.50 19.79 ? 105 THR A CB  1 
ATOM   681  O OG1 A THR A 1 105 ? -13.097 10.756  3.075   0.50 16.06 ? 105 THR A OG1 1 
ATOM   682  O OG1 B THR A 1 105 ? -11.817 11.101  0.854   0.50 25.54 ? 105 THR A OG1 1 
ATOM   683  C CG2 A THR A 1 105 ? -12.871 9.097   1.327   0.50 15.32 ? 105 THR A CG2 1 
ATOM   684  C CG2 B THR A 1 105 ? -13.105 11.158  2.848   0.50 19.98 ? 105 THR A CG2 1 
ATOM   685  N N   . GLY A 1 106 ? -9.082  9.945   1.173   1.00 16.14 ? 106 GLY A N   1 
ATOM   686  C CA  . GLY A 1 106 ? -8.068  9.396   0.307   1.00 16.22 ? 106 GLY A CA  1 
ATOM   687  C C   . GLY A 1 106 ? -6.956  8.628   1.009   1.00 14.60 ? 106 GLY A C   1 
ATOM   688  O O   . GLY A 1 106 ? -6.606  7.491   0.669   1.00 16.58 ? 106 GLY A O   1 
ATOM   689  N N   . ILE A 1 107 ? -6.449  9.252   2.071   1.00 13.92 ? 107 ILE A N   1 
ATOM   690  C CA  . ILE A 1 107 ? -5.410  8.566   2.872   1.00 14.37 ? 107 ILE A CA  1 
ATOM   691  C C   . ILE A 1 107 ? -5.974  7.252   3.474   1.00 14.30 ? 107 ILE A C   1 
ATOM   692  O O   . ILE A 1 107 ? -5.331  6.221   3.568   1.00 14.83 ? 107 ILE A O   1 
ATOM   693  C CB  . ILE A 1 107 ? -4.810  9.467   3.944   1.00 14.91 ? 107 ILE A CB  1 
ATOM   694  C CG1 . ILE A 1 107 ? -4.088  10.672  3.291   1.00 14.99 ? 107 ILE A CG1 1 
ATOM   695  C CG2 . ILE A 1 107 ? -3.833  8.690   4.779   1.00 15.26 ? 107 ILE A CG2 1 
ATOM   696  C CD1 . ILE A 1 107 ? -3.671  11.736  4.237   1.00 17.32 ? 107 ILE A CD1 1 
ATOM   697  N N   . ASN A 1 108 ? -7.261  7.324   3.856   1.00 14.10 ? 108 ASN A N   1 
ATOM   698  C CA  . ASN A 1 108 ? -7.928  6.181   4.421   1.00 13.95 ? 108 ASN A CA  1 
ATOM   699  C C   . ASN A 1 108 ? -7.999  4.968   3.504   1.00 14.31 ? 108 ASN A C   1 
ATOM   700  O O   . ASN A 1 108 ? -7.996  3.849   4.000   1.00 15.79 ? 108 ASN A O   1 
ATOM   701  C CB  . ASN A 1 108 ? -9.351  6.545   4.862   1.00 14.52 ? 108 ASN A CB  1 
ATOM   702  C CG  . ASN A 1 108 ? -9.969  5.501   5.714   1.00 15.41 ? 108 ASN A CG  1 
ATOM   703  O OD1 . ASN A 1 108 ? -9.442  5.103   6.757   1.00 16.16 ? 108 ASN A OD1 1 
ATOM   704  N ND2 . ASN A 1 108 ? -11.147 5.014   5.279   1.00 17.28 ? 108 ASN A ND2 1 
ATOM   705  N N   . VAL A 1 109 ? -8.004  5.184   2.197   1.00 15.03 ? 109 VAL A N   1 
ATOM   706  C CA  . VAL A 1 109 ? -7.947  4.040   1.276   1.00 16.73 ? 109 VAL A CA  1 
ATOM   707  C C   . VAL A 1 109 ? -6.714  3.179   1.596   1.00 15.57 ? 109 VAL A C   1 
ATOM   708  O O   . VAL A 1 109 ? -6.768  1.936   1.637   1.00 17.24 ? 109 VAL A O   1 
ATOM   709  C CB  . VAL A 1 109 ? -7.933  4.514   -0.210  1.00 19.44 ? 109 VAL A CB  1 
ATOM   710  C CG1 . VAL A 1 109 ? -7.521  3.408   -1.147  1.00 24.07 ? 109 VAL A CG1 1 
ATOM   711  C CG2 . VAL A 1 109 ? -9.246  5.171   -0.575  1.00 21.28 ? 109 VAL A CG2 1 
ATOM   712  N N   . PHE A 1 110 ? -5.583  3.846   1.819   1.00 15.24 ? 110 PHE A N   1 
ATOM   713  C CA  . PHE A 1 110 ? -4.344  3.138   2.011   1.00 14.25 ? 110 PHE A CA  1 
ATOM   714  C C   . PHE A 1 110 ? -4.296  2.547   3.430   1.00 14.93 ? 110 PHE A C   1 
ATOM   715  O O   . PHE A 1 110 ? -3.796  1.417   3.667   1.00 15.94 ? 110 PHE A O   1 
ATOM   716  C CB  . PHE A 1 110 ? -3.179  4.083   1.695   1.00 15.55 ? 110 PHE A CB  1 
ATOM   717  C CG  . PHE A 1 110 ? -3.109  4.473   0.248   1.00 15.31 ? 110 PHE A CG  1 
ATOM   718  C CD1 . PHE A 1 110 ? -2.622  3.586   -0.681  1.00 16.32 ? 110 PHE A CD1 1 
ATOM   719  C CD2 . PHE A 1 110 ? -3.738  5.588   -0.222  1.00 16.22 ? 110 PHE A CD2 1 
ATOM   720  C CE1 . PHE A 1 110 ? -2.668  3.841   -2.054  1.00 17.03 ? 110 PHE A CE1 1 
ATOM   721  C CE2 . PHE A 1 110 ? -3.754  5.856   -1.583  1.00 18.00 ? 110 PHE A CE2 1 
ATOM   722  C CZ  . PHE A 1 110 ? -3.289  4.922   -2.495  1.00 18.59 ? 110 PHE A CZ  1 
ATOM   723  N N   . PHE A 1 111 ? -4.715  3.358   4.409   1.00 15.56 ? 111 PHE A N   1 
ATOM   724  C CA  . PHE A 1 111 ? -4.791  2.896   5.813   1.00 14.90 ? 111 PHE A CA  1 
ATOM   725  C C   . PHE A 1 111 ? -5.622  1.599   5.907   1.00 15.01 ? 111 PHE A C   1 
ATOM   726  O O   . PHE A 1 111 ? -5.191  0.640   6.547   1.00 16.50 ? 111 PHE A O   1 
ATOM   727  C CB  . PHE A 1 111 ? -5.423  4.012   6.665   1.00 15.19 ? 111 PHE A CB  1 
ATOM   728  C CG  . PHE A 1 111 ? -5.579  3.692   8.120   1.00 15.45 ? 111 PHE A CG  1 
ATOM   729  C CD1 . PHE A 1 111 ? -4.531  3.645   8.953   1.00 16.02 ? 111 PHE A CD1 1 
ATOM   730  C CD2 . PHE A 1 111 ? -6.841  3.561   8.677   1.00 19.88 ? 111 PHE A CD2 1 
ATOM   731  C CE1 . PHE A 1 111 ? -4.714  3.322   10.311  1.00 16.22 ? 111 PHE A CE1 1 
ATOM   732  C CE2 . PHE A 1 111 ? -7.009  3.278   10.031  1.00 21.24 ? 111 PHE A CE2 1 
ATOM   733  C CZ  . PHE A 1 111 ? -5.917  3.223   10.853  1.00 17.47 ? 111 PHE A CZ  1 
ATOM   734  N N   . GLU A 1 112 ? -6.795  1.628   5.297   1.00 14.96 ? 112 GLU A N   1 
ATOM   735  C CA  . GLU A 1 112 ? -7.681  0.428   5.347   1.00 16.41 ? 112 GLU A CA  1 
ATOM   736  C C   . GLU A 1 112 ? -7.192  -0.734  4.524   1.00 17.34 ? 112 GLU A C   1 
ATOM   737  O O   . GLU A 1 112 ? -7.228  -1.894  4.967   1.00 18.70 ? 112 GLU A O   1 
ATOM   738  C CB  . GLU A 1 112 ? -9.110  0.810   4.982   1.00 18.38 ? 112 GLU A CB  1 
ATOM   739  C CG  . GLU A 1 112 ? -9.849  1.554   6.082   1.00 19.99 ? 112 GLU A CG  1 
ATOM   740  C CD  . GLU A 1 112 ? -10.051 0.735   7.381   1.00 24.41 ? 112 GLU A CD  1 
ATOM   741  O OE1 . GLU A 1 112 ? -10.138 -0.532  7.317   1.00 28.97 ? 112 GLU A OE1 1 
ATOM   742  O OE2 . GLU A 1 112 ? -10.044 1.317   8.486   1.00 27.54 ? 112 GLU A OE2 1 
ATOM   743  N N   . THR A 1 113 ? -6.699  -0.485  3.307   1.00 15.69 ? 113 THR A N   1 
ATOM   744  C CA  . THR A 1 113 ? -6.386  -1.576  2.414   1.00 18.21 ? 113 THR A CA  1 
ATOM   745  C C   . THR A 1 113 ? -5.121  -2.254  2.914   1.00 17.66 ? 113 THR A C   1 
ATOM   746  O O   . THR A 1 113 ? -5.080  -3.493  3.108   1.00 20.44 ? 113 THR A O   1 
ATOM   747  C CB  . THR A 1 113 ? -6.214  -1.076  0.956   1.00 17.98 ? 113 THR A CB  1 
ATOM   748  O OG1 . THR A 1 113 ? -7.389  -0.444  0.497   1.00 21.57 ? 113 THR A OG1 1 
ATOM   749  C CG2 . THR A 1 113 ? -5.837  -2.260  0.074   1.00 21.34 ? 113 THR A CG2 1 
ATOM   750  N N   . PHE A 1 114 ? -4.032  -1.505  3.165   1.00 16.99 ? 114 PHE A N   1 
ATOM   751  C CA  . PHE A 1 114 ? -2.806  -2.100  3.640   1.00 16.64 ? 114 PHE A CA  1 
ATOM   752  C C   . PHE A 1 114 ? -2.985  -2.611  5.073   1.00 18.34 ? 114 PHE A C   1 
ATOM   753  O O   . PHE A 1 114 ? -2.409  -3.639  5.469   1.00 18.89 ? 114 PHE A O   1 
ATOM   754  C CB  . PHE A 1 114 ? -1.568  -1.163  3.469   1.00 16.38 ? 114 PHE A CB  1 
ATOM   755  C CG  . PHE A 1 114 ? -1.142  -1.034  2.038   1.00 18.22 ? 114 PHE A CG  1 
ATOM   756  C CD1 . PHE A 1 114 ? -0.301  -2.005  1.450   1.00 20.48 ? 114 PHE A CD1 1 
ATOM   757  C CD2 . PHE A 1 114 ? -1.603  -0.021  1.271   1.00 21.82 ? 114 PHE A CD2 1 
ATOM   758  C CE1 . PHE A 1 114 ? 0.072   -1.902  0.121   1.00 23.00 ? 114 PHE A CE1 1 
ATOM   759  C CE2 . PHE A 1 114 ? -1.207  0.094   -0.080  1.00 22.70 ? 114 PHE A CE2 1 
ATOM   760  C CZ  . PHE A 1 114 ? -0.420  -0.857  -0.640  1.00 26.10 ? 114 PHE A CZ  1 
ATOM   761  N N   . GLY A 1 115 ? -3.741  -1.880  5.895   1.00 17.95 ? 115 GLY A N   1 
ATOM   762  C CA  . GLY A 1 115 ? -3.976  -2.286  7.285   1.00 18.36 ? 115 GLY A CA  1 
ATOM   763  C C   . GLY A 1 115 ? -4.791  -3.570  7.422   1.00 20.89 ? 115 GLY A C   1 
ATOM   764  O O   . GLY A 1 115 ? -4.686  -4.215  8.499   1.00 23.72 ? 115 GLY A O   1 
ATOM   765  N N   . SER A 1 116 ? -5.536  -3.954  6.396   1.00 20.22 ? 116 SER A N   1 
ATOM   766  C CA  . SER A 1 116 ? -6.262  -5.243  6.328   1.00 20.49 ? 116 SER A CA  1 
ATOM   767  C C   . SER A 1 116 ? -5.382  -6.404  5.864   1.00 23.06 ? 116 SER A C   1 
ATOM   768  O O   . SER A 1 116 ? -5.892  -7.552  5.767   1.00 25.30 ? 116 SER A O   1 
ATOM   769  C CB  . SER A 1 116 ? -7.439  -5.083  5.382   1.00 23.48 ? 116 SER A CB  1 
ATOM   770  O OG  . SER A 1 116 ? -8.341  -4.216  5.993   1.00 32.44 ? 116 SER A OG  1 
ATOM   771  N N   . HIS A 1 117 ? -4.166  -6.112  5.412   1.00 20.05 ? 117 HIS A N   1 
ATOM   772  C CA  . HIS A 1 117 ? -3.171  -7.105  4.945   1.00 21.42 ? 117 HIS A CA  1 
ATOM   773  C C   . HIS A 1 117 ? -1.807  -6.769  5.497   1.00 19.38 ? 117 HIS A C   1 
ATOM   774  O O   . HIS A 1 117 ? -0.824  -6.590  4.776   1.00 20.19 ? 117 HIS A O   1 
ATOM   775  C CB  . HIS A 1 117 ? -3.144  -7.115  3.412   1.00 21.40 ? 117 HIS A CB  1 
ATOM   776  C CG  . HIS A 1 117 ? -4.465  -7.423  2.803   1.00 23.52 ? 117 HIS A CG  1 
ATOM   777  N ND1 . HIS A 1 117 ? -4.934  -8.725  2.699   1.00 26.43 ? 117 HIS A ND1 1 
ATOM   778  C CD2 . HIS A 1 117 ? -5.467  -6.625  2.377   1.00 27.30 ? 117 HIS A CD2 1 
ATOM   779  C CE1 . HIS A 1 117 ? -6.162  -8.701  2.211   1.00 27.70 ? 117 HIS A CE1 1 
ATOM   780  N NE2 . HIS A 1 117 ? -6.505  -7.447  1.991   1.00 31.95 ? 117 HIS A NE2 1 
ATOM   781  N N   . LYS A 1 118 ? -1.738  -6.750  6.831   1.00 20.17 ? 118 LYS A N   1 
ATOM   782  C CA  . LYS A 1 118 ? -0.502  -6.329  7.471   1.00 20.20 ? 118 LYS A CA  1 
ATOM   783  C C   . LYS A 1 118 ? 0.708   -7.229  7.164   1.00 19.69 ? 118 LYS A C   1 
ATOM   784  O O   . LYS A 1 118 ? 1.828   -6.762  6.937   1.00 21.70 ? 118 LYS A O   1 
ATOM   785  C CB  . LYS A 1 118 ? -0.708  -6.167  8.984   1.00 22.53 ? 118 LYS A CB  1 
ATOM   786  C CG  . LYS A 1 118 ? -1.598  -4.974  9.309   1.00 23.56 ? 118 LYS A CG  1 
ATOM   787  C CD  . LYS A 1 118 ? -1.651  -4.794  10.811  1.00 26.53 ? 118 LYS A CD  1 
ATOM   788  C CE  . LYS A 1 118 ? -2.641  -3.717  11.225  1.00 32.37 ? 118 LYS A CE  1 
ATOM   789  N NZ  . LYS A 1 118 ? -2.519  -3.561  12.700  1.00 42.30 ? 118 LYS A NZ  1 
ATOM   790  N N   . ALA A 1 119 ? 0.465   -8.553  7.127   1.00 22.94 ? 119 ALA A N   1 
ATOM   791  C CA  . ALA A 1 119 ? 1.561   -9.456  6.947   1.00 23.09 ? 119 ALA A CA  1 
ATOM   792  C C   . ALA A 1 119 ? 2.126   -9.394  5.521   1.00 17.97 ? 119 ALA A C   1 
ATOM   793  O O   . ALA A 1 119 ? 3.324   -9.375  5.318   1.00 21.67 ? 119 ALA A O   1 
ATOM   794  C CB  . ALA A 1 119 ? 1.119   -10.874 7.269   1.00 27.05 ? 119 ALA A CB  1 
ATOM   795  N N   . VAL A 1 120 ? 1.233   -9.240  4.547   1.00 20.16 ? 120 VAL A N   1 
ATOM   796  C CA  . VAL A 1 120 ? 1.679   -9.047  3.175   1.00 20.32 ? 120 VAL A CA  1 
ATOM   797  C C   . VAL A 1 120 ? 2.448   -7.727  3.023   1.00 20.81 ? 120 VAL A C   1 
ATOM   798  O O   . VAL A 1 120 ? 3.455   -7.634  2.320   1.00 22.18 ? 120 VAL A O   1 
ATOM   799  C CB  . VAL A 1 120 ? 0.531   -9.172  2.198   1.00 20.95 ? 120 VAL A CB  1 
ATOM   800  C CG1 . VAL A 1 120 ? 0.945   -8.751  0.814   1.00 20.54 ? 120 VAL A CG1 1 
ATOM   801  C CG2 . VAL A 1 120 ? 0.079   -10.635 2.156   1.00 24.08 ? 120 VAL A CG2 1 
ATOM   802  N N   . THR A 1 121 ? 1.926   -6.674  3.675   1.00 22.79 ? 121 THR A N   1 
ATOM   803  C CA  . THR A 1 121 ? 2.581   -5.344  3.611   1.00 23.13 ? 121 THR A CA  1 
ATOM   804  C C   . THR A 1 121 ? 3.977   -5.442  4.168   1.00 19.65 ? 121 THR A C   1 
ATOM   805  O O   . THR A 1 121 ? 4.949   -5.004  3.568   1.00 22.28 ? 121 THR A O   1 
ATOM   806  C CB  . THR A 1 121 ? 1.740   -4.382  4.455   1.00 20.24 ? 121 THR A CB  1 
ATOM   807  O OG1 . THR A 1 121 ? 0.486   -4.194  3.843   1.00 21.36 ? 121 THR A OG1 1 
ATOM   808  C CG2 . THR A 1 121 ? 2.421   -2.983  4.607   1.00 24.27 ? 121 THR A CG2 1 
ATOM   809  N N   . ARG A 1 122 ? 4.111   -6.026  5.340   1.00 22.79 ? 122 ARG A N   1 
ATOM   810  C CA  . ARG A 1 122 ? 5.411   -6.157  5.966   1.00 25.28 ? 122 ARG A CA  1 
ATOM   811  C C   . ARG A 1 122 ? 6.393   -6.937  5.060   1.00 23.24 ? 122 ARG A C   1 
ATOM   812  O O   . ARG A 1 122 ? 7.550   -6.551  4.803   1.00 23.97 ? 122 ARG A O   1 
ATOM   813  C CB  . ARG A 1 122 ? 5.230   -6.806  7.328   1.00 26.62 ? 122 ARG A CB  1 
ATOM   814  C CG  . ARG A 1 122 ? 6.476   -7.001  8.179   1.00 35.76 ? 122 ARG A CG  1 
ATOM   815  C CD  . ARG A 1 122 ? 6.199   -8.042  9.278   1.00 45.87 ? 122 ARG A CD  1 
ATOM   816  N NE  . ARG A 1 122 ? 6.176   -9.404  8.720   1.00 54.05 ? 122 ARG A NE  1 
ATOM   817  C CZ  . ARG A 1 122 ? 5.244   -10.341 8.939   1.00 59.66 ? 122 ARG A CZ  1 
ATOM   818  N NH1 . ARG A 1 122 ? 4.241   -10.166 9.806   1.00 52.04 ? 122 ARG A NH1 1 
ATOM   819  N NH2 . ARG A 1 122 ? 5.367   -11.510 8.319   1.00 60.27 ? 122 ARG A NH2 1 
ATOM   820  N N   . ALA A 1 123 ? 5.929   -8.090  4.587   1.00 24.68 ? 123 ALA A N   1 
ATOM   821  C CA  . ALA A 1 123 ? 6.868   -8.975  3.881   1.00 24.80 ? 123 ALA A CA  1 
ATOM   822  C C   . ALA A 1 123 ? 7.204   -8.393  2.520   1.00 22.45 ? 123 ALA A C   1 
ATOM   823  O O   . ALA A 1 123 ? 8.340   -8.449  2.058   1.00 24.50 ? 123 ALA A O   1 
ATOM   824  C CB  . ALA A 1 123 ? 6.207   -10.323 3.694   1.00 24.43 ? 123 ALA A CB  1 
ATOM   825  N N   . GLY A 1 124 ? 6.233   -7.703  1.919   1.00 21.69 ? 124 GLY A N   1 
ATOM   826  C CA  . GLY A 1 124 ? 6.457   -7.014  0.651   1.00 21.67 ? 124 GLY A CA  1 
ATOM   827  C C   . GLY A 1 124 ? 7.433   -5.874  0.717   1.00 25.03 ? 124 GLY A C   1 
ATOM   828  O O   . GLY A 1 124 ? 8.253   -5.658  -0.182  1.00 24.43 ? 124 GLY A O   1 
ATOM   829  N N   . GLN A 1 125 ? 7.311   -5.087  1.774   1.00 24.35 ? 125 GLN A N   1 
ATOM   830  C CA  A GLN A 1 125 ? 8.219   -3.989  1.899   0.67 25.50 ? 125 GLN A CA  1 
ATOM   831  C CA  B GLN A 1 125 ? 8.226   -3.977  2.019   0.33 29.88 ? 125 GLN A CA  1 
ATOM   832  C C   . GLN A 1 125 ? 9.642   -4.525  2.144   1.00 27.95 ? 125 GLN A C   1 
ATOM   833  O O   . GLN A 1 125 ? 10.584  -4.036  1.517   1.00 28.38 ? 125 GLN A O   1 
ATOM   834  C CB  A GLN A 1 125 ? 7.762   -3.019  2.995   0.67 24.14 ? 125 GLN A CB  1 
ATOM   835  C CB  B GLN A 1 125 ? 7.835   -3.252  3.319   0.33 33.57 ? 125 GLN A CB  1 
ATOM   836  C CG  A GLN A 1 125 ? 6.508   -2.200  2.666   0.67 24.61 ? 125 GLN A CG  1 
ATOM   837  C CG  B GLN A 1 125 ? 8.689   -2.032  3.659   0.33 39.90 ? 125 GLN A CG  1 
ATOM   838  C CD  A GLN A 1 125 ? 6.538   -1.456  1.320   0.67 28.88 ? 125 GLN A CD  1 
ATOM   839  C CD  B GLN A 1 125 ? 8.265   -0.805  2.883   0.33 43.09 ? 125 GLN A CD  1 
ATOM   840  O OE1 A GLN A 1 125 ? 7.279   -0.514  1.155   0.67 26.58 ? 125 GLN A OE1 1 
ATOM   841  O OE1 B GLN A 1 125 ? 7.206   -0.794  2.261   0.33 45.53 ? 125 GLN A OE1 1 
ATOM   842  N NE2 A GLN A 1 125 ? 5.693   -1.869  0.373   0.67 26.38 ? 125 GLN A NE2 1 
ATOM   843  N NE2 B GLN A 1 125 ? 9.098   0.227   2.896   0.33 51.34 ? 125 GLN A NE2 1 
ATOM   844  N N   . ALA A 1 126 ? 9.771   -5.595  2.931   1.00 27.14 ? 126 ALA A N   1 
ATOM   845  C CA  . ALA A 1 126 ? 11.096  -6.213  3.159   1.00 29.80 ? 126 ALA A CA  1 
ATOM   846  C C   . ALA A 1 126 ? 11.729  -6.800  1.872   1.00 35.45 ? 126 ALA A C   1 
ATOM   847  O O   . ALA A 1 126 ? 12.939  -6.698  1.640   1.00 38.48 ? 126 ALA A O   1 
ATOM   848  C CB  . ALA A 1 126 ? 10.978  -7.268  4.226   1.00 32.75 ? 126 ALA A CB  1 
ATOM   849  N N   . ALA A 1 127 ? 10.893  -7.295  0.977   1.00 29.80 ? 127 ALA A N   1 
ATOM   850  C CA  . ALA A 1 127 ? 11.375  -7.877  -0.281  1.00 28.48 ? 127 ALA A CA  1 
ATOM   851  C C   . ALA A 1 127 ? 11.891  -6.865  -1.285  1.00 32.50 ? 127 ALA A C   1 
ATOM   852  O O   . ALA A 1 127 ? 12.482  -7.220  -2.307  1.00 27.95 ? 127 ALA A O   1 
ATOM   853  C CB  . ALA A 1 127 ? 10.280  -8.734  -0.896  1.00 27.36 ? 127 ALA A CB  1 
ATOM   854  N N   . ARG A 1 128 ? 11.608  -5.584  -1.075  1.00 27.98 ? 128 ARG A N   1 
ATOM   855  C CA  . ARG A 1 128 ? 12.010  -4.599  -2.036  1.00 27.89 ? 128 ARG A CA  1 
ATOM   856  C C   . ARG A 1 128 ? 13.524  -4.590  -2.197  1.00 29.86 ? 128 ARG A C   1 
ATOM   857  O O   . ARG A 1 128 ? 14.021  -4.314  -3.285  1.00 32.31 ? 128 ARG A O   1 
ATOM   858  C CB  . ARG A 1 128 ? 11.518  -3.209  -1.631  1.00 29.19 ? 128 ARG A CB  1 
ATOM   859  C CG  . ARG A 1 128 ? 10.070  -2.981  -1.932  1.00 32.54 ? 128 ARG A CG  1 
ATOM   860  C CD  . ARG A 1 128 ? 9.588   -1.753  -1.189  1.00 31.98 ? 128 ARG A CD  1 
ATOM   861  N NE  . ARG A 1 128 ? 10.136  -0.579  -1.827  1.00 31.08 ? 128 ARG A NE  1 
ATOM   862  C CZ  . ARG A 1 128 ? 9.971   0.653   -1.358  1.00 34.14 ? 128 ARG A CZ  1 
ATOM   863  N NH1 . ARG A 1 128 ? 9.229   0.860   -0.280  1.00 30.01 ? 128 ARG A NH1 1 
ATOM   864  N NH2 . ARG A 1 128 ? 10.547  1.658   -1.981  1.00 37.60 ? 128 ARG A NH2 1 
ATOM   865  N N   . ALA A 1 129 ? 14.241  -4.888  -1.119  1.00 32.02 ? 129 ALA A N   1 
ATOM   866  C CA  . ALA A 1 129 ? 15.706  -4.809  -1.151  1.00 36.88 ? 129 ALA A CA  1 
ATOM   867  C C   . ALA A 1 129 ? 16.332  -6.002  -1.891  1.00 38.18 ? 129 ALA A C   1 
ATOM   868  O O   . ALA A 1 129 ? 17.483  -5.910  -2.314  1.00 44.18 ? 129 ALA A O   1 
ATOM   869  C CB  . ALA A 1 129 ? 16.270  -4.691  0.258   1.00 35.38 ? 129 ALA A CB  1 
ATOM   870  N N   . THR A 1 130 ? 15.568  -7.076  -2.094  1.00 33.55 ? 130 THR A N   1 
ATOM   871  C CA  . THR A 1 130 ? 16.087  -8.331  -2.670  1.00 39.86 ? 130 THR A CA  1 
ATOM   872  C C   . THR A 1 130 ? 15.403  -8.767  -3.968  1.00 41.07 ? 130 THR A C   1 
ATOM   873  O O   . THR A 1 130 ? 15.927  -9.614  -4.691  1.00 42.07 ? 130 THR A O   1 
ATOM   874  C CB  . THR A 1 130 ? 15.952  -9.480  -1.666  1.00 37.51 ? 130 THR A CB  1 
ATOM   875  O OG1 . THR A 1 130 ? 14.570  -9.720  -1.392  1.00 35.24 ? 130 THR A OG1 1 
ATOM   876  C CG2 . THR A 1 130 ? 16.638  -9.146  -0.375  1.00 42.39 ? 130 THR A CG2 1 
ATOM   877  N N   . SER A 1 131 ? 14.231  -8.219  -4.278  1.00 32.99 ? 131 SER A N   1 
ATOM   878  C CA  . SER A 1 131 ? 13.523  -8.592  -5.472  1.00 27.79 ? 131 SER A CA  1 
ATOM   879  C C   . SER A 1 131 ? 13.343  -7.376  -6.404  1.00 37.01 ? 131 SER A C   1 
ATOM   880  O O   . SER A 1 131 ? 12.604  -6.425  -6.102  1.00 29.60 ? 131 SER A O   1 
ATOM   881  C CB  . SER A 1 131 ? 12.170  -9.172  -5.109  1.00 29.51 ? 131 SER A CB  1 
ATOM   882  O OG  . SER A 1 131 ? 11.347  -9.303  -6.250  1.00 31.53 ? 131 SER A OG  1 
ATOM   883  N N   . VAL A 1 132 ? 13.953  -7.417  -7.576  1.00 32.44 ? 132 VAL A N   1 
ATOM   884  C CA  . VAL A 1 132 ? 13.723  -6.399  -8.562  1.00 33.30 ? 132 VAL A CA  1 
ATOM   885  C C   . VAL A 1 132 ? 12.247  -6.290  -8.922  1.00 30.93 ? 132 VAL A C   1 
ATOM   886  O O   . VAL A 1 132 ? 11.727  -5.193  -9.129  1.00 28.88 ? 132 VAL A O   1 
ATOM   887  C CB  . VAL A 1 132 ? 14.572  -6.627  -9.845  1.00 36.04 ? 132 VAL A CB  1 
ATOM   888  C CG1 . VAL A 1 132 ? 14.065  -5.759  -10.982 1.00 40.00 ? 132 VAL A CG1 1 
ATOM   889  C CG2 . VAL A 1 132 ? 16.028  -6.286  -9.563  1.00 40.27 ? 132 VAL A CG2 1 
ATOM   890  N N   . GLU A 1 133 ? 11.544  -7.406  -9.015  1.00 27.65 ? 133 GLU A N   1 
ATOM   891  C CA  A GLU A 1 133 ? 10.166  -7.358  -9.435  0.50 27.36 ? 133 GLU A CA  1 
ATOM   892  C CA  B GLU A 1 133 ? 10.144  -7.383  -9.424  0.50 27.71 ? 133 GLU A CA  1 
ATOM   893  C C   . GLU A 1 133 ? 9.287   -6.716  -8.332  1.00 25.73 ? 133 GLU A C   1 
ATOM   894  O O   . GLU A 1 133 ? 8.358   -5.989  -8.654  1.00 24.52 ? 133 GLU A O   1 
ATOM   895  C CB  A GLU A 1 133 ? 9.682   -8.752  -9.804  0.50 29.50 ? 133 GLU A CB  1 
ATOM   896  C CB  B GLU A 1 133 ? 9.609   -8.792  -9.699  0.50 30.35 ? 133 GLU A CB  1 
ATOM   897  C CG  A GLU A 1 133 ? 10.712  -9.559  -10.602 0.50 33.44 ? 133 GLU A CG  1 
ATOM   898  C CG  B GLU A 1 133 ? 9.657   -9.238  -11.162 0.50 34.55 ? 133 GLU A CG  1 
ATOM   899  C CD  A GLU A 1 133 ? 11.486  -10.532 -9.732  0.50 33.58 ? 133 GLU A CD  1 
ATOM   900  C CD  B GLU A 1 133 ? 9.334   -10.714 -11.313 0.50 38.28 ? 133 GLU A CD  1 
ATOM   901  O OE1 A GLU A 1 133 ? 12.539  -10.152 -9.188  0.50 30.68 ? 133 GLU A OE1 1 
ATOM   902  O OE1 B GLU A 1 133 ? 8.358   -11.059 -12.010 0.50 49.80 ? 133 GLU A OE1 1 
ATOM   903  O OE2 A GLU A 1 133 ? 11.036  -11.692 -9.601  0.50 42.17 ? 133 GLU A OE2 1 
ATOM   904  O OE2 B GLU A 1 133 ? 10.045  -11.536 -10.703 0.50 41.80 ? 133 GLU A OE2 1 
ATOM   905  N N   . VAL A 1 134 ? 9.605   -6.980  -7.068  1.00 23.76 ? 134 VAL A N   1 
ATOM   906  C CA  . VAL A 1 134 ? 8.851   -6.339  -5.970  1.00 23.06 ? 134 VAL A CA  1 
ATOM   907  C C   . VAL A 1 134 ? 9.130   -4.832  -5.985  1.00 25.00 ? 134 VAL A C   1 
ATOM   908  O O   . VAL A 1 134 ? 8.192   -4.021  -5.944  1.00 22.17 ? 134 VAL A O   1 
ATOM   909  C CB  . VAL A 1 134 ? 9.152   -6.925  -4.612  1.00 23.99 ? 134 VAL A CB  1 
ATOM   910  C CG1 . VAL A 1 134 ? 8.502   -6.080  -3.501  1.00 24.99 ? 134 VAL A CG1 1 
ATOM   911  C CG2 . VAL A 1 134 ? 8.617   -8.348  -4.494  1.00 27.12 ? 134 VAL A CG2 1 
ATOM   912  N N   . ALA A 1 135 ? 10.384  -4.464  -6.135  1.00 23.65 ? 135 ALA A N   1 
ATOM   913  C CA  . ALA A 1 135 ? 10.764  -3.043  -6.212  1.00 23.14 ? 135 ALA A CA  1 
ATOM   914  C C   . ALA A 1 135 ? 10.079  -2.353  -7.351  1.00 23.76 ? 135 ALA A C   1 
ATOM   915  O O   . ALA A 1 135 ? 9.598   -1.224  -7.205  1.00 22.96 ? 135 ALA A O   1 
ATOM   916  C CB  . ALA A 1 135 ? 12.296  -2.907  -6.308  1.00 24.65 ? 135 ALA A CB  1 
ATOM   917  N N   . GLU A 1 136 ? 10.040  -2.969  -8.531  1.00 22.43 ? 136 GLU A N   1 
ATOM   918  C CA  . GLU A 1 136 ? 9.383   -2.380  -9.642  1.00 22.72 ? 136 GLU A CA  1 
ATOM   919  C C   . GLU A 1 136 ? 7.861   -2.198  -9.465  1.00 21.90 ? 136 GLU A C   1 
ATOM   920  O O   . GLU A 1 136 ? 7.289   -1.234  -9.946  1.00 21.63 ? 136 GLU A O   1 
ATOM   921  C CB  . GLU A 1 136 ? 9.693   -3.155  -10.966 1.00 29.89 ? 136 GLU A CB  1 
ATOM   922  C CG  . GLU A 1 136 ? 11.136  -3.002  -11.430 1.00 37.20 ? 136 GLU A CG  1 
ATOM   923  C CD  . GLU A 1 136 ? 11.396  -3.616  -12.803 1.00 48.87 ? 136 GLU A CD  1 
ATOM   924  O OE1 . GLU A 1 136 ? 10.608  -4.495  -13.244 1.00 43.44 ? 136 GLU A OE1 1 
ATOM   925  O OE2 . GLU A 1 136 ? 12.386  -3.203  -13.442 1.00 50.75 ? 136 GLU A OE2 1 
ATOM   926  N N   . LEU A 1 137 ? 7.190   -3.218  -8.910  1.00 23.14 ? 137 LEU A N   1 
ATOM   927  C CA  . LEU A 1 137 ? 5.780   -3.117  -8.607  1.00 20.84 ? 137 LEU A CA  1 
ATOM   928  C C   . LEU A 1 137 ? 5.480   -1.914  -7.681  1.00 16.02 ? 137 LEU A C   1 
ATOM   929  O O   . LEU A 1 137 ? 4.609   -1.116  -8.000  1.00 17.42 ? 137 LEU A O   1 
ATOM   930  C CB  . LEU A 1 137 ? 5.344   -4.410  -7.937  1.00 22.74 ? 137 LEU A CB  1 
ATOM   931  C CG  . LEU A 1 137 ? 3.902   -4.472  -7.511  1.00 22.87 ? 137 LEU A CG  1 
ATOM   932  C CD1 . LEU A 1 137 ? 2.928   -4.414  -8.673  1.00 24.86 ? 137 LEU A CD1 1 
ATOM   933  C CD2 . LEU A 1 137 ? 3.675   -5.736  -6.689  1.00 27.39 ? 137 LEU A CD2 1 
ATOM   934  N N   A TRP A 1 138 ? 6.256   -1.862  -6.614  0.67 19.04 ? 138 TRP A N   1 
ATOM   935  N N   B TRP A 1 138 ? 6.157   -1.850  -6.537  0.33 20.61 ? 138 TRP A N   1 
ATOM   936  C CA  A TRP A 1 138 ? 6.083   -0.766  -5.667  0.67 18.86 ? 138 TRP A CA  1 
ATOM   937  C CA  B TRP A 1 138 ? 6.001   -0.687  -5.638  0.33 19.85 ? 138 TRP A CA  1 
ATOM   938  C C   A TRP A 1 138 ? 6.296   0.590   -6.330  0.67 19.88 ? 138 TRP A C   1 
ATOM   939  C C   B TRP A 1 138 ? 6.227   0.627   -6.405  0.33 20.68 ? 138 TRP A C   1 
ATOM   940  O O   A TRP A 1 138 ? 5.508   1.522   -6.150  0.67 17.89 ? 138 TRP A O   1 
ATOM   941  O O   B TRP A 1 138 ? 5.411   1.568   -6.329  0.33 17.72 ? 138 TRP A O   1 
ATOM   942  C CB  A TRP A 1 138 ? 6.962   -0.928  -4.471  0.67 19.90 ? 138 TRP A CB  1 
ATOM   943  C CB  B TRP A 1 138 ? 6.978   -0.737  -4.471  0.33 20.64 ? 138 TRP A CB  1 
ATOM   944  C CG  A TRP A 1 138 ? 6.502   -0.013  -3.374  0.67 17.72 ? 138 TRP A CG  1 
ATOM   945  C CG  B TRP A 1 138 ? 6.681   -1.723  -3.337  0.33 17.95 ? 138 TRP A CG  1 
ATOM   946  C CD1 A TRP A 1 138 ? 7.104   1.124   -2.964  0.67 17.75 ? 138 TRP A CD1 1 
ATOM   947  C CD1 B TRP A 1 138 ? 7.423   -2.822  -3.026  0.33 19.60 ? 138 TRP A CD1 1 
ATOM   948  C CD2 A TRP A 1 138 ? 5.237   -0.080  -2.684  0.67 20.11 ? 138 TRP A CD2 1 
ATOM   949  C CD2 B TRP A 1 138 ? 5.670   -1.629  -2.301  0.33 19.65 ? 138 TRP A CD2 1 
ATOM   950  N NE1 A TRP A 1 138 ? 6.307   1.743   -1.982  0.67 16.94 ? 138 TRP A NE1 1 
ATOM   951  N NE1 B TRP A 1 138 ? 6.959   -3.416  -1.870  0.33 18.69 ? 138 TRP A NE1 1 
ATOM   952  C CE2 A TRP A 1 138 ? 5.177   1.017   -1.798  0.67 16.48 ? 138 TRP A CE2 1 
ATOM   953  C CE2 B TRP A 1 138 ? 5.866   -2.722  -1.427  0.33 20.13 ? 138 TRP A CE2 1 
ATOM   954  C CE3 A TRP A 1 138 ? 4.171   -0.997  -2.679  0.67 19.75 ? 138 TRP A CE3 1 
ATOM   955  C CE3 B TRP A 1 138 ? 4.618   -0.747  -2.042  0.33 19.70 ? 138 TRP A CE3 1 
ATOM   956  C CZ2 A TRP A 1 138 ? 4.083   1.252   -0.975  0.67 17.94 ? 138 TRP A CZ2 1 
ATOM   957  C CZ2 B TRP A 1 138 ? 5.031   -2.971  -0.335  0.33 19.61 ? 138 TRP A CZ2 1 
ATOM   958  C CZ3 A TRP A 1 138 ? 3.105   -0.793  -1.778  0.67 18.37 ? 138 TRP A CZ3 1 
ATOM   959  C CZ3 B TRP A 1 138 ? 3.797   -0.988  -0.946  0.33 19.23 ? 138 TRP A CZ3 1 
ATOM   960  C CH2 A TRP A 1 138 ? 3.062   0.347   -0.965  0.67 19.98 ? 138 TRP A CH2 1 
ATOM   961  C CH2 B TRP A 1 138 ? 4.000   -2.101  -0.120  0.33 20.22 ? 138 TRP A CH2 1 
ATOM   962  N N   . SER A 1 139 ? 7.320   0.682   -7.170  1.00 19.41 ? 139 SER A N   1 
ATOM   963  C CA  A SER A 1 139 ? 7.644   1.912   -7.842  0.50 21.38 ? 139 SER A CA  1 
ATOM   964  C CA  B SER A 1 139 ? 7.699   1.903   -7.920  0.50 22.71 ? 139 SER A CA  1 
ATOM   965  C C   . SER A 1 139 ? 6.574   2.343   -8.828  1.00 17.96 ? 139 SER A C   1 
ATOM   966  O O   . SER A 1 139 ? 6.167   3.507   -8.864  1.00 20.73 ? 139 SER A O   1 
ATOM   967  C CB  A SER A 1 139 ? 9.007   1.750   -8.532  0.33 16.82 ? 139 SER A CB  1 
ATOM   968  C CB  B SER A 1 139 ? 8.965   1.672   -8.756  0.33 19.12 ? 139 SER A CB  1 
ATOM   969  O OG  A SER A 1 139 ? 9.235   2.773   -9.458  0.50 21.14 ? 139 SER A OG  1 
ATOM   970  O OG  B SER A 1 139 ? 10.078  1.491   -7.913  0.50 29.04 ? 139 SER A OG  1 
ATOM   971  N N   . THR A 1 140 ? 6.021   1.399   -9.599  1.00 19.08 ? 140 THR A N   1 
ATOM   972  C CA  . THR A 1 140 ? 4.998   1.694   -10.545 1.00 20.31 ? 140 THR A CA  1 
ATOM   973  C C   . THR A 1 140 ? 3.796   2.342   -9.889  1.00 16.59 ? 140 THR A C   1 
ATOM   974  O O   . THR A 1 140 ? 3.280   3.322   -10.317 1.00 18.34 ? 140 THR A O   1 
ATOM   975  C CB  . THR A 1 140 ? 4.568   0.388   -11.266 1.00 22.49 ? 140 THR A CB  1 
ATOM   976  O OG1 . THR A 1 140 ? 5.673   -0.077  -12.045 1.00 28.35 ? 140 THR A OG1 1 
ATOM   977  C CG2 . THR A 1 140 ? 3.369   0.613   -12.134 1.00 25.36 ? 140 THR A CG2 1 
ATOM   978  N N   . PHE A 1 141 ? 3.323   1.695   -8.808  1.00 17.43 ? 141 PHE A N   1 
ATOM   979  C CA  . PHE A 1 141 ? 2.153   2.213   -8.136  1.00 17.20 ? 141 PHE A CA  1 
ATOM   980  C C   . PHE A 1 141 ? 2.424   3.525   -7.327  1.00 14.09 ? 141 PHE A C   1 
ATOM   981  O O   . PHE A 1 141 ? 1.586   4.386   -7.364  1.00 14.87 ? 141 PHE A O   1 
ATOM   982  C CB  . PHE A 1 141 ? 1.500   1.126   -7.303  1.00 16.75 ? 141 PHE A CB  1 
ATOM   983  C CG  . PHE A 1 141 ? 0.671   0.139   -8.141  1.00 18.81 ? 141 PHE A CG  1 
ATOM   984  C CD1 . PHE A 1 141 ? -0.616  0.451   -8.440  1.00 19.67 ? 141 PHE A CD1 1 
ATOM   985  C CD2 . PHE A 1 141 ? 1.294   -0.905  -8.790  1.00 20.49 ? 141 PHE A CD2 1 
ATOM   986  C CE1 . PHE A 1 141 ? -1.359  -0.330  -9.319  1.00 22.32 ? 141 PHE A CE1 1 
ATOM   987  C CE2 . PHE A 1 141 ? 0.563   -1.728  -9.651  1.00 20.40 ? 141 PHE A CE2 1 
ATOM   988  C CZ  . PHE A 1 141 ? -0.749  -1.405  -9.931  1.00 20.22 ? 141 PHE A CZ  1 
ATOM   989  N N   . MET A 1 142 ? 3.580   3.607   -6.703  1.00 14.56 ? 142 MET A N   1 
ATOM   990  C CA  . MET A 1 142 ? 3.912   4.848   -6.024  1.00 14.64 ? 142 MET A CA  1 
ATOM   991  C C   . MET A 1 142 ? 3.961   6.024   -7.033  1.00 16.82 ? 142 MET A C   1 
ATOM   992  O O   . MET A 1 142 ? 3.448   7.141   -6.751  1.00 15.73 ? 142 MET A O   1 
ATOM   993  C CB  . MET A 1 142 ? 5.238   4.706   -5.293  1.00 17.00 ? 142 MET A CB  1 
ATOM   994  C CG  . MET A 1 142 ? 5.126   3.901   -4.027  1.00 17.81 ? 142 MET A CG  1 
ATOM   995  S SD  . MET A 1 142 ? 4.059   4.608   -2.753  1.00 19.85 ? 142 MET A SD  1 
ATOM   996  C CE  . MET A 1 142 ? 5.080   5.943   -2.073  1.00 19.60 ? 142 MET A CE  1 
ATOM   997  N N   . GLN A 1 143 ? 4.487   5.770   -8.244  1.00 15.64 ? 143 GLN A N   1 
ATOM   998  C CA  A GLN A 1 143 ? 4.475   6.816   -9.246  0.50 16.29 ? 143 GLN A CA  1 
ATOM   999  C CA  B GLN A 1 143 ? 4.498   6.787   -9.284  0.50 17.69 ? 143 GLN A CA  1 
ATOM   1000 C C   . GLN A 1 143 ? 3.070   7.237   -9.613  1.00 14.91 ? 143 GLN A C   1 
ATOM   1001 O O   . GLN A 1 143 ? 2.749   8.408   -9.760  1.00 16.29 ? 143 GLN A O   1 
ATOM   1002 C CB  A GLN A 1 143 ? 5.234   6.431   -10.513 0.50 17.65 ? 143 GLN A CB  1 
ATOM   1003 C CB  B GLN A 1 143 ? 5.200   6.255   -10.549 0.50 21.19 ? 143 GLN A CB  1 
ATOM   1004 C CG  A GLN A 1 143 ? 6.707   6.202   -10.253 0.50 18.18 ? 143 GLN A CG  1 
ATOM   1005 C CG  B GLN A 1 143 ? 5.478   7.269   -11.645 0.50 25.78 ? 143 GLN A CG  1 
ATOM   1006 C CD  A GLN A 1 143 ? 7.438   5.677   -11.464 0.50 21.76 ? 143 GLN A CD  1 
ATOM   1007 C CD  B GLN A 1 143 ? 6.169   6.649   -12.857 0.50 27.62 ? 143 GLN A CD  1 
ATOM   1008 O OE1 A GLN A 1 143 ? 7.845   4.504   -11.520 0.50 26.56 ? 143 GLN A OE1 1 
ATOM   1009 O OE1 B GLN A 1 143 ? 6.637   5.501   -12.816 0.50 29.37 ? 143 GLN A OE1 1 
ATOM   1010 N NE2 A GLN A 1 143 ? 7.575   6.529   -12.457 0.50 26.00 ? 143 GLN A NE2 1 
ATOM   1011 N NE2 B GLN A 1 143 ? 6.254   7.421   -13.935 0.50 32.56 ? 143 GLN A NE2 1 
ATOM   1012 N N   . LYS A 1 144 ? 2.166   6.250   -9.750  1.00 15.48 ? 144 LYS A N   1 
ATOM   1013 C CA  . LYS A 1 144 ? 0.806   6.587   -10.055 1.00 16.19 ? 144 LYS A CA  1 
ATOM   1014 C C   . LYS A 1 144 ? 0.095   7.436   -8.980  1.00 14.26 ? 144 LYS A C   1 
ATOM   1015 O O   . LYS A 1 144 ? -0.612  8.380   -9.239  1.00 15.55 ? 144 LYS A O   1 
ATOM   1016 C CB  . LYS A 1 144 ? 0.024   5.254   -10.309 1.00 20.58 ? 144 LYS A CB  1 
ATOM   1017 C CG  . LYS A 1 144 ? -1.352  5.404   -10.858 1.00 27.15 ? 144 LYS A CG  1 
ATOM   1018 C CD  . LYS A 1 144 ? -1.946  4.019   -11.218 1.00 27.83 ? 144 LYS A CD  1 
ATOM   1019 C CE  . LYS A 1 144 ? -3.292  4.253   -11.885 1.00 32.80 ? 144 LYS A CE  1 
ATOM   1020 N NZ  . LYS A 1 144 ? -3.987  2.957   -12.149 1.00 35.79 ? 144 LYS A NZ  1 
ATOM   1021 N N   . TRP A 1 145 ? 0.335   7.026   -7.719  1.00 14.59 ? 145 TRP A N   1 
ATOM   1022 C CA  . TRP A 1 145 ? -0.290  7.661   -6.590  1.00 14.60 ? 145 TRP A CA  1 
ATOM   1023 C C   . TRP A 1 145 ? 0.239   9.084   -6.329  1.00 13.09 ? 145 TRP A C   1 
ATOM   1024 O O   . TRP A 1 145 ? -0.535  9.987   -6.061  1.00 14.08 ? 145 TRP A O   1 
ATOM   1025 C CB  . TRP A 1 145 ? -0.230  6.756   -5.358  1.00 14.84 ? 145 TRP A CB  1 
ATOM   1026 C CG  . TRP A 1 145 ? -0.876  5.415   -5.547  1.00 14.28 ? 145 TRP A CG  1 
ATOM   1027 C CD1 . TRP A 1 145 ? -1.920  5.176   -6.374  1.00 16.01 ? 145 TRP A CD1 1 
ATOM   1028 C CD2 . TRP A 1 145 ? -0.578  4.209   -4.873  1.00 15.24 ? 145 TRP A CD2 1 
ATOM   1029 N NE1 . TRP A 1 145 ? -2.269  3.839   -6.272  1.00 16.53 ? 145 TRP A NE1 1 
ATOM   1030 C CE2 . TRP A 1 145 ? -1.445  3.214   -5.407  1.00 15.46 ? 145 TRP A CE2 1 
ATOM   1031 C CE3 . TRP A 1 145 ? 0.398   3.813   -3.995  1.00 14.79 ? 145 TRP A CE3 1 
ATOM   1032 C CZ2 . TRP A 1 145 ? -1.419  1.882   -4.950  1.00 16.53 ? 145 TRP A CZ2 1 
ATOM   1033 C CZ3 . TRP A 1 145 ? 0.466   2.463   -3.589  1.00 17.78 ? 145 TRP A CZ3 1 
ATOM   1034 C CH2 . TRP A 1 145 ? -0.476  1.540   -4.050  1.00 17.20 ? 145 TRP A CH2 1 
ATOM   1035 N N   . ILE A 1 146 ? 1.543   9.219   -6.545  1.00 13.15 ? 146 ILE A N   1 
ATOM   1036 C CA  . ILE A 1 146 ? 2.164   10.555  -6.535  1.00 13.24 ? 146 ILE A CA  1 
ATOM   1037 C C   . ILE A 1 146 ? 1.631   11.491  -7.657  1.00 12.43 ? 146 ILE A C   1 
ATOM   1038 O O   . ILE A 1 146 ? 1.309   12.618  -7.430  1.00 13.93 ? 146 ILE A O   1 
ATOM   1039 C CB  . ILE A 1 146 ? 3.685   10.420  -6.541  1.00 12.81 ? 146 ILE A CB  1 
ATOM   1040 C CG1 . ILE A 1 146 ? 4.132   9.880   -5.168  1.00 13.68 ? 146 ILE A CG1 1 
ATOM   1041 C CG2 . ILE A 1 146 ? 4.323   11.777  -6.839  1.00 14.01 ? 146 ILE A CG2 1 
ATOM   1042 C CD1 . ILE A 1 146 ? 5.541   9.341   -5.178  1.00 15.45 ? 146 ILE A CD1 1 
ATOM   1043 N N   . ALA A 1 147 ? 1.499   10.884  -8.849  1.00 13.10 ? 147 ALA A N   1 
ATOM   1044 C CA  . ALA A 1 147 ? 1.011   11.697  -9.981  1.00 14.36 ? 147 ALA A CA  1 
ATOM   1045 C C   . ALA A 1 147 ? -0.414  12.181  -9.728  1.00 14.80 ? 147 ALA A C   1 
ATOM   1046 O O   . ALA A 1 147 ? -0.786  13.317  -9.965  1.00 16.44 ? 147 ALA A O   1 
ATOM   1047 C CB  . ALA A 1 147 ? 1.121   10.914  -11.285 1.00 15.50 ? 147 ALA A CB  1 
ATOM   1048 N N   . TYR A 1 148 ? -1.226  11.259  -9.152  1.00 14.72 ? 148 TYR A N   1 
ATOM   1049 C CA  . TYR A 1 148 ? -2.595  11.667  -8.846  1.00 15.63 ? 148 TYR A CA  1 
ATOM   1050 C C   . TYR A 1 148 ? -2.661  12.744  -7.745  1.00 15.67 ? 148 TYR A C   1 
ATOM   1051 O O   . TYR A 1 148 ? -3.330  13.746  -7.826  1.00 16.63 ? 148 TYR A O   1 
ATOM   1052 C CB  . TYR A 1 148 ? -3.432  10.417  -8.439  1.00 18.32 ? 148 TYR A CB  1 
ATOM   1053 C CG  . TYR A 1 148 ? -4.839  10.744  -8.071  1.00 21.52 ? 148 TYR A CG  1 
ATOM   1054 C CD1 . TYR A 1 148 ? -5.685  11.275  -9.013  1.00 23.31 ? 148 TYR A CD1 1 
ATOM   1055 C CD2 . TYR A 1 148 ? -5.288  10.668  -6.769  1.00 22.98 ? 148 TYR A CD2 1 
ATOM   1056 C CE1 . TYR A 1 148 ? -6.967  11.673  -8.699  1.00 24.96 ? 148 TYR A CE1 1 
ATOM   1057 C CE2 . TYR A 1 148 ? -6.550  11.100  -6.440  1.00 27.81 ? 148 TYR A CE2 1 
ATOM   1058 C CZ  . TYR A 1 148 ? -7.398  11.529  -7.420  1.00 26.44 ? 148 TYR A CZ  1 
ATOM   1059 O OH  . TYR A 1 148 ? -8.670  11.960  -7.071  1.00 28.37 ? 148 TYR A OH  1 
ATOM   1060 N N   . THR A 1 149 ? -1.844  12.552  -6.697  1.00 14.26 ? 149 THR A N   1 
ATOM   1061 C CA  . THR A 1 149 ? -1.729  13.564  -5.660  1.00 13.71 ? 149 THR A CA  1 
ATOM   1062 C C   . THR A 1 149 ? -1.374  14.942  -6.199  1.00 14.92 ? 149 THR A C   1 
ATOM   1063 O O   . THR A 1 149 ? -1.957  15.944  -5.853  1.00 15.72 ? 149 THR A O   1 
ATOM   1064 C CB  . THR A 1 149 ? -0.651  13.120  -4.612  1.00 13.17 ? 149 THR A CB  1 
ATOM   1065 O OG1 . THR A 1 149 ? -1.021  11.871  -3.995  1.00 13.52 ? 149 THR A OG1 1 
ATOM   1066 C CG2 . THR A 1 149 ? -0.524  14.153  -3.559  1.00 13.63 ? 149 THR A CG2 1 
ATOM   1067 N N   . ALA A 1 150 ? -0.327  14.937  -7.044  1.00 13.69 ? 150 ALA A N   1 
ATOM   1068 C CA  . ALA A 1 150 ? 0.091   16.181  -7.654  1.00 14.89 ? 150 ALA A CA  1 
ATOM   1069 C C   . ALA A 1 150 ? -1.011  16.829  -8.540  1.00 15.58 ? 150 ALA A C   1 
ATOM   1070 O O   . ALA A 1 150 ? -1.126  18.026  -8.499  1.00 16.36 ? 150 ALA A O   1 
ATOM   1071 C CB  . ALA A 1 150 ? 1.322   15.951  -8.511  1.00 13.84 ? 150 ALA A CB  1 
ATOM   1072 N N   . ALA A 1 151 ? -1.760  16.002  -9.246  1.00 16.59 ? 151 ALA A N   1 
ATOM   1073 C CA  . ALA A 1 151 ? -2.875  16.542  -10.046 1.00 18.30 ? 151 ALA A CA  1 
ATOM   1074 C C   . ALA A 1 151 ? -3.940  17.142  -9.175  1.00 19.72 ? 151 ALA A C   1 
ATOM   1075 O O   . ALA A 1 151 ? -4.485  18.203  -9.496  1.00 20.66 ? 151 ALA A O   1 
ATOM   1076 C CB  . ALA A 1 151 ? -3.435  15.455  -10.915 1.00 20.46 ? 151 ALA A CB  1 
ATOM   1077 N N   . VAL A 1 152 ? -4.234  16.538  -8.018  1.00 17.53 ? 152 VAL A N   1 
ATOM   1078 C CA  . VAL A 1 152 ? -5.199  17.137  -7.140  1.00 18.19 ? 152 VAL A CA  1 
ATOM   1079 C C   . VAL A 1 152 ? -4.695  18.468  -6.530  1.00 17.52 ? 152 VAL A C   1 
ATOM   1080 O O   . VAL A 1 152 ? -5.384  19.478  -6.480  1.00 20.82 ? 152 VAL A O   1 
ATOM   1081 C CB  . VAL A 1 152 ? -5.649  16.177  -6.009  1.00 19.05 ? 152 VAL A CB  1 
ATOM   1082 C CG1 . VAL A 1 152 ? -6.584  16.876  -5.024  1.00 20.77 ? 152 VAL A CG1 1 
ATOM   1083 C CG2 . VAL A 1 152 ? -6.294  14.891  -6.577  1.00 20.24 ? 152 VAL A CG2 1 
ATOM   1084 N N   . ILE A 1 153 ? -3.420  18.499  -6.103  1.00 16.61 ? 153 ILE A N   1 
ATOM   1085 C CA  . ILE A 1 153 ? -2.837  19.712  -5.629  1.00 16.22 ? 153 ILE A CA  1 
ATOM   1086 C C   . ILE A 1 153 ? -2.907  20.793  -6.716  1.00 18.35 ? 153 ILE A C   1 
ATOM   1087 O O   . ILE A 1 153 ? -3.204  21.953  -6.406  1.00 19.21 ? 153 ILE A O   1 
ATOM   1088 C CB  . ILE A 1 153 ? -1.346  19.446  -5.140  1.00 14.99 ? 153 ILE A CB  1 
ATOM   1089 C CG1 . ILE A 1 153 ? -1.349  18.533  -3.910  1.00 15.71 ? 153 ILE A CG1 1 
ATOM   1090 C CG2 . ILE A 1 153 ? -0.655  20.751  -4.889  1.00 16.20 ? 153 ILE A CG2 1 
ATOM   1091 C CD1 . ILE A 1 153 ? 0.031   18.087  -3.481  1.00 16.66 ? 153 ILE A CD1 1 
ATOM   1092 N N   . ASP A 1 154 ? -2.559  20.426  -7.940  1.00 18.05 ? 154 ASP A N   1 
ATOM   1093 C CA  . ASP A 1 154 ? -2.620  21.385  -9.045  1.00 19.94 ? 154 ASP A CA  1 
ATOM   1094 C C   . ASP A 1 154 ? -4.049  21.928  -9.226  1.00 22.01 ? 154 ASP A C   1 
ATOM   1095 O O   . ASP A 1 154 ? -4.203  23.140  -9.444  1.00 22.28 ? 154 ASP A O   1 
ATOM   1096 C CB  . ASP A 1 154 ? -2.111  20.784  -10.326 1.00 20.80 ? 154 ASP A CB  1 
ATOM   1097 C CG  . ASP A 1 154 ? -0.577  20.749  -10.385 1.00 24.26 ? 154 ASP A CG  1 
ATOM   1098 O OD1 . ASP A 1 154 ? 0.025   21.686  -9.801  1.00 32.13 ? 154 ASP A OD1 1 
ATOM   1099 O OD2 . ASP A 1 154 ? -0.072  19.939  -11.154 1.00 29.12 ? 154 ASP A OD2 1 
ATOM   1100 N N   . ALA A 1 155 ? -5.026  21.067  -9.081  1.00 21.58 ? 155 ALA A N   1 
ATOM   1101 C CA  . ALA A 1 155 ? -6.451  21.530  -9.174  1.00 24.19 ? 155 ALA A CA  1 
ATOM   1102 C C   . ALA A 1 155 ? -6.834  22.450  -8.053  1.00 24.85 ? 155 ALA A C   1 
ATOM   1103 O O   . ALA A 1 155 ? -7.594  23.426  -8.265  1.00 28.58 ? 155 ALA A O   1 
ATOM   1104 C CB  . ALA A 1 155 ? -7.366  20.338  -9.235  1.00 24.83 ? 155 ALA A CB  1 
ATOM   1105 N N   . GLU A 1 156 ? -6.333  22.206  -6.847  1.00 22.10 ? 156 GLU A N   1 
ATOM   1106 C CA  . GLU A 1 156 ? -6.573  23.080  -5.718  1.00 22.12 ? 156 GLU A CA  1 
ATOM   1107 C C   . GLU A 1 156 ? -5.906  24.436  -5.959  1.00 24.87 ? 156 GLU A C   1 
ATOM   1108 O O   . GLU A 1 156 ? -6.373  25.486  -5.442  1.00 28.52 ? 156 GLU A O   1 
ATOM   1109 C CB  . GLU A 1 156 ? -6.102  22.448  -4.383  1.00 23.19 ? 156 GLU A CB  1 
ATOM   1110 C CG  . GLU A 1 156 ? -6.833  21.169  -4.015  1.00 23.82 ? 156 GLU A CG  1 
ATOM   1111 C CD  . GLU A 1 156 ? -8.252  21.432  -3.533  1.00 20.99 ? 156 GLU A CD  1 
ATOM   1112 O OE1 . GLU A 1 156 ? -9.109  21.536  -4.460  1.00 29.71 ? 156 GLU A OE1 1 
ATOM   1113 O OE2 . GLU A 1 156 ? -8.482  21.780  -2.372  1.00 21.82 ? 156 GLU A OE2 1 
ATOM   1114 N N   . ARG A 1 157 ? -4.704  24.449  -6.554  1.00 20.78 ? 157 ARG A N   1 
ATOM   1115 C CA  . ARG A 1 157 ? -4.036  25.711  -6.840  1.00 22.10 ? 157 ARG A CA  1 
ATOM   1116 C C   . ARG A 1 157 ? -4.787  26.496  -7.929  1.00 22.61 ? 157 ARG A C   1 
ATOM   1117 O O   . ARG A 1 157 ? -4.983  27.717  -7.782  1.00 26.27 ? 157 ARG A O   1 
ATOM   1118 C CB  . ARG A 1 157 ? -2.594  25.454  -7.247  1.00 19.91 ? 157 ARG A CB  1 
ATOM   1119 C CG  . ARG A 1 157 ? -1.773  24.913  -6.073  1.00 19.03 ? 157 ARG A CG  1 
ATOM   1120 C CD  . ARG A 1 157 ? -0.365  24.566  -6.498  1.00 18.92 ? 157 ARG A CD  1 
ATOM   1121 N NE  . ARG A 1 157 ? 0.415   24.130  -5.336  1.00 17.28 ? 157 ARG A NE  1 
ATOM   1122 C CZ  . ARG A 1 157 ? 1.726   23.933  -5.326  1.00 17.06 ? 157 ARG A CZ  1 
ATOM   1123 N NH1 . ARG A 1 157 ? 2.420   24.134  -6.409  1.00 19.31 ? 157 ARG A NH1 1 
ATOM   1124 N NH2 . ARG A 1 157 ? 2.319   23.666  -4.185  1.00 17.19 ? 157 ARG A NH2 1 
ATOM   1125 N N   . ASP A 1 158 ? -5.283  25.773  -8.910  1.00 23.96 ? 158 ASP A N   1 
ATOM   1126 C CA  . ASP A 1 158 ? -5.956  26.423  -10.055 1.00 26.73 ? 158 ASP A CA  1 
ATOM   1127 C C   . ASP A 1 158 ? -7.243  27.080  -9.594  1.00 29.44 ? 158 ASP A C   1 
ATOM   1128 O O   . ASP A 1 158 ? -7.600  28.148  -10.117 1.00 35.59 ? 158 ASP A O   1 
ATOM   1129 C CB  . ASP A 1 158 ? -6.238  25.434  -11.155 1.00 27.32 ? 158 ASP A CB  1 
ATOM   1130 C CG  . ASP A 1 158 ? -4.984  25.033  -11.946 1.00 30.95 ? 158 ASP A CG  1 
ATOM   1131 O OD1 . ASP A 1 158 ? -3.940  25.712  -11.849 1.00 30.91 ? 158 ASP A OD1 1 
ATOM   1132 O OD2 . ASP A 1 158 ? -5.082  24.099  -12.775 1.00 36.04 ? 158 ASP A OD2 1 
ATOM   1133 N N   . ARG A 1 159 ? -7.938  26.486  -8.640  1.00 28.04 ? 159 ARG A N   1 
ATOM   1134 C CA  . ARG A 1 159 ? -9.201  27.066  -8.150  1.00 30.48 ? 159 ARG A CA  1 
ATOM   1135 C C   . ARG A 1 159 ? -8.999  28.136  -7.068  1.00 31.14 ? 159 ARG A C   1 
ATOM   1136 O O   . ARG A 1 159 ? -9.949  28.761  -6.604  1.00 34.33 ? 159 ARG A O   1 
ATOM   1137 C CB  . ARG A 1 159 ? -10.191 25.986  -7.711  1.00 32.44 ? 159 ARG A CB  1 
ATOM   1138 C CG  . ARG A 1 159 ? -9.970  25.339  -6.355  1.00 32.59 ? 159 ARG A CG  1 
ATOM   1139 C CD  . ARG A 1 159 ? -10.937 24.151  -6.142  1.00 36.37 ? 159 ARG A CD  1 
ATOM   1140 N NE  . ARG A 1 159 ? -10.820 23.533  -4.808  1.00 36.74 ? 159 ARG A NE  1 
ATOM   1141 C CZ  . ARG A 1 159 ? -11.228 24.065  -3.656  1.00 38.32 ? 159 ARG A CZ  1 
ATOM   1142 N NH1 . ARG A 1 159 ? -11.892 25.208  -3.637  1.00 51.29 ? 159 ARG A NH1 1 
ATOM   1143 N NH2 . ARG A 1 159 ? -10.984 23.450  -2.503  1.00 39.41 ? 159 ARG A NH2 1 
ATOM   1144 N N   . GLY A 1 160 ? -7.757  28.370  -6.680  1.00 27.87 ? 160 GLY A N   1 
ATOM   1145 C CA  . GLY A 1 160 ? -7.430  29.383  -5.711  1.00 26.21 ? 160 GLY A CA  1 
ATOM   1146 C C   . GLY A 1 160 ? -7.469  28.963  -4.255  1.00 28.77 ? 160 GLY A C   1 
ATOM   1147 O O   . GLY A 1 160 ? -7.290  29.805  -3.388  1.00 33.25 ? 160 GLY A O   1 
ATOM   1148 N N   . ALA A 1 161 ? -7.653  27.666  -3.976  1.00 26.28 ? 161 ALA A N   1 
ATOM   1149 C CA  . ALA A 1 161 ? -7.698  27.189  -2.577  1.00 27.08 ? 161 ALA A CA  1 
ATOM   1150 C C   . ALA A 1 161 ? -6.325  26.917  -1.918  1.00 25.18 ? 161 ALA A C   1 
ATOM   1151 O O   . ALA A 1 161 ? -6.117  27.202  -0.730  1.00 26.40 ? 161 ALA A O   1 
ATOM   1152 C CB  . ALA A 1 161 ? -8.539  25.937  -2.490  1.00 33.69 ? 161 ALA A CB  1 
ATOM   1153 N N   . ALA A 1 162 ? -5.357  26.528  -2.741  1.00 23.94 ? 162 ALA A N   1 
ATOM   1154 C CA  . ALA A 1 162 ? -4.023  26.281  -2.267  1.00 21.83 ? 162 ALA A CA  1 
ATOM   1155 C C   . ALA A 1 162 ? -3.035  27.285  -2.891  1.00 20.96 ? 162 ALA A C   1 
ATOM   1156 O O   . ALA A 1 162 ? -3.108  27.539  -4.107  1.00 22.88 ? 162 ALA A O   1 
ATOM   1157 C CB  . ALA A 1 162 ? -3.644  24.880  -2.606  1.00 20.40 ? 162 ALA A CB  1 
ATOM   1158 N N   . PRO A 1 163 ? -2.071  27.734  -2.092  1.00 20.16 ? 163 PRO A N   1 
ATOM   1159 C CA  . PRO A 1 163 ? -1.034  28.664  -2.569  1.00 21.21 ? 163 PRO A CA  1 
ATOM   1160 C C   . PRO A 1 163 ? 0.000   27.956  -3.454  1.00 22.25 ? 163 PRO A C   1 
ATOM   1161 O O   . PRO A 1 163 ? 0.281   26.755  -3.317  1.00 20.14 ? 163 PRO A O   1 
ATOM   1162 C CB  . PRO A 1 163 ? -0.429  29.236  -1.298  1.00 20.72 ? 163 PRO A CB  1 
ATOM   1163 C CG  . PRO A 1 163 ? -0.568  28.141  -0.275  1.00 22.87 ? 163 PRO A CG  1 
ATOM   1164 C CD  . PRO A 1 163 ? -1.871  27.435  -0.656  1.00 19.82 ? 163 PRO A CD  1 
ATOM   1165 N N   . ARG A 1 164 ? 0.600   28.701  -4.386  1.00 20.26 ? 164 ARG A N   1 
ATOM   1166 C CA  . ARG A 1 164 ? 1.667   28.162  -5.248  1.00 19.95 ? 164 ARG A CA  1 
ATOM   1167 C C   . ARG A 1 164 ? 3.031   28.239  -4.554  1.00 24.08 ? 164 ARG A C   1 
ATOM   1168 O O   . ARG A 1 164 ? 3.790   29.217  -4.681  1.00 24.38 ? 164 ARG A O   1 
ATOM   1169 C CB  . ARG A 1 164 ? 1.674   28.887  -6.598  1.00 23.48 ? 164 ARG A CB  1 
ATOM   1170 C CG  . ARG A 1 164 ? 0.310   28.725  -7.311  1.00 25.30 ? 164 ARG A CG  1 
ATOM   1171 C CD  . ARG A 1 164 ? 0.327   29.187  -8.780  1.00 26.09 ? 164 ARG A CD  1 
ATOM   1172 N NE  . ARG A 1 164 ? -0.979  29.004  -9.442  1.00 28.95 ? 164 ARG A NE  1 
ATOM   1173 C CZ  . ARG A 1 164 ? -1.391  27.873  -10.014 1.00 31.44 ? 164 ARG A CZ  1 
ATOM   1174 N NH1 . ARG A 1 164 ? -0.630  26.796  -10.002 1.00 31.17 ? 164 ARG A NH1 1 
ATOM   1175 N NH2 . ARG A 1 164 ? -2.585  27.811  -10.586 1.00 33.70 ? 164 ARG A NH2 1 
ATOM   1176 N N   . THR A 1 165 ? 3.326   27.244  -3.710  1.00 18.98 ? 165 THR A N   1 
ATOM   1177 C CA  . THR A 1 165 ? 4.524   27.197  -2.897  1.00 18.48 ? 165 THR A CA  1 
ATOM   1178 C C   . THR A 1 165 ? 5.516   26.247  -3.556  1.00 19.03 ? 165 THR A C   1 
ATOM   1179 O O   . THR A 1 165 ? 6.067   26.571  -4.630  1.00 21.59 ? 165 THR A O   1 
ATOM   1180 C CB  . THR A 1 165 ? 4.173   26.783  -1.444  1.00 18.30 ? 165 THR A CB  1 
ATOM   1181 O OG1 . THR A 1 165 ? 3.459   25.530  -1.488  1.00 19.37 ? 165 THR A OG1 1 
ATOM   1182 C CG2 . THR A 1 165 ? 3.306   27.893  -0.847  1.00 20.57 ? 165 THR A CG2 1 
ATOM   1183 N N   . LEU A 1 166 ? 5.736   25.080  -3.020  1.00 16.89 ? 166 LEU A N   1 
ATOM   1184 C CA  . LEU A 1 166 ? 6.695   24.163  -3.629  1.00 17.46 ? 166 LEU A CA  1 
ATOM   1185 C C   . LEU A 1 166 ? 6.159   23.588  -4.961  1.00 16.91 ? 166 LEU A C   1 
ATOM   1186 O O   . LEU A 1 166 ? 4.920   23.505  -5.157  1.00 18.16 ? 166 LEU A O   1 
ATOM   1187 C CB  . LEU A 1 166 ? 6.834   22.909  -2.760  1.00 17.34 ? 166 LEU A CB  1 
ATOM   1188 C CG  . LEU A 1 166 ? 7.428   23.020  -1.402  1.00 17.09 ? 166 LEU A CG  1 
ATOM   1189 C CD1 . LEU A 1 166 ? 7.388   21.669  -0.790  1.00 16.55 ? 166 LEU A CD1 1 
ATOM   1190 C CD2 . LEU A 1 166 ? 8.858   23.560  -1.431  1.00 17.90 ? 166 LEU A CD2 1 
ATOM   1191 N N   . PRO A 1 167 ? 7.039   23.115  -5.841  1.00 15.83 ? 167 PRO A N   1 
ATOM   1192 C CA  . PRO A 1 167 ? 6.653   22.234  -6.960  1.00 16.26 ? 167 PRO A CA  1 
ATOM   1193 C C   . PRO A 1 167 ? 5.714   21.131  -6.504  1.00 15.33 ? 167 PRO A C   1 
ATOM   1194 O O   . PRO A 1 167 ? 6.047   20.407  -5.547  1.00 15.53 ? 167 PRO A O   1 
ATOM   1195 C CB  . PRO A 1 167 ? 7.996   21.696  -7.467  1.00 15.87 ? 167 PRO A CB  1 
ATOM   1196 C CG  . PRO A 1 167 ? 8.941   22.816  -7.143  1.00 14.55 ? 167 PRO A CG  1 
ATOM   1197 C CD  . PRO A 1 167 ? 8.504   23.213  -5.765  1.00 15.63 ? 167 PRO A CD  1 
ATOM   1198 N N   . ALA A 1 168 ? 4.510   21.061  -7.063  1.00 15.76 ? 168 ALA A N   1 
ATOM   1199 C CA  . ALA A 1 168 ? 3.490   20.141  -6.620  1.00 15.13 ? 168 ALA A CA  1 
ATOM   1200 C C   . ALA A 1 168 ? 3.953   18.723  -6.660  1.00 15.38 ? 168 ALA A C   1 
ATOM   1201 O O   . ALA A 1 168 ? 3.603   17.941  -5.748  1.00 15.95 ? 168 ALA A O   1 
ATOM   1202 C CB  . ALA A 1 168 ? 2.226   20.300  -7.486  1.00 15.99 ? 168 ALA A CB  1 
ATOM   1203 N N   . HIS A 1 169 ? 4.690   18.260  -7.634  1.00 13.98 ? 169 HIS A N   1 
ATOM   1204 C CA  . HIS A 1 169 ? 5.092   16.905  -7.736  1.00 15.28 ? 169 HIS A CA  1 
ATOM   1205 C C   . HIS A 1 169 ? 6.124   16.544  -6.653  1.00 15.49 ? 169 HIS A C   1 
ATOM   1206 O O   . HIS A 1 169 ? 6.109   15.432  -6.128  1.00 14.47 ? 169 HIS A O   1 
ATOM   1207 C CB  . HIS A 1 169 ? 5.645   16.603  -9.169  1.00 16.82 ? 169 HIS A CB  1 
ATOM   1208 C CG  . HIS A 1 169 ? 5.781   15.162  -9.468  1.00 15.73 ? 169 HIS A CG  1 
ATOM   1209 N ND1 . HIS A 1 169 ? 6.884   14.432  -9.182  1.00 16.88 ? 169 HIS A ND1 1 
ATOM   1210 C CD2 . HIS A 1 169 ? 4.881   14.269  -9.968  1.00 17.53 ? 169 HIS A CD2 1 
ATOM   1211 C CE1 . HIS A 1 169 ? 6.706   13.156  -9.512  1.00 16.85 ? 169 HIS A CE1 1 
ATOM   1212 N NE2 . HIS A 1 169 ? 5.497   13.057  -9.997  1.00 18.24 ? 169 HIS A NE2 1 
ATOM   1213 N N   . GLU A 1 170 ? 7.012   17.477  -6.302  1.00 13.23 ? 170 GLU A N   1 
ATOM   1214 C CA  . GLU A 1 170 ? 7.998   17.193  -5.237  1.00 13.34 ? 170 GLU A CA  1 
ATOM   1215 C C   . GLU A 1 170 ? 7.304   17.152  -3.845  1.00 13.11 ? 170 GLU A C   1 
ATOM   1216 O O   . GLU A 1 170 ? 7.556   16.238  -3.047  1.00 13.29 ? 170 GLU A O   1 
ATOM   1217 C CB  . GLU A 1 170 ? 9.101   18.288  -5.256  1.00 14.72 ? 170 GLU A CB  1 
ATOM   1218 C CG  . GLU A 1 170 ? 9.834   18.312  -6.602  1.00 15.81 ? 170 GLU A CG  1 
ATOM   1219 C CD  . GLU A 1 170 ? 10.847  19.451  -6.770  1.00 17.74 ? 170 GLU A CD  1 
ATOM   1220 O OE1 . GLU A 1 170 ? 11.023  20.296  -5.931  1.00 17.04 ? 170 GLU A OE1 1 
ATOM   1221 O OE2 . GLU A 1 170 ? 11.469  19.494  -7.868  1.00 20.08 ? 170 GLU A OE2 1 
ATOM   1222 N N   . LEU A 1 171 ? 6.360   18.074  -3.620  1.00 12.31 ? 171 LEU A N   1 
ATOM   1223 C CA  . LEU A 1 171 ? 5.530   18.027  -2.391  1.00 11.88 ? 171 LEU A CA  1 
ATOM   1224 C C   . LEU A 1 171 ? 4.780   16.718  -2.328  1.00 13.20 ? 171 LEU A C   1 
ATOM   1225 O O   . LEU A 1 171 ? 4.791   16.022  -1.298  1.00 12.53 ? 171 LEU A O   1 
ATOM   1226 C CB  . LEU A 1 171 ? 4.568   19.189  -2.402  1.00 12.45 ? 171 LEU A CB  1 
ATOM   1227 C CG  . LEU A 1 171 ? 3.568   19.292  -1.266  1.00 12.98 ? 171 LEU A CG  1 
ATOM   1228 C CD1 . LEU A 1 171 ? 4.227   19.201  0.104   1.00 14.54 ? 171 LEU A CD1 1 
ATOM   1229 C CD2 . LEU A 1 171 ? 2.769   20.593  -1.391  1.00 16.42 ? 171 LEU A CD2 1 
ATOM   1230 N N   . ALA A 1 172 ? 4.169   16.311  -3.417  1.00 11.39 ? 172 ALA A N   1 
ATOM   1231 C CA  . ALA A 1 172 ? 3.408   15.067  -3.457  1.00 11.79 ? 172 ALA A CA  1 
ATOM   1232 C C   . ALA A 1 172 ? 4.286   13.901  -3.159  1.00 11.85 ? 172 ALA A C   1 
ATOM   1233 O O   . ALA A 1 172 ? 3.879   12.918  -2.478  1.00 12.03 ? 172 ALA A O   1 
ATOM   1234 C CB  . ALA A 1 172 ? 2.740   14.903  -4.802  1.00 12.68 ? 172 ALA A CB  1 
ATOM   1235 N N   . THR A 1 173 ? 5.525   13.877  -3.667  1.00 11.30 ? 173 THR A N   1 
ATOM   1236 C CA  . THR A 1 173 ? 6.409   12.787  -3.461  1.00 11.98 ? 173 THR A CA  1 
ATOM   1237 C C   . THR A 1 173 ? 6.765   12.609  -1.979  1.00 10.97 ? 173 THR A C   1 
ATOM   1238 O O   . THR A 1 173 ? 6.660   11.527  -1.411  1.00 12.82 ? 173 THR A O   1 
ATOM   1239 C CB  . THR A 1 173 ? 7.716   12.938  -4.300  1.00 12.96 ? 173 THR A CB  1 
ATOM   1240 O OG1 . THR A 1 173 ? 7.368   12.962  -5.712  1.00 14.24 ? 173 THR A OG1 1 
ATOM   1241 C CG2 . THR A 1 173 ? 8.689   11.895  -4.053  1.00 13.09 ? 173 THR A CG2 1 
ATOM   1242 N N   . ALA A 1 174 ? 7.204   13.718  -1.337  1.00 11.41 ? 174 ALA A N   1 
ATOM   1243 C CA  . ALA A 1 174 ? 7.534   13.633  0.076   1.00 12.14 ? 174 ALA A CA  1 
ATOM   1244 C C   . ALA A 1 174 ? 6.333   13.216  0.927   1.00 11.97 ? 174 ALA A C   1 
ATOM   1245 O O   . ALA A 1 174 ? 6.509   12.439  1.872   1.00 11.54 ? 174 ALA A O   1 
ATOM   1246 C CB  . ALA A 1 174 ? 8.061   14.985  0.540   1.00 11.75 ? 174 ALA A CB  1 
ATOM   1247 N N   . LEU A 1 175 ? 5.140   13.707  0.607   1.00 11.09 ? 175 LEU A N   1 
ATOM   1248 C CA  . LEU A 1 175 ? 3.977   13.340  1.422   1.00 11.31 ? 175 LEU A CA  1 
ATOM   1249 C C   . LEU A 1 175 ? 3.616   11.891  1.225   1.00 11.35 ? 175 LEU A C   1 
ATOM   1250 O O   . LEU A 1 175 ? 3.200   11.237  2.198   1.00 11.89 ? 175 LEU A O   1 
ATOM   1251 C CB  . LEU A 1 175 ? 2.804   14.233  1.082   1.00 10.61 ? 175 LEU A CB  1 
ATOM   1252 C CG  . LEU A 1 175 ? 2.892   15.697  1.456   1.00 12.37 ? 175 LEU A CG  1 
ATOM   1253 C CD1 . LEU A 1 175 ? 1.723   16.536  0.932   1.00 12.85 ? 175 LEU A CD1 1 
ATOM   1254 C CD2 . LEU A 1 175 ? 3.019   15.898  2.972   1.00 13.24 ? 175 LEU A CD2 1 
ATOM   1255 N N   . ASN A 1 176 ? 3.652   11.357  0.045   1.00 11.36 ? 176 ASN A N   1 
ATOM   1256 C CA  . ASN A 1 176 ? 3.417   9.966   -0.184  1.00 11.07 ? 176 ASN A CA  1 
ATOM   1257 C C   . ASN A 1 176 ? 4.441   9.091   0.496   1.00 13.57 ? 176 ASN A C   1 
ATOM   1258 O O   . ASN A 1 176 ? 4.099   7.999   1.069   1.00 12.58 ? 176 ASN A O   1 
ATOM   1259 C CB  . ASN A 1 176 ? 3.331   9.599   -1.686  1.00 12.47 ? 176 ASN A CB  1 
ATOM   1260 C CG  . ASN A 1 176 ? 1.963   9.902   -2.278  1.00 12.53 ? 176 ASN A CG  1 
ATOM   1261 O OD1 . ASN A 1 176 ? 1.213   8.933   -2.495  1.00 17.53 ? 176 ASN A OD1 1 
ATOM   1262 N ND2 . ASN A 1 176 ? 1.636   11.096  -2.582  1.00 12.67 ? 176 ASN A ND2 1 
ATOM   1263 N N   . LEU A 1 177 ? 5.736   9.470   0.459   1.00 12.05 ? 177 LEU A N   1 
ATOM   1264 C CA  . LEU A 1 177 ? 6.760   8.704   1.153   1.00 12.41 ? 177 LEU A CA  1 
ATOM   1265 C C   . LEU A 1 177 ? 6.567   8.750   2.653   1.00 11.83 ? 177 LEU A C   1 
ATOM   1266 O O   . LEU A 1 177 ? 6.792   7.746   3.328   1.00 12.93 ? 177 LEU A O   1 
ATOM   1267 C CB  . LEU A 1 177 ? 8.150   9.165   0.732   1.00 12.95 ? 177 LEU A CB  1 
ATOM   1268 C CG  . LEU A 1 177 ? 8.559   8.899   -0.696  1.00 13.19 ? 177 LEU A CG  1 
ATOM   1269 C CD1 . LEU A 1 177 ? 9.898   9.563   -0.992  1.00 16.57 ? 177 LEU A CD1 1 
ATOM   1270 C CD2 . LEU A 1 177 ? 8.676   7.434   -0.973  1.00 15.88 ? 177 LEU A CD2 1 
ATOM   1271 N N   . MET A 1 178 ? 6.171   9.905   3.200   1.00 10.89 ? 178 MET A N   1 
ATOM   1272 C CA  . MET A 1 178 ? 5.811   9.975   4.602   1.00 10.99 ? 178 MET A CA  1 
ATOM   1273 C C   . MET A 1 178 ? 4.733   8.948   4.896   1.00 12.30 ? 178 MET A C   1 
ATOM   1274 O O   . MET A 1 178 ? 4.828   8.219   5.905   1.00 12.55 ? 178 MET A O   1 
ATOM   1275 C CB  . MET A 1 178 ? 5.307   11.352  5.012   1.00 11.31 ? 178 MET A CB  1 
ATOM   1276 C CG  . MET A 1 178 ? 4.800   11.404  6.424   1.00 12.10 ? 178 MET A CG  1 
ATOM   1277 S SD  . MET A 1 178 ? 4.247   13.029  6.952   1.00 13.89 ? 178 MET A SD  1 
ATOM   1278 C CE  . MET A 1 178 ? 2.835   13.248  5.845   1.00 12.86 ? 178 MET A CE  1 
ATOM   1279 N N   . ASN A 1 179 ? 3.717   8.914   4.090   1.00 11.65 ? 179 ASN A N   1 
ATOM   1280 C CA  . ASN A 1 179 ? 2.593   8.005   4.402   1.00 12.47 ? 179 ASN A CA  1 
ATOM   1281 C C   . ASN A 1 179 ? 3.075   6.586   4.335   1.00 11.87 ? 179 ASN A C   1 
ATOM   1282 O O   . ASN A 1 179 ? 2.684   5.756   5.196   1.00 12.79 ? 179 ASN A O   1 
ATOM   1283 C CB  . ASN A 1 179 ? 1.414   8.224   3.444   1.00 12.64 ? 179 ASN A CB  1 
ATOM   1284 C CG  . ASN A 1 179 ? 0.620   9.430   3.768   1.00 12.90 ? 179 ASN A CG  1 
ATOM   1285 O OD1 . ASN A 1 179 ? 1.083   10.330  4.486   1.00 13.07 ? 179 ASN A OD1 1 
ATOM   1286 N ND2 . ASN A 1 179 ? -0.573  9.555   3.208   1.00 14.16 ? 179 ASN A ND2 1 
ATOM   1287 N N   . GLU A 1 180 ? 3.823   6.199   3.335   1.00 12.05 ? 180 GLU A N   1 
ATOM   1288 C CA  . GLU A 1 180 ? 4.357   4.842   3.246   1.00 13.24 ? 180 GLU A CA  1 
ATOM   1289 C C   . GLU A 1 180 ? 5.092   4.458   4.515   1.00 13.46 ? 180 GLU A C   1 
ATOM   1290 O O   . GLU A 1 180 ? 4.777   3.451   5.174   1.00 14.51 ? 180 GLU A O   1 
ATOM   1291 C CB  . GLU A 1 180 ? 5.325   4.771   2.078   1.00 14.10 ? 180 GLU A CB  1 
ATOM   1292 C CG  . GLU A 1 180 ? 5.965   3.392   1.881   1.00 17.98 ? 180 GLU A CG  1 
ATOM   1293 C CD  . GLU A 1 180 ? 7.116   3.438   0.955   1.00 20.91 ? 180 GLU A CD  1 
ATOM   1294 O OE1 . GLU A 1 180 ? 7.023   3.940   -0.127  1.00 23.52 ? 180 GLU A OE1 1 
ATOM   1295 O OE2 . GLU A 1 180 ? 8.166   2.931   1.380   1.00 30.12 ? 180 GLU A OE2 1 
ATOM   1296 N N   . ARG A 1 181 ? 6.045   5.273   4.944   1.00 12.88 ? 181 ARG A N   1 
ATOM   1297 C CA  . ARG A 1 181 ? 6.880   4.903   6.071   1.00 13.03 ? 181 ARG A CA  1 
ATOM   1298 C C   . ARG A 1 181 ? 6.098   4.931   7.361   1.00 12.87 ? 181 ARG A C   1 
ATOM   1299 O O   . ARG A 1 181 ? 6.241   4.037   8.227   1.00 14.44 ? 181 ARG A O   1 
ATOM   1300 C CB  . ARG A 1 181 ? 8.077   5.823   6.151   1.00 14.72 ? 181 ARG A CB  1 
ATOM   1301 C CG  . ARG A 1 181 ? 9.131   5.431   7.188   1.00 16.21 ? 181 ARG A CG  1 
ATOM   1302 C CD  . ARG A 1 181 ? 9.967   4.209   6.813   1.00 19.43 ? 181 ARG A CD  1 
ATOM   1303 N NE  . ARG A 1 181 ? 10.888  3.960   7.922   1.00 27.14 ? 181 ARG A NE  1 
ATOM   1304 C CZ  . ARG A 1 181 ? 10.593  3.299   9.019   1.00 26.99 ? 181 ARG A CZ  1 
ATOM   1305 N NH1 . ARG A 1 181 ? 9.564   2.532   9.050   1.00 30.08 ? 181 ARG A NH1 1 
ATOM   1306 N NH2 . ARG A 1 181 ? 11.443  3.353   10.045  1.00 33.97 ? 181 ARG A NH2 1 
ATOM   1307 N N   . THR A 1 182 ? 5.217   5.916   7.542   1.00 12.82 ? 182 THR A N   1 
ATOM   1308 C CA  . THR A 1 182 ? 4.470   6.083   8.779   1.00 12.87 ? 182 THR A CA  1 
ATOM   1309 C C   . THR A 1 182 ? 3.422   5.044   8.896   1.00 13.13 ? 182 THR A C   1 
ATOM   1310 O O   . THR A 1 182 ? 3.238   4.447   9.973   1.00 15.23 ? 182 THR A O   1 
ATOM   1311 C CB  . THR A 1 182 ? 3.924   7.508   8.889   1.00 13.69 ? 182 THR A CB  1 
ATOM   1312 O OG1 . THR A 1 182 ? 4.989   8.471   8.738   1.00 15.63 ? 182 THR A OG1 1 
ATOM   1313 C CG2 . THR A 1 182 ? 3.244   7.747   10.220  1.00 14.56 ? 182 THR A CG2 1 
ATOM   1314 N N   . LEU A 1 183 ? 2.598   4.816   7.891   1.00 12.95 ? 183 LEU A N   1 
ATOM   1315 C CA  . LEU A 1 183 ? 1.587   3.732   7.932   1.00 13.92 ? 183 LEU A CA  1 
ATOM   1316 C C   . LEU A 1 183 ? 2.258   2.421   8.210   1.00 15.26 ? 183 LEU A C   1 
ATOM   1317 O O   . LEU A 1 183 ? 1.792   1.677   9.137   1.00 15.95 ? 183 LEU A O   1 
ATOM   1318 C CB  . LEU A 1 183 ? 0.776   3.616   6.644   1.00 15.01 ? 183 LEU A CB  1 
ATOM   1319 C CG  . LEU A 1 183 ? -0.148  4.777   6.363   1.00 16.66 ? 183 LEU A CG  1 
ATOM   1320 C CD1 . LEU A 1 183 ? -0.656  4.741   4.951   1.00 19.24 ? 183 LEU A CD1 1 
ATOM   1321 C CD2 . LEU A 1 183 ? -1.310  4.918   7.374   1.00 21.87 ? 183 LEU A CD2 1 
ATOM   1322 N N   . PHE A 1 184 ? 3.312   2.090   7.530   1.00 14.56 ? 184 PHE A N   1 
ATOM   1323 C CA  . PHE A 1 184 ? 3.916   0.748   7.675   1.00 15.92 ? 184 PHE A CA  1 
ATOM   1324 C C   . PHE A 1 184 ? 4.573   0.595   9.010   1.00 17.87 ? 184 PHE A C   1 
ATOM   1325 O O   . PHE A 1 184 ? 4.482   -0.466  9.655   1.00 19.83 ? 184 PHE A O   1 
ATOM   1326 C CB  . PHE A 1 184 ? 4.736   0.406   6.468   1.00 18.36 ? 184 PHE A CB  1 
ATOM   1327 C CG  . PHE A 1 184 ? 3.937   0.393   5.155   1.00 19.61 ? 184 PHE A CG  1 
ATOM   1328 C CD1 . PHE A 1 184 ? 2.568   0.475   5.102   1.00 19.79 ? 184 PHE A CD1 1 
ATOM   1329 C CD2 . PHE A 1 184 ? 4.614   0.333   3.965   1.00 22.11 ? 184 PHE A CD2 1 
ATOM   1330 C CE1 . PHE A 1 184 ? 1.863   0.529   3.888   1.00 20.13 ? 184 PHE A CE1 1 
ATOM   1331 C CE2 . PHE A 1 184 ? 3.926   0.327   2.765   1.00 21.69 ? 184 PHE A CE2 1 
ATOM   1332 C CZ  . PHE A 1 184 ? 2.576   0.470   2.719   1.00 20.54 ? 184 PHE A CZ  1 
ATOM   1333 N N   . ALA A 1 185 ? 5.158   1.644   9.560   1.00 16.44 ? 185 ALA A N   1 
ATOM   1334 C CA  . ALA A 1 185 ? 5.734   1.545   10.921  1.00 17.46 ? 185 ALA A CA  1 
ATOM   1335 C C   . ALA A 1 185 ? 4.625   1.360   11.929  1.00 17.72 ? 185 ALA A C   1 
ATOM   1336 O O   . ALA A 1 185 ? 4.805   0.554   12.906  1.00 20.31 ? 185 ALA A O   1 
ATOM   1337 C CB  . ALA A 1 185 ? 6.527   2.790   11.231  1.00 17.24 ? 185 ALA A CB  1 
ATOM   1338 N N   . SER A 1 186 ? 3.491   2.022   11.766  1.00 16.09 ? 186 SER A N   1 
ATOM   1339 C CA  A SER A 1 186 ? 2.329   1.926   12.653  0.50 18.29 ? 186 SER A CA  1 
ATOM   1340 C CA  B SER A 1 186 ? 2.345   1.906   12.677  0.50 16.12 ? 186 SER A CA  1 
ATOM   1341 C C   . SER A 1 186 ? 1.794   0.505   12.639  1.00 19.46 ? 186 SER A C   1 
ATOM   1342 O O   . SER A 1 186 ? 1.519   -0.078  13.732  1.00 22.90 ? 186 SER A O   1 
ATOM   1343 C CB  A SER A 1 186 ? 1.276   2.954   12.270  0.50 20.94 ? 186 SER A CB  1 
ATOM   1344 C CB  B SER A 1 186 ? 1.273   2.952   12.433  0.50 14.78 ? 186 SER A CB  1 
ATOM   1345 O OG  A SER A 1 186 ? 0.209   2.990   13.185  0.50 25.88 ? 186 SER A OG  1 
ATOM   1346 O OG  B SER A 1 186 ? 1.740   4.255   12.756  0.50 15.02 ? 186 SER A OG  1 
ATOM   1347 N N   . PHE A 1 187 ? 1.678   -0.074  11.478  1.00 17.60 ? 187 PHE A N   1 
ATOM   1348 C CA  . PHE A 1 187 ? 1.063   -1.403  11.386  1.00 21.52 ? 187 PHE A CA  1 
ATOM   1349 C C   . PHE A 1 187 ? 1.953   -2.432  12.057  1.00 26.63 ? 187 PHE A C   1 
ATOM   1350 O O   . PHE A 1 187 ? 1.437   -3.410  12.618  1.00 31.22 ? 187 PHE A O   1 
ATOM   1351 C CB  . PHE A 1 187 ? 0.854   -1.812  9.931   1.00 19.31 ? 187 PHE A CB  1 
ATOM   1352 C CG  . PHE A 1 187 ? -0.158  -0.973  9.164   1.00 16.75 ? 187 PHE A CG  1 
ATOM   1353 C CD1 . PHE A 1 187 ? -1.193  -0.319  9.788   1.00 19.14 ? 187 PHE A CD1 1 
ATOM   1354 C CD2 . PHE A 1 187 ? -0.037  -0.877  7.777   1.00 18.48 ? 187 PHE A CD2 1 
ATOM   1355 C CE1 . PHE A 1 187 ? -2.101  0.408   9.062   1.00 20.60 ? 187 PHE A CE1 1 
ATOM   1356 C CE2 . PHE A 1 187 ? -0.913  -0.102  7.070   1.00 20.10 ? 187 PHE A CE2 1 
ATOM   1357 C CZ  . PHE A 1 187 ? -1.970  0.499   7.708   1.00 19.59 ? 187 PHE A CZ  1 
ATOM   1358 N N   . ALA A 1 188 ? 3.251   -2.285  11.895  1.00 24.84 ? 188 ALA A N   1 
ATOM   1359 C CA  . ALA A 1 188 ? 4.229   -3.202  12.461  1.00 29.72 ? 188 ALA A CA  1 
ATOM   1360 C C   . ALA A 1 188 ? 4.525   -2.912  13.923  1.00 28.24 ? 188 ALA A C   1 
ATOM   1361 O O   . ALA A 1 188 ? 5.194   -3.732  14.557  1.00 42.52 ? 188 ALA A O   1 
ATOM   1362 C CB  . ALA A 1 188 ? 5.501   -3.180  11.639  1.00 29.00 ? 188 ALA A CB  1 
ATOM   1363 N N   . GLY A 1 189 ? 3.927   -1.906  14.538  1.00 28.79 ? 189 GLY A N   1 
ATOM   1364 C CA  . GLY A 1 189 ? 4.275   -1.550  15.900  1.00 31.64 ? 189 GLY A CA  1 
ATOM   1365 C C   . GLY A 1 189 ? 5.790   -1.317  16.068  1.00 30.08 ? 189 GLY A C   1 
ATOM   1366 O O   . GLY A 1 189 ? 6.325   -1.530  17.137  1.00 37.55 ? 189 GLY A O   1 
ATOM   1367 N N   . GLU A 1 190 ? 6.466   -0.796  15.041  1.00 29.13 ? 190 GLU A N   1 
ATOM   1368 C CA  . GLU A 1 190 ? 7.888   -0.447  15.181  1.00 26.57 ? 190 GLU A CA  1 
ATOM   1369 C C   . GLU A 1 190 ? 8.070   0.557   16.297  1.00 25.04 ? 190 GLU A C   1 
ATOM   1370 O O   . GLU A 1 190 ? 7.202   1.308   16.674  1.00 24.62 ? 190 GLU A O   1 
ATOM   1371 C CB  . GLU A 1 190 ? 8.491   0.126   13.852  1.00 29.27 ? 190 GLU A CB  1 
ATOM   1372 C CG  . GLU A 1 190 ? 8.653   -0.824  12.677  1.00 32.75 ? 190 GLU A CG  1 
ATOM   1373 C CD  . GLU A 1 190 ? 9.194   -0.121  11.444  1.00 35.67 ? 190 GLU A CD  1 
ATOM   1374 O OE1 . GLU A 1 190 ? 9.656   1.019   11.557  1.00 32.74 ? 190 GLU A OE1 1 
ATOM   1375 O OE2 . GLU A 1 190 ? 9.242   -0.738  10.367  1.00 50.83 ? 190 GLU A OE2 1 
ATOM   1376 N N   . GLN A 1 191 ? 9.245   0.555   16.897  1.00 26.95 ? 191 GLN A N   1 
ATOM   1377 C CA  . GLN A 1 191 ? 9.547   1.637   17.814  1.00 28.36 ? 191 GLN A CA  1 
ATOM   1378 C C   . GLN A 1 191 ? 10.689  2.389   17.217  1.00 31.13 ? 191 GLN A C   1 
ATOM   1379 O O   . GLN A 1 191 ? 11.727  1.815   16.889  1.00 33.19 ? 191 GLN A O   1 
ATOM   1380 C CB  . GLN A 1 191 ? 9.849   1.144   19.223  1.00 46.45 ? 191 GLN A CB  1 
ATOM   1381 C CG  . GLN A 1 191 ? 10.793  -0.034  19.332  1.00 58.94 ? 191 GLN A CG  1 
ATOM   1382 C CD  . GLN A 1 191 ? 11.060  -0.383  20.787  1.00 81.32 ? 191 GLN A CD  1 
ATOM   1383 O OE1 . GLN A 1 191 ? 10.942  0.474   21.674  1.00 84.95 ? 191 GLN A OE1 1 
ATOM   1384 N NE2 . GLN A 1 191 ? 11.401  -1.644  21.046  1.00 81.31 ? 191 GLN A NE2 1 
ATOM   1385 N N   . PRO A 1 192 ? 10.437  3.592   16.749  1.00 24.56 ? 192 PRO A N   1 
ATOM   1386 C CA  . PRO A 1 192 ? 9.265   4.435   16.977  1.00 22.36 ? 192 PRO A CA  1 
ATOM   1387 C C   . PRO A 1 192 ? 8.160   4.293   15.919  1.00 18.92 ? 192 PRO A C   1 
ATOM   1388 O O   . PRO A 1 192 ? 8.367   3.933   14.759  1.00 20.80 ? 192 PRO A O   1 
ATOM   1389 C CB  . PRO A 1 192 ? 9.869   5.848   16.831  1.00 28.66 ? 192 PRO A CB  1 
ATOM   1390 C CG  . PRO A 1 192 ? 10.931  5.670   15.803  1.00 31.56 ? 192 PRO A CG  1 
ATOM   1391 C CD  . PRO A 1 192 ? 11.506  4.295   16.009  1.00 30.84 ? 192 PRO A CD  1 
ATOM   1392 N N   . SER A 1 193 ? 6.946   4.645   16.342  1.00 17.39 ? 193 SER A N   1 
ATOM   1393 C CA  . SER A 1 193 ? 5.818   4.739   15.428  1.00 15.56 ? 193 SER A CA  1 
ATOM   1394 C C   . SER A 1 193 ? 4.722   5.550   16.044  1.00 15.93 ? 193 SER A C   1 
ATOM   1395 O O   . SER A 1 193 ? 4.596   5.599   17.284  1.00 19.17 ? 193 SER A O   1 
ATOM   1396 C CB  . SER A 1 193 ? 5.273   3.399   14.995  1.00 16.48 ? 193 SER A CB  1 
ATOM   1397 O OG  . SER A 1 193 ? 4.877   2.580   16.107  1.00 19.60 ? 193 SER A OG  1 
ATOM   1398 N N   . VAL A 1 194 ? 3.838   6.070   15.216  1.00 15.64 ? 194 VAL A N   1 
ATOM   1399 C CA  . VAL A 1 194 ? 2.591   6.679   15.637  1.00 16.99 ? 194 VAL A CA  1 
ATOM   1400 C C   . VAL A 1 194 ? 1.618   5.542   15.987  1.00 15.96 ? 194 VAL A C   1 
ATOM   1401 O O   . VAL A 1 194 ? 1.470   4.614   15.233  1.00 16.34 ? 194 VAL A O   1 
ATOM   1402 C CB  . VAL A 1 194 ? 2.030   7.587   14.509  1.00 14.94 ? 194 VAL A CB  1 
ATOM   1403 C CG1 . VAL A 1 194 ? 0.729   8.234   14.893  1.00 17.88 ? 194 VAL A CG1 1 
ATOM   1404 C CG2 . VAL A 1 194 ? 3.047   8.679   14.149  1.00 17.46 ? 194 VAL A CG2 1 
ATOM   1405 N N   . PRO A 1 195 ? 0.879   5.655   17.089  1.00 15.76 ? 195 PRO A N   1 
ATOM   1406 C CA  . PRO A 1 195 ? -0.118  4.637   17.316  1.00 15.27 ? 195 PRO A CA  1 
ATOM   1407 C C   . PRO A 1 195 ? -1.097  4.536   16.141  1.00 15.55 ? 195 PRO A C   1 
ATOM   1408 O O   . PRO A 1 195 ? -1.517  5.525   15.565  1.00 14.07 ? 195 PRO A O   1 
ATOM   1409 C CB  . PRO A 1 195 ? -0.853  5.125   18.549  1.00 19.53 ? 195 PRO A CB  1 
ATOM   1410 C CG  . PRO A 1 195 ? 0.171   6.009   19.228  1.00 20.54 ? 195 PRO A CG  1 
ATOM   1411 C CD  . PRO A 1 195 ? 1.024   6.618   18.173  1.00 18.77 ? 195 PRO A CD  1 
ATOM   1412 N N   . GLU A 1 196 ? -1.505  3.326   15.805  1.00 15.20 ? 196 GLU A N   1 
ATOM   1413 C CA  . GLU A 1 196 ? -2.417  3.131   14.718  1.00 15.89 ? 196 GLU A CA  1 
ATOM   1414 C C   . GLU A 1 196 ? -3.670  3.944   14.825  1.00 15.57 ? 196 GLU A C   1 
ATOM   1415 O O   . GLU A 1 196 ? -4.119  4.537   13.854  1.00 15.87 ? 196 GLU A O   1 
ATOM   1416 C CB  . GLU A 1 196 ? -2.713  1.621   14.561  1.00 19.03 ? 196 GLU A CB  1 
ATOM   1417 C CG  . GLU A 1 196 ? -3.460  1.238   13.294  1.00 26.09 ? 196 GLU A CG  1 
ATOM   1418 C CD  . GLU A 1 196 ? -3.563  -0.288  13.084  1.00 29.41 ? 196 GLU A CD  1 
ATOM   1419 O OE1 . GLU A 1 196 ? -2.667  -0.994  13.570  1.00 37.68 ? 196 GLU A OE1 1 
ATOM   1420 O OE2 . GLU A 1 196 ? -4.403  -0.721  12.284  1.00 45.83 ? 196 GLU A OE2 1 
ATOM   1421 N N   . ALA A 1 197 ? -4.211  4.111   16.049  1.00 15.28 ? 197 ALA A N   1 
ATOM   1422 C CA  . ALA A 1 197 ? -5.359  4.919   16.248  1.00 14.92 ? 197 ALA A CA  1 
ATOM   1423 C C   . ALA A 1 197 ? -5.186  6.405   16.112  1.00 15.48 ? 197 ALA A C   1 
ATOM   1424 O O   . ALA A 1 197 ? -6.139  7.182   16.230  1.00 18.12 ? 197 ALA A O   1 
ATOM   1425 C CB  . ALA A 1 197 ? -5.986  4.585   17.594  1.00 16.45 ? 197 ALA A CB  1 
ATOM   1426 N N   . ARG A 1 198 ? -3.948  6.843   15.953  1.00 13.81 ? 198 ARG A N   1 
ATOM   1427 C CA  . ARG A 1 198 ? -3.619  8.238   15.790  1.00 13.66 ? 198 ARG A CA  1 
ATOM   1428 C C   . ARG A 1 198 ? -3.054  8.567   14.377  1.00 12.25 ? 198 ARG A C   1 
ATOM   1429 O O   . ARG A 1 198 ? -2.833  9.729   14.075  1.00 14.48 ? 198 ARG A O   1 
ATOM   1430 C CB  . ARG A 1 198 ? -2.594  8.687   16.871  1.00 14.99 ? 198 ARG A CB  1 
ATOM   1431 C CG  . ARG A 1 198 ? -3.152  8.754   18.288  1.00 15.84 ? 198 ARG A CG  1 
ATOM   1432 C CD  . ARG A 1 198 ? -4.193  9.812   18.413  1.00 14.40 ? 198 ARG A CD  1 
ATOM   1433 N NE  . ARG A 1 198 ? -3.731  11.150  18.008  1.00 16.10 ? 198 ARG A NE  1 
ATOM   1434 C CZ  . ARG A 1 198 ? -4.487  12.065  17.473  1.00 17.98 ? 198 ARG A CZ  1 
ATOM   1435 N NH1 . ARG A 1 198 ? -5.793  11.882  17.404  1.00 22.18 ? 198 ARG A NH1 1 
ATOM   1436 N NH2 . ARG A 1 198 ? -3.998  13.166  16.956  1.00 18.09 ? 198 ARG A NH2 1 
ATOM   1437 N N   . VAL A 1 199 ? -2.784  7.565   13.580  1.00 12.56 ? 199 VAL A N   1 
ATOM   1438 C CA  . VAL A 1 199 ? -2.011  7.823   12.351  1.00 13.36 ? 199 VAL A CA  1 
ATOM   1439 C C   . VAL A 1 199 ? -2.796  8.595   11.339  1.00 13.81 ? 199 VAL A C   1 
ATOM   1440 O O   . VAL A 1 199 ? -2.230  9.529   10.695  1.00 13.83 ? 199 VAL A O   1 
ATOM   1441 C CB  . VAL A 1 199 ? -1.352  6.558   11.898  1.00 17.55 ? 199 VAL A CB  1 
ATOM   1442 C CG1 . VAL A 1 199 ? -2.274  5.643   11.234  1.00 20.11 ? 199 VAL A CG1 1 
ATOM   1443 C CG2 . VAL A 1 199 ? -0.138  6.933   10.992  1.00 19.31 ? 199 VAL A CG2 1 
ATOM   1444 N N   . LEU A 1 200 ? -4.084  8.389   11.162  1.00 14.72 ? 200 LEU A N   1 
ATOM   1445 C CA  A LEU A 1 200 ? -4.754  9.080   10.148  0.50 14.16 ? 200 LEU A CA  1 
ATOM   1446 C CA  B LEU A 1 200 ? -4.857  9.192   10.177  0.50 13.77 ? 200 LEU A CA  1 
ATOM   1447 C C   . LEU A 1 200 ? -4.872  10.615  10.527  1.00 15.13 ? 200 LEU A C   1 
ATOM   1448 O O   . LEU A 1 200 ? -4.589  11.527  9.670   1.00 16.53 ? 200 LEU A O   1 
ATOM   1449 C CB  A LEU A 1 200 ? -6.053  8.283   9.886   0.50 15.51 ? 200 LEU A CB  1 
ATOM   1450 C CB  B LEU A 1 200 ? -6.355  8.818   10.067  0.50 14.17 ? 200 LEU A CB  1 
ATOM   1451 C CG  A LEU A 1 200 ? -6.899  8.782   8.753   0.50 17.36 ? 200 LEU A CG  1 
ATOM   1452 C CG  B LEU A 1 200 ? -6.534  7.517   9.330   0.50 13.32 ? 200 LEU A CG  1 
ATOM   1453 C CD1 A LEU A 1 200 ? -6.234  8.678   7.399   0.50 16.44 ? 200 LEU A CD1 1 
ATOM   1454 C CD1 B LEU A 1 200 ? -8.032  7.183   9.395   0.50 14.34 ? 200 LEU A CD1 1 
ATOM   1455 C CD2 A LEU A 1 200 ? -8.218  7.992   8.792   0.50 16.68 ? 200 LEU A CD2 1 
ATOM   1456 C CD2 B LEU A 1 200 ? -6.046  7.666   7.903   0.50 14.67 ? 200 LEU A CD2 1 
ATOM   1457 N N   . ASP A 1 201 ? -5.173  10.979  11.759  1.00 14.20 ? 201 ASP A N   1 
ATOM   1458 C CA  . ASP A 1 201 ? -5.238  12.368  12.172  1.00 16.14 ? 201 ASP A CA  1 
ATOM   1459 C C   . ASP A 1 201 ? -3.837  13.011  11.950  1.00 13.75 ? 201 ASP A C   1 
ATOM   1460 O O   . ASP A 1 201 ? -3.759  14.188  11.571  1.00 14.92 ? 201 ASP A O   1 
ATOM   1461 C CB  . ASP A 1 201 ? -5.609  12.535  13.664  1.00 18.93 ? 201 ASP A CB  1 
ATOM   1462 C CG  . ASP A 1 201 ? -7.120  12.507  13.931  1.00 22.49 ? 201 ASP A CG  1 
ATOM   1463 O OD1 . ASP A 1 201 ? -7.947  12.515  12.995  1.00 22.90 ? 201 ASP A OD1 1 
ATOM   1464 O OD2 . ASP A 1 201 ? -7.483  12.711  15.136  1.00 26.02 ? 201 ASP A OD2 1 
ATOM   1465 N N   . THR A 1 202 ? -2.780  12.291  12.321  1.00 12.73 ? 202 THR A N   1 
ATOM   1466 C CA  . THR A 1 202 ? -1.440  12.842  12.210  1.00 11.96 ? 202 THR A CA  1 
ATOM   1467 C C   . THR A 1 202 ? -1.085  13.163  10.752  1.00 11.81 ? 202 THR A C   1 
ATOM   1468 O O   . THR A 1 202 ? -0.639  14.304  10.433  1.00 13.28 ? 202 THR A O   1 
ATOM   1469 C CB  . THR A 1 202 ? -0.431  11.890  12.763  1.00 11.78 ? 202 THR A CB  1 
ATOM   1470 O OG1 . THR A 1 202 ? -0.763  11.537  14.138  1.00 14.45 ? 202 THR A OG1 1 
ATOM   1471 C CG2 . THR A 1 202 ? 0.951   12.444  12.795  1.00 13.33 ? 202 THR A CG2 1 
ATOM   1472 N N   . LEU A 1 203 ? -1.287  12.199  9.873   1.00 11.73 ? 203 LEU A N   1 
ATOM   1473 C CA  . LEU A 1 203 ? -1.008  12.403  8.445   1.00 11.66 ? 203 LEU A CA  1 
ATOM   1474 C C   . LEU A 1 203 ? -1.876  13.486  7.871   1.00 12.65 ? 203 LEU A C   1 
ATOM   1475 O O   . LEU A 1 203 ? -1.384  14.330  7.105   1.00 12.95 ? 203 LEU A O   1 
ATOM   1476 C CB  . LEU A 1 203 ? -1.115  11.093  7.697   1.00 12.03 ? 203 LEU A CB  1 
ATOM   1477 C CG  . LEU A 1 203 ? -0.145  10.006  8.113   1.00 12.51 ? 203 LEU A CG  1 
ATOM   1478 C CD1 . LEU A 1 203 ? -0.441  8.700   7.414   1.00 13.72 ? 203 LEU A CD1 1 
ATOM   1479 C CD2 . LEU A 1 203 ? 1.328   10.430  7.939   1.00 13.81 ? 203 LEU A CD2 1 
ATOM   1480 N N   . VAL A 1 204 ? -3.160  13.481  8.150   1.00 12.28 ? 204 VAL A N   1 
ATOM   1481 C CA  . VAL A 1 204 ? -4.048  14.461  7.543   1.00 12.86 ? 204 VAL A CA  1 
ATOM   1482 C C   . VAL A 1 204 ? -3.603  15.867  7.919   1.00 13.51 ? 204 VAL A C   1 
ATOM   1483 O O   . VAL A 1 204 ? -3.548  16.777  7.085   1.00 14.17 ? 204 VAL A O   1 
ATOM   1484 C CB  . VAL A 1 204 ? -5.515  14.228  7.929   1.00 14.15 ? 204 VAL A CB  1 
ATOM   1485 C CG1 . VAL A 1 204 ? -6.411  15.408  7.540   1.00 16.21 ? 204 VAL A CG1 1 
ATOM   1486 C CG2 . VAL A 1 204 ? -6.059  12.969  7.270   1.00 16.79 ? 204 VAL A CG2 1 
ATOM   1487 N N   . HIS A 1 205 ? -3.250  16.113  9.174   1.00 12.89 ? 205 HIS A N   1 
ATOM   1488 C CA  . HIS A 1 205 ? -2.750  17.400  9.615   1.00 12.78 ? 205 HIS A CA  1 
ATOM   1489 C C   . HIS A 1 205 ? -1.573  17.862  8.750   1.00 13.47 ? 205 HIS A C   1 
ATOM   1490 O O   . HIS A 1 205 ? -1.494  19.018  8.344   1.00 13.31 ? 205 HIS A O   1 
ATOM   1491 C CB  . HIS A 1 205 ? -2.317  17.354  11.078  1.00 13.14 ? 205 HIS A CB  1 
ATOM   1492 C CG  . HIS A 1 205 ? -1.585  18.580  11.532  1.00 13.93 ? 205 HIS A CG  1 
ATOM   1493 N ND1 . HIS A 1 205 ? -2.221  19.717  11.975  1.00 16.53 ? 205 HIS A ND1 1 
ATOM   1494 C CD2 . HIS A 1 205 ? -0.275  18.874  11.515  1.00 15.07 ? 205 HIS A CD2 1 
ATOM   1495 C CE1 . HIS A 1 205 ? -1.334  20.633  12.289  1.00 16.34 ? 205 HIS A CE1 1 
ATOM   1496 N NE2 . HIS A 1 205 ? -0.133  20.154  12.015  1.00 14.61 ? 205 HIS A NE2 1 
ATOM   1497 N N   . ILE A 1 206 ? -0.574  16.979  8.615   1.00 11.91 ? 206 ILE A N   1 
ATOM   1498 C CA  . ILE A 1 206 ? 0.621   17.332  7.841   1.00 12.30 ? 206 ILE A CA  1 
ATOM   1499 C C   . ILE A 1 206 ? 0.294   17.584  6.402   1.00 12.52 ? 206 ILE A C   1 
ATOM   1500 O O   . ILE A 1 206 ? 0.858   18.510  5.780   1.00 12.98 ? 206 ILE A O   1 
ATOM   1501 C CB  . ILE A 1 206 ? 1.715   16.285  8.047   1.00 11.79 ? 206 ILE A CB  1 
ATOM   1502 C CG1 . ILE A 1 206 ? 2.133   16.177  9.517   1.00 12.91 ? 206 ILE A CG1 1 
ATOM   1503 C CG2 . ILE A 1 206 ? 2.952   16.587  7.187   1.00 12.78 ? 206 ILE A CG2 1 
ATOM   1504 C CD1 . ILE A 1 206 ? 2.876   14.946  9.870   1.00 13.08 ? 206 ILE A CD1 1 
ATOM   1505 N N   . TRP A 1 207 ? -0.561  16.785  5.772   1.00 11.80 ? 207 TRP A N   1 
ATOM   1506 C CA  . TRP A 1 207 ? -0.999  17.053  4.393   1.00 11.92 ? 207 TRP A CA  1 
ATOM   1507 C C   . TRP A 1 207 ? -1.677  18.373  4.286   1.00 13.72 ? 207 TRP A C   1 
ATOM   1508 O O   . TRP A 1 207 ? -1.352  19.183  3.369   1.00 13.67 ? 207 TRP A O   1 
ATOM   1509 C CB  . TRP A 1 207 ? -1.890  15.906  3.879   1.00 11.34 ? 207 TRP A CB  1 
ATOM   1510 C CG  . TRP A 1 207 ? -1.175  14.693  3.481   1.00 12.39 ? 207 TRP A CG  1 
ATOM   1511 C CD1 . TRP A 1 207 ? -0.332  13.874  4.244   1.00 13.77 ? 207 TRP A CD1 1 
ATOM   1512 C CD2 . TRP A 1 207 ? -1.219  14.058  2.196   1.00 11.92 ? 207 TRP A CD2 1 
ATOM   1513 N NE1 . TRP A 1 207 ? 0.124   12.820  3.499   1.00 12.69 ? 207 TRP A NE1 1 
ATOM   1514 C CE2 . TRP A 1 207 ? -0.393  12.929  2.229   1.00 13.01 ? 207 TRP A CE2 1 
ATOM   1515 C CE3 . TRP A 1 207 ? -1.858  14.363  0.976   1.00 12.65 ? 207 TRP A CE3 1 
ATOM   1516 C CZ2 . TRP A 1 207 ? -0.151  12.156  1.115   1.00 13.03 ? 207 TRP A CZ2 1 
ATOM   1517 C CZ3 . TRP A 1 207 ? -1.609  13.582  -0.108  1.00 13.91 ? 207 TRP A CZ3 1 
ATOM   1518 C CH2 . TRP A 1 207 ? -0.813  12.470  -0.040  1.00 14.98 ? 207 TRP A CH2 1 
ATOM   1519 N N   . VAL A 1 208 ? -2.652  18.657  5.124   1.00 12.93 ? 208 VAL A N   1 
ATOM   1520 C CA  A VAL A 1 208 ? -3.454  19.880  4.966   0.50 13.46 ? 208 VAL A CA  1 
ATOM   1521 C CA  B VAL A 1 208 ? -3.428  19.863  4.885   0.50 14.65 ? 208 VAL A CA  1 
ATOM   1522 C C   . VAL A 1 208 ? -2.603  21.111  5.208   1.00 13.37 ? 208 VAL A C   1 
ATOM   1523 O O   . VAL A 1 208 ? -2.679  22.089  4.440   1.00 14.63 ? 208 VAL A O   1 
ATOM   1524 C CB  A VAL A 1 208 ? -4.628  19.881  5.944   0.50 13.30 ? 208 VAL A CB  1 
ATOM   1525 C CB  B VAL A 1 208 ? -4.810  19.826  5.559   0.50 17.07 ? 208 VAL A CB  1 
ATOM   1526 C CG1 A VAL A 1 208 ? -5.319  21.243  5.951   0.50 12.55 ? 208 VAL A CG1 1 
ATOM   1527 C CG1 B VAL A 1 208 ? -5.618  18.626  5.071   0.50 18.17 ? 208 VAL A CG1 1 
ATOM   1528 C CG2 A VAL A 1 208 ? -5.643  18.842  5.520   0.50 16.66 ? 208 VAL A CG2 1 
ATOM   1529 C CG2 B VAL A 1 208 ? -4.729  19.932  7.067   0.50 16.89 ? 208 VAL A CG2 1 
ATOM   1530 N N   . THR A 1 209 ? -1.758  21.109  6.264   1.00 13.43 ? 209 THR A N   1 
ATOM   1531 C CA  . THR A 1 209 ? -0.986  22.274  6.548   1.00 13.93 ? 209 THR A CA  1 
ATOM   1532 C C   . THR A 1 209 ? 0.022   22.475  5.416   1.00 14.51 ? 209 THR A C   1 
ATOM   1533 O O   . THR A 1 209 ? 0.303   23.632  5.040   1.00 16.12 ? 209 THR A O   1 
ATOM   1534 C CB  . THR A 1 209 ? -0.268  22.209  7.895   1.00 15.79 ? 209 THR A CB  1 
ATOM   1535 O OG1 . THR A 1 209 ? 0.460   20.993  8.040   1.00 15.02 ? 209 THR A OG1 1 
ATOM   1536 C CG2 . THR A 1 209 ? -1.252  22.378  9.089   1.00 16.97 ? 209 THR A CG2 1 
ATOM   1537 N N   . SER A 1 210 ? 0.659   21.427  4.900   1.00 12.91 ? 210 SER A N   1 
ATOM   1538 C CA  . SER A 1 210 ? 1.692   21.669  3.892   1.00 13.23 ? 210 SER A CA  1 
ATOM   1539 C C   . SER A 1 210 ? 1.116   22.024  2.541   1.00 14.95 ? 210 SER A C   1 
ATOM   1540 O O   . SER A 1 210 ? 1.813   22.659  1.723   1.00 14.43 ? 210 SER A O   1 
ATOM   1541 C CB  . SER A 1 210 ? 2.627   20.474  3.811   1.00 15.01 ? 210 SER A CB  1 
ATOM   1542 O OG  . SER A 1 210 ? 2.048   19.311  3.298   1.00 15.44 ? 210 SER A OG  1 
ATOM   1543 N N   . ILE A 1 211 ? -0.091  21.540  2.207   1.00 13.13 ? 211 ILE A N   1 
ATOM   1544 C CA  . ILE A 1 211 ? -0.703  21.815  0.904   1.00 13.73 ? 211 ILE A CA  1 
ATOM   1545 C C   . ILE A 1 211 ? -1.309  23.222  0.939   1.00 15.34 ? 211 ILE A C   1 
ATOM   1546 O O   . ILE A 1 211 ? -1.232  23.948  -0.084  1.00 16.44 ? 211 ILE A O   1 
ATOM   1547 C CB  . ILE A 1 211 ? -1.697  20.725  0.521   1.00 13.11 ? 211 ILE A CB  1 
ATOM   1548 C CG1 . ILE A 1 211 ? -0.952  19.426  0.245   1.00 14.05 ? 211 ILE A CG1 1 
ATOM   1549 C CG2 . ILE A 1 211 ? -2.549  21.155  -0.685  1.00 15.53 ? 211 ILE A CG2 1 
ATOM   1550 C CD1 . ILE A 1 211 ? -1.796  18.202  0.102   1.00 15.29 ? 211 ILE A CD1 1 
ATOM   1551 N N   . TYR A 1 212 ? -1.969  23.583  2.004   1.00 14.91 ? 212 TYR A N   1 
ATOM   1552 C CA  . TYR A 1 212 ? -2.740  24.866  2.012   1.00 15.52 ? 212 TYR A CA  1 
ATOM   1553 C C   . TYR A 1 212 ? -2.023  25.959  2.733   1.00 17.04 ? 212 TYR A C   1 
ATOM   1554 O O   . TYR A 1 212 ? -2.481  27.116  2.634   1.00 19.72 ? 212 TYR A O   1 
ATOM   1555 C CB  . TYR A 1 212 ? -4.150  24.623  2.617   1.00 15.22 ? 212 TYR A CB  1 
ATOM   1556 C CG  . TYR A 1 212 ? -4.959  23.667  1.845   1.00 16.79 ? 212 TYR A CG  1 
ATOM   1557 C CD1 . TYR A 1 212 ? -5.639  24.050  0.671   1.00 16.11 ? 212 TYR A CD1 1 
ATOM   1558 C CD2 . TYR A 1 212 ? -5.034  22.310  2.186   1.00 17.68 ? 212 TYR A CD2 1 
ATOM   1559 C CE1 . TYR A 1 212 ? -6.309  23.129  -0.118  1.00 17.08 ? 212 TYR A CE1 1 
ATOM   1560 C CE2 . TYR A 1 212 ? -5.703  21.386  1.404   1.00 17.57 ? 212 TYR A CE2 1 
ATOM   1561 C CZ  . TYR A 1 212 ? -6.433  21.774  0.253   1.00 15.47 ? 212 TYR A CZ  1 
ATOM   1562 O OH  . TYR A 1 212 ? -7.014  20.822  -0.498  1.00 19.12 ? 212 TYR A OH  1 
ATOM   1563 N N   . GLY A 1 213 ? -0.921  25.715  3.454   1.00 17.37 ? 213 GLY A N   1 
ATOM   1564 C CA  . GLY A 1 213 ? -0.270  26.746  4.223   1.00 18.72 ? 213 GLY A CA  1 
ATOM   1565 C C   . GLY A 1 213 ? 0.621   27.624  3.352   1.00 24.54 ? 213 GLY A C   1 
ATOM   1566 O O   . GLY A 1 213 ? 1.355   27.144  2.479   1.00 24.29 ? 213 GLY A O   1 
ATOM   1567 N N   . GLU A 1 214 ? 0.657   28.925  3.671   1.00 33.13 ? 214 GLU A N   1 
ATOM   1568 C CA  . GLU A 1 214 ? 1.862   29.703  3.326   1.00 44.96 ? 214 GLU A CA  1 
ATOM   1569 C C   . GLU A 1 214 ? 2.710   30.022  4.554   1.00 39.57 ? 214 GLU A C   1 
ATOM   1570 O O   . GLU A 1 214 ? 3.893   29.671  4.579   1.00 43.53 ? 214 GLU A O   1 
ATOM   1571 C CB  . GLU A 1 214 ? 1.518   30.973  2.580   1.00 50.93 ? 214 GLU A CB  1 
ATOM   1572 C CG  . GLU A 1 214 ? 0.359   31.732  3.180   1.00 50.62 ? 214 GLU A CG  1 
ATOM   1573 C CD  . GLU A 1 214 ? -0.934  31.474  2.441   1.00 56.44 ? 214 GLU A CD  1 
ATOM   1574 O OE1 . GLU A 1 214 ? -1.780  30.722  2.970   1.00 74.87 ? 214 GLU A OE1 1 
ATOM   1575 O OE2 . GLU A 1 214 ? -1.078  31.995  1.315   1.00 60.50 ? 214 GLU A OE2 1 
HETATM 1576 C CAE . 8YH B 2 .   ? -2.186  9.187   -2.187  1.00 19.07 ? 301 8YH A CAE 1 
HETATM 1577 C CAH . 8YH B 2 .   ? -3.241  9.786   -2.946  1.00 23.02 ? 301 8YH A CAH 1 
HETATM 1578 C CAI . 8YH B 2 .   ? -4.101  10.681  -2.290  1.00 22.48 ? 301 8YH A CAI 1 
HETATM 1579 C CAK . 8YH B 2 .   ? -5.111  11.387  -2.984  1.00 28.60 ? 301 8YH A CAK 1 
HETATM 1580 C CAG . 8YH B 2 .   ? -4.416  10.374  -0.951  1.00 22.27 ? 301 8YH A CAG 1 
HETATM 1581 C CAD . 8YH B 2 .   ? -3.376  9.889   -0.157  1.00 23.35 ? 301 8YH A CAD 1 
HETATM 1582 N NAB . 8YH B 2 .   ? -2.450  9.025   -0.755  1.00 19.15 ? 301 8YH A NAB 1 
HETATM 1583 C CAA . 8YH B 2 .   ? -1.594  8.318   0.013   1.00 21.97 ? 301 8YH A CAA 1 
HETATM 1584 O OAC . 8YH B 2 .   ? -1.842  8.090   1.241   1.00 22.69 ? 301 8YH A OAC 1 
HETATM 1585 N NAF . 8YH B 2 .   ? -0.555  7.709   -0.517  1.00 20.39 ? 301 8YH A NAF 1 
HETATM 1586 C CAJ . 8YH B 2 .   ? 0.295   6.796   0.331   1.00 21.12 ? 301 8YH A CAJ 1 
HETATM 1587 C CAL . 8YH B 2 .   ? 0.887   5.763   -0.559  1.00 21.79 ? 301 8YH A CAL 1 
HETATM 1588 C CAM . 8YH B 2 .   ? 1.725   4.698   0.152   1.00 22.60 ? 301 8YH A CAM 1 
HETATM 1589 C CAN . 8YH B 2 .   ? 0.991   3.929   1.172   1.00 24.09 ? 301 8YH A CAN 1 
HETATM 1590 S S   . SO4 C 3 .   ? 11.938  -25.748 0.759   0.50 46.13 ? 302 SO4 A S   1 
HETATM 1591 O O1  . SO4 C 3 .   ? 10.832  -26.725 0.636   0.50 42.92 ? 302 SO4 A O1  1 
HETATM 1592 O O2  . SO4 C 3 .   ? 12.590  -25.991 2.059   0.50 49.38 ? 302 SO4 A O2  1 
HETATM 1593 O O3  . SO4 C 3 .   ? 12.897  -25.917 -0.338  0.50 47.92 ? 302 SO4 A O3  1 
HETATM 1594 O O4  . SO4 C 3 .   ? 11.409  -24.360 0.684   0.50 40.28 ? 302 SO4 A O4  1 
HETATM 1595 O O   . HOH D 4 .   ? 12.360  4.045   11.519  1.00 35.92 ? 401 HOH A O   1 
HETATM 1596 O O   . HOH D 4 .   ? -13.116 11.490  6.005   1.00 25.94 ? 402 HOH A O   1 
HETATM 1597 O O   . HOH D 4 .   ? -0.739  17.768  -12.187 1.00 30.21 ? 403 HOH A O   1 
HETATM 1598 O O   . HOH D 4 .   ? 8.806   2.430   4.061   1.00 28.81 ? 404 HOH A O   1 
HETATM 1599 O O   . HOH D 4 .   ? 7.212   -6.378  -10.898 1.00 42.13 ? 405 HOH A O   1 
HETATM 1600 O O   . HOH D 4 .   ? -1.525  24.471  -10.698 1.00 36.81 ? 406 HOH A O   1 
HETATM 1601 O O   . HOH D 4 .   ? -4.546  28.598  2.067   1.00 41.14 ? 407 HOH A O   1 
HETATM 1602 O O   . HOH D 4 .   ? 5.133   6.702   19.583  1.00 41.11 ? 408 HOH A O   1 
HETATM 1603 O O   . HOH D 4 .   ? -4.553  -20.899 -11.407 1.00 46.95 ? 409 HOH A O   1 
HETATM 1604 O O   . HOH D 4 .   ? 10.259  -11.682 -6.208  1.00 39.00 ? 410 HOH A O   1 
HETATM 1605 O O   . HOH D 4 .   ? -10.176 13.422  -8.650  1.00 39.50 ? 411 HOH A O   1 
HETATM 1606 O O   . HOH D 4 .   ? -10.526 12.746  13.462  1.00 40.20 ? 412 HOH A O   1 
HETATM 1607 O O   . HOH D 4 .   ? 1.786   25.273  0.673   1.00 18.13 ? 413 HOH A O   1 
HETATM 1608 O O   . HOH D 4 .   ? 10.063  21.093  -3.608  1.00 17.13 ? 414 HOH A O   1 
HETATM 1609 O O   . HOH D 4 .   ? -0.100  -4.997  -11.415 1.00 31.96 ? 415 HOH A O   1 
HETATM 1610 O O   . HOH D 4 .   ? 10.975  17.626  -9.706  0.50 28.90 ? 416 HOH A O   1 
HETATM 1611 O O   . HOH D 4 .   ? 1.519   23.795  -9.105  1.00 39.88 ? 417 HOH A O   1 
HETATM 1612 O O   . HOH D 4 .   ? -10.700 3.902   8.816   1.00 19.60 ? 418 HOH A O   1 
HETATM 1613 O O   . HOH D 4 .   ? -9.288  23.350  -10.373 1.00 37.20 ? 419 HOH A O   1 
HETATM 1614 O O   . HOH D 4 .   ? -8.301  -8.391  6.689   1.00 47.12 ? 420 HOH A O   1 
HETATM 1615 O O   . HOH D 4 .   ? 2.444   18.922  -11.218 1.00 24.31 ? 421 HOH A O   1 
HETATM 1616 O O   . HOH D 4 .   ? -9.592  -2.031  0.447   1.00 40.95 ? 422 HOH A O   1 
HETATM 1617 O O   . HOH D 4 .   ? 0.087   24.142  -2.454  1.00 17.85 ? 423 HOH A O   1 
HETATM 1618 O O   . HOH D 4 .   ? 0.185   14.857  -11.988 1.00 22.89 ? 424 HOH A O   1 
HETATM 1619 O O   . HOH D 4 .   ? -6.013  15.732  11.550  1.00 23.12 ? 425 HOH A O   1 
HETATM 1620 O O   . HOH D 4 .   ? 9.067   -4.788  6.236   1.00 35.93 ? 426 HOH A O   1 
HETATM 1621 O O   . HOH D 4 .   ? -3.649  29.431  -6.005  1.00 33.32 ? 427 HOH A O   1 
HETATM 1622 O O   . HOH D 4 .   ? -1.055  -32.314 -5.712  1.00 24.39 ? 428 HOH A O   1 
HETATM 1623 O O   . HOH D 4 .   ? 8.558   11.288  -7.555  1.00 28.97 ? 429 HOH A O   1 
HETATM 1624 O O   . HOH D 4 .   ? 3.208   4.218   -12.928 1.00 26.28 ? 430 HOH A O   1 
HETATM 1625 O O   . HOH D 4 .   ? 10.440  3.180   13.090  1.00 28.76 ? 431 HOH A O   1 
HETATM 1626 O O   . HOH D 4 .   ? 1.247   -25.543 6.319   1.00 40.21 ? 432 HOH A O   1 
HETATM 1627 O O   . HOH D 4 .   ? -5.727  6.487   12.725  1.00 15.72 ? 433 HOH A O   1 
HETATM 1628 O O   . HOH D 4 .   ? -1.559  -9.832  5.120   1.00 24.05 ? 434 HOH A O   1 
HETATM 1629 O O   . HOH D 4 .   ? 2.584   -17.935 -10.931 1.00 45.37 ? 435 HOH A O   1 
HETATM 1630 O O   . HOH D 4 .   ? -6.637  -6.930  -6.416  1.00 33.78 ? 436 HOH A O   1 
HETATM 1631 O O   . HOH D 4 .   ? 10.839  -21.186 -3.385  1.00 43.83 ? 437 HOH A O   1 
HETATM 1632 O O   . HOH D 4 .   ? 13.533  -11.830 -2.898  1.00 39.74 ? 438 HOH A O   1 
HETATM 1633 O O   . HOH D 4 .   ? 9.767   -10.794 2.572   1.00 34.38 ? 439 HOH A O   1 
HETATM 1634 O O   . HOH D 4 .   ? 15.830  -9.459  -7.907  1.00 44.88 ? 440 HOH A O   1 
HETATM 1635 O O   . HOH D 4 .   ? -2.115  8.668   -11.585 1.00 28.57 ? 441 HOH A O   1 
HETATM 1636 O O   . HOH D 4 .   ? -5.033  18.845  -12.169 1.00 30.61 ? 442 HOH A O   1 
HETATM 1637 O O   . HOH D 4 .   ? 2.591   0.944   16.115  1.00 45.65 ? 443 HOH A O   1 
HETATM 1638 O O   . HOH D 4 .   ? -4.257  5.776   -9.088  1.00 33.28 ? 444 HOH A O   1 
HETATM 1639 O O   . HOH D 4 .   ? -1.955  -10.881 -7.994  1.00 39.57 ? 445 HOH A O   1 
HETATM 1640 O O   . HOH D 4 .   ? -8.709  6.647   15.189  1.00 29.80 ? 446 HOH A O   1 
HETATM 1641 O O   . HOH D 4 .   ? -10.573 -2.246  -4.227  1.00 30.55 ? 447 HOH A O   1 
HETATM 1642 O O   . HOH D 4 .   ? 3.805   -30.535 -11.472 1.00 21.68 ? 448 HOH A O   1 
HETATM 1643 O O   . HOH D 4 .   ? -5.497  -1.233  -10.542 1.00 37.61 ? 449 HOH A O   1 
HETATM 1644 O O   . HOH D 4 .   ? -3.591  -31.600 -6.340  1.00 38.76 ? 450 HOH A O   1 
HETATM 1645 O O   . HOH D 4 .   ? 6.144   -22.422 -12.135 1.00 37.32 ? 451 HOH A O   1 
HETATM 1646 O O   . HOH D 4 .   ? -0.029  31.464  -4.645  1.00 29.70 ? 452 HOH A O   1 
HETATM 1647 O O   . HOH D 4 .   ? 4.331   5.477   12.476  1.00 19.34 ? 453 HOH A O   1 
HETATM 1648 O O   . HOH D 4 .   ? -1.892  -31.383 3.410   1.00 43.18 ? 454 HOH A O   1 
HETATM 1649 O O   . HOH D 4 .   ? 10.579  0.319   -5.016  1.00 37.29 ? 455 HOH A O   1 
HETATM 1650 O O   . HOH D 4 .   ? 4.496   -2.841  8.071   1.00 24.86 ? 456 HOH A O   1 
HETATM 1651 O O   . HOH D 4 .   ? 4.758   10.338  -10.484 1.00 20.02 ? 457 HOH A O   1 
HETATM 1652 O O   . HOH D 4 .   ? 13.378  -19.804 -2.911  1.00 49.83 ? 458 HOH A O   1 
HETATM 1653 O O   . HOH D 4 .   ? -10.910 7.400   -11.372 1.00 51.44 ? 459 HOH A O   1 
HETATM 1654 O O   . HOH D 4 .   ? 8.970   -11.701 -3.614  1.00 31.08 ? 460 HOH A O   1 
HETATM 1655 O O   . HOH D 4 .   ? 12.227  22.053  -8.968  1.00 23.32 ? 461 HOH A O   1 
HETATM 1656 O O   . HOH D 4 .   ? 2.558   -4.589  8.694   1.00 27.48 ? 462 HOH A O   1 
HETATM 1657 O O   . HOH D 4 .   ? -1.072  29.823  5.806   1.00 33.56 ? 463 HOH A O   1 
HETATM 1658 O O   . HOH D 4 .   ? -12.299 1.260   -9.487  1.00 43.31 ? 464 HOH A O   1 
HETATM 1659 O O   . HOH D 4 .   ? -13.408 12.234  -1.281  1.00 40.01 ? 465 HOH A O   1 
HETATM 1660 O O   . HOH D 4 .   ? -6.264  9.111   13.687  1.00 16.90 ? 466 HOH A O   1 
HETATM 1661 O O   . HOH D 4 .   ? 12.093  -13.475 4.780   1.00 44.65 ? 467 HOH A O   1 
HETATM 1662 O O   . HOH D 4 .   ? 9.793   14.344  -6.497  1.00 33.28 ? 468 HOH A O   1 
HETATM 1663 O O   . HOH D 4 .   ? -6.157  21.408  -12.591 1.00 43.51 ? 469 HOH A O   1 
HETATM 1664 O O   . HOH D 4 .   ? 14.583  -1.469  -3.453  1.00 43.82 ? 470 HOH A O   1 
HETATM 1665 O O   . HOH D 4 .   ? -3.874  -7.548  8.634   1.00 28.86 ? 471 HOH A O   1 
HETATM 1666 O O   . HOH D 4 .   ? 1.952   26.230  -8.766  1.00 31.10 ? 472 HOH A O   1 
HETATM 1667 O O   . HOH D 4 .   ? 15.518  -4.761  -5.757  1.00 41.34 ? 473 HOH A O   1 
HETATM 1668 O O   . HOH D 4 .   ? -14.246 11.510  8.042   1.00 49.46 ? 474 HOH A O   1 
HETATM 1669 O O   . HOH D 4 .   ? -6.207  -16.383 -2.203  1.00 45.28 ? 475 HOH A O   1 
HETATM 1670 O O   . HOH D 4 .   ? -9.370  -6.806  2.126   1.00 50.45 ? 476 HOH A O   1 
HETATM 1671 O O   . HOH D 4 .   ? 12.999  2.227   14.266  1.00 37.04 ? 477 HOH A O   1 
HETATM 1672 O O   . HOH D 4 .   ? 4.659   26.852  -7.201  1.00 30.70 ? 478 HOH A O   1 
HETATM 1673 O O   . HOH D 4 .   ? 5.103   32.326  4.165   1.00 58.56 ? 479 HOH A O   1 
HETATM 1674 O O   . HOH D 4 .   ? 0.241   1.067   16.550  1.00 35.27 ? 480 HOH A O   1 
HETATM 1675 O O   . HOH D 4 .   ? -4.845  20.360  10.781  1.00 40.76 ? 481 HOH A O   1 
HETATM 1676 O O   . HOH D 4 .   ? 3.102   3.450   18.662  1.00 36.48 ? 482 HOH A O   1 
HETATM 1677 O O   . HOH D 4 .   ? 9.579   15.398  -8.433  1.00 30.76 ? 483 HOH A O   1 
HETATM 1678 O O   . HOH D 4 .   ? -5.887  15.383  16.417  1.00 28.54 ? 484 HOH A O   1 
HETATM 1679 O O   . HOH D 4 .   ? 9.339   -11.895 5.012   1.00 35.41 ? 485 HOH A O   1 
HETATM 1680 O O   . HOH D 4 .   ? -5.785  -13.977 -3.474  1.00 53.32 ? 486 HOH A O   1 
HETATM 1681 O O   . HOH D 4 .   ? 4.844   20.106  -9.962  1.00 28.57 ? 487 HOH A O   1 
HETATM 1682 O O   . HOH D 4 .   ? -14.426 12.532  0.945   1.00 36.48 ? 488 HOH A O   1 
HETATM 1683 O O   . HOH D 4 .   ? 4.183   22.995  -9.339  1.00 22.99 ? 489 HOH A O   1 
HETATM 1684 O O   . HOH D 4 .   ? -3.559  2.096   18.194  1.00 21.39 ? 490 HOH A O   1 
HETATM 1685 O O   . HOH D 4 .   ? -10.599 9.733   11.010  1.00 37.78 ? 491 HOH A O   1 
HETATM 1686 O O   . HOH D 4 .   ? 8.664   0.448   -12.139 1.00 45.77 ? 492 HOH A O   1 
HETATM 1687 O O   . HOH D 4 .   ? -4.658  19.196  13.735  1.00 35.64 ? 493 HOH A O   1 
HETATM 1688 O O   . HOH D 4 .   ? 4.845   -33.594 -1.891  1.00 33.55 ? 494 HOH A O   1 
HETATM 1689 O O   . HOH D 4 .   ? 11.283  -1.493  15.853  1.00 37.98 ? 495 HOH A O   1 
HETATM 1690 O O   . HOH D 4 .   ? -11.347 21.482  5.702   1.00 37.34 ? 496 HOH A O   1 
HETATM 1691 O O   . HOH D 4 .   ? 8.406   -10.297 6.746   1.00 40.42 ? 497 HOH A O   1 
HETATM 1692 O O   . HOH D 4 .   ? 6.842   4.258   19.444  1.00 44.14 ? 498 HOH A O   1 
HETATM 1693 O O   . HOH D 4 .   ? -8.064  9.640   15.911  1.00 44.65 ? 499 HOH A O   1 
HETATM 1694 O O   . HOH D 4 .   ? -2.270  -9.920  7.856   1.00 32.37 ? 500 HOH A O   1 
HETATM 1695 O O   . HOH D 4 .   ? -12.685 23.372  2.135   1.00 41.35 ? 501 HOH A O   1 
HETATM 1696 O O   . HOH D 4 .   ? 5.012   -3.225  -12.055 1.00 42.55 ? 502 HOH A O   1 
HETATM 1697 O O   . HOH D 4 .   ? -6.727  7.798   19.401  1.00 25.56 ? 503 HOH A O   1 
HETATM 1698 O O   . HOH D 4 .   ? -6.095  18.147  10.054  1.00 28.87 ? 504 HOH A O   1 
HETATM 1699 O O   . HOH D 4 .   ? 2.131   28.211  7.040   1.00 45.74 ? 505 HOH A O   1 
HETATM 1700 O O   . HOH D 4 .   ? 8.700   9.634   -11.490 1.00 36.24 ? 506 HOH A O   1 
HETATM 1701 O O   . HOH D 4 .   ? -11.406 -2.618  -1.529  1.00 36.82 ? 507 HOH A O   1 
HETATM 1702 O O   . HOH D 4 .   ? -2.948  11.372  -12.278 1.00 37.09 ? 508 HOH A O   1 
HETATM 1703 O O   . HOH D 4 .   ? -12.401 25.563  0.075   1.00 49.30 ? 509 HOH A O   1 
HETATM 1704 O O   . HOH D 4 .   ? 2.688   -36.427 -5.006  1.00 24.10 ? 510 HOH A O   1 
HETATM 1705 O O   . HOH D 4 .   ? 12.818  -13.906 2.144   1.00 44.42 ? 511 HOH A O   1 
HETATM 1706 O O   . HOH D 4 .   ? 7.165   9.619   -9.290  1.00 29.51 ? 512 HOH A O   1 
HETATM 1707 O O   . HOH D 4 .   ? -12.121 23.835  4.709   1.00 44.56 ? 513 HOH A O   1 
HETATM 1708 O O   . HOH D 4 .   ? 5.686   25.229  -9.017  1.00 28.75 ? 514 HOH A O   1 
HETATM 1709 O O   . HOH D 4 .   ? 6.938   -2.657  6.558   1.00 46.56 ? 515 HOH A O   1 
HETATM 1710 O O   . HOH D 4 .   ? 11.377  -11.715 0.752   1.00 39.17 ? 516 HOH A O   1 
HETATM 1711 O O   . HOH D 4 .   ? -8.250  5.385   12.809  1.00 24.18 ? 517 HOH A O   1 
HETATM 1712 O O   . HOH D 4 .   ? 10.993  -12.219 -1.733  1.00 33.19 ? 518 HOH A O   1 
HETATM 1713 O O   . HOH D 4 .   ? -1.151  -24.105 7.149   1.00 42.60 ? 519 HOH A O   1 
HETATM 1714 O O   . HOH D 4 .   ? 15.536  -2.731  -7.663  1.00 47.56 ? 520 HOH A O   1 
# 
